data_3B59
#
_entry.id   3B59
#
_cell.length_a   144.997
_cell.length_b   168.348
_cell.length_c   202.790
_cell.angle_alpha   90.00
_cell.angle_beta   90.00
_cell.angle_gamma   90.00
#
_symmetry.space_group_name_H-M   'I 2 2 2'
#
loop_
_entity.id
_entity.type
_entity.pdbx_description
1 polymer 'Glyoxalase/bleomycin resistance protein/dioxygenase'
2 non-polymer 'MANGANESE (II) ION'
3 water water
#
_entity_poly.entity_id   1
_entity_poly.type   'polypeptide(L)'
_entity_poly.pdbx_seq_one_letter_code
;(MSE)SLSRVTEIRYVGYGVKDFDAEKAFYADVWGLEPVGEDANNAWFKAQGADEHHVVQLRRADENRIDVIALAADSRS
DVDALRASVEAAGCKVASEPAVLATPGGGYGFRFFSPDGLLFEVSSDVAKGAKRDLARWEGVPVKISHIVLHSPNHQD
(MSE)VKFFTDVLGFKVSDWLGDF(MSE)CFLRCNSAHHRIAILPGPPCLNHVAYD(MSE)LSVDD(MSE)(MSE)RGAH
RLKVKGIDIGWGPGRHTAGNNTFSYFVTPGGFVTEYTSELEEVDFDTHQYKVHVPAP(MSE)V(MSE)DQWGIGTGGPQT
LPHPHANPGLFQTAEAEGHHHHHH
;
_entity_poly.pdbx_strand_id   A,B,C,D,E,F
#
loop_
_chem_comp.id
_chem_comp.type
_chem_comp.name
_chem_comp.formula
MN non-polymer 'MANGANESE (II) ION' 'Mn 2'
#
# COMPACT_ATOMS: atom_id res chain seq x y z
N LEU A 3 15.02 -29.22 42.69
CA LEU A 3 14.05 -28.36 43.41
C LEU A 3 12.72 -28.34 42.64
N SER A 4 11.80 -27.48 43.10
CA SER A 4 10.51 -27.29 42.46
C SER A 4 10.63 -26.12 41.48
N ARG A 5 9.60 -25.88 40.66
CA ARG A 5 9.69 -24.83 39.64
C ARG A 5 8.37 -24.23 39.15
N VAL A 6 8.48 -23.21 38.29
CA VAL A 6 7.32 -22.58 37.69
C VAL A 6 6.82 -23.58 36.64
N THR A 7 5.50 -23.71 36.52
CA THR A 7 4.94 -24.67 35.58
C THR A 7 4.07 -24.09 34.48
N GLU A 8 3.74 -22.81 34.61
CA GLU A 8 2.90 -22.15 33.63
C GLU A 8 2.76 -20.67 33.91
N ILE A 9 2.13 -19.98 32.97
CA ILE A 9 1.87 -18.57 33.10
C ILE A 9 0.41 -18.41 33.49
N ARG A 10 0.14 -17.57 34.47
CA ARG A 10 -1.24 -17.35 34.88
C ARG A 10 -1.80 -16.17 34.12
N TYR A 11 -1.29 -14.97 34.44
CA TYR A 11 -1.76 -13.76 33.80
C TYR A 11 -0.78 -12.60 33.87
N VAL A 12 -1.06 -11.57 33.08
CA VAL A 12 -0.24 -10.37 33.07
C VAL A 12 -1.15 -9.24 33.52
N GLY A 13 -0.67 -8.43 34.44
CA GLY A 13 -1.46 -7.32 34.92
C GLY A 13 -1.00 -6.03 34.28
N TYR A 14 -1.92 -5.32 33.65
CA TYR A 14 -1.58 -4.06 33.00
C TYR A 14 -2.16 -2.85 33.69
N GLY A 15 -1.36 -1.79 33.71
CA GLY A 15 -1.80 -0.52 34.24
C GLY A 15 -2.05 0.24 32.95
N VAL A 16 -3.26 0.73 32.75
CA VAL A 16 -3.58 1.44 31.51
C VAL A 16 -4.15 2.82 31.73
N LYS A 17 -3.77 3.74 30.84
CA LYS A 17 -4.23 5.12 30.87
C LYS A 17 -5.68 5.19 30.33
N ASP A 18 -5.92 4.64 29.12
CA ASP A 18 -7.30 4.65 28.59
C ASP A 18 -7.92 3.31 28.91
N PHE A 19 -8.22 3.16 30.19
CA PHE A 19 -8.82 1.95 30.74
C PHE A 19 -10.05 1.51 29.98
N ASP A 20 -10.98 2.43 29.75
CA ASP A 20 -12.22 2.08 29.08
C ASP A 20 -12.05 1.52 27.68
N ALA A 21 -11.10 2.08 26.92
CA ALA A 21 -10.87 1.60 25.56
C ALA A 21 -10.16 0.25 25.56
N GLU A 22 -9.23 0.08 26.49
CA GLU A 22 -8.47 -1.16 26.59
C GLU A 22 -9.40 -2.29 26.98
N LYS A 23 -10.29 -1.98 27.90
CA LYS A 23 -11.26 -2.91 28.42
C LYS A 23 -12.14 -3.47 27.30
N ALA A 24 -12.64 -2.58 26.45
CA ALA A 24 -13.51 -2.96 25.35
C ALA A 24 -12.77 -3.72 24.26
N PHE A 25 -11.46 -3.55 24.21
CA PHE A 25 -10.65 -4.21 23.20
C PHE A 25 -10.59 -5.71 23.47
N TYR A 26 -10.25 -6.10 24.70
CA TYR A 26 -10.14 -7.50 25.07
C TYR A 26 -11.44 -8.30 24.99
N ALA A 27 -12.54 -7.67 25.39
CA ALA A 27 -13.83 -8.34 25.38
C ALA A 27 -14.54 -8.35 24.05
N ASP A 28 -14.43 -7.27 23.29
CA ASP A 28 -15.14 -7.22 22.03
C ASP A 28 -14.34 -7.40 20.74
N VAL A 29 -13.02 -7.29 20.82
CA VAL A 29 -12.19 -7.43 19.61
C VAL A 29 -11.24 -8.62 19.67
N TRP A 30 -10.49 -8.70 20.77
CA TRP A 30 -9.51 -9.75 20.95
C TRP A 30 -10.06 -11.15 21.22
N GLY A 31 -11.26 -11.25 21.78
CA GLY A 31 -11.81 -12.57 22.01
C GLY A 31 -11.77 -13.15 23.41
N LEU A 32 -11.44 -12.32 24.40
CA LEU A 32 -11.38 -12.80 25.77
C LEU A 32 -12.75 -12.65 26.41
N GLU A 33 -13.01 -13.46 27.44
CA GLU A 33 -14.29 -13.42 28.14
C GLU A 33 -14.18 -12.58 29.41
N PRO A 34 -15.10 -11.61 29.59
CA PRO A 34 -15.05 -10.79 30.80
C PRO A 34 -15.24 -11.71 31.99
N VAL A 35 -14.40 -11.53 33.01
CA VAL A 35 -14.45 -12.38 34.18
C VAL A 35 -14.84 -11.64 35.45
N GLY A 36 -14.55 -10.35 35.50
CA GLY A 36 -14.86 -9.58 36.68
C GLY A 36 -14.53 -8.11 36.48
N GLU A 37 -15.17 -7.25 37.27
CA GLU A 37 -14.99 -5.80 37.19
C GLU A 37 -15.21 -5.08 38.52
N ASP A 38 -14.77 -3.84 38.56
CA ASP A 38 -14.96 -2.99 39.73
C ASP A 38 -14.68 -1.55 39.27
N ALA A 39 -14.48 -0.65 40.24
CA ALA A 39 -14.23 0.75 39.92
C ALA A 39 -12.98 0.97 39.07
N ASN A 40 -11.84 0.47 39.54
CA ASN A 40 -10.56 0.65 38.84
C ASN A 40 -9.91 -0.63 38.29
N ASN A 41 -10.65 -1.73 38.20
CA ASN A 41 -10.06 -2.96 37.67
C ASN A 41 -11.03 -3.83 36.86
N ALA A 42 -10.47 -4.64 35.97
CA ALA A 42 -11.26 -5.54 35.12
C ALA A 42 -10.44 -6.78 34.76
N TRP A 43 -11.06 -7.94 34.88
CA TRP A 43 -10.40 -9.21 34.60
C TRP A 43 -10.99 -9.87 33.36
N PHE A 44 -10.14 -10.61 32.65
CA PHE A 44 -10.57 -11.30 31.43
C PHE A 44 -9.91 -12.67 31.35
N LYS A 45 -10.61 -13.65 30.80
CA LYS A 45 -10.05 -14.99 30.67
C LYS A 45 -10.20 -15.52 29.25
N ALA A 46 -9.34 -16.47 28.89
CA ALA A 46 -9.39 -17.08 27.58
C ALA A 46 -10.48 -18.15 27.63
N GLN A 47 -11.28 -18.22 26.58
CA GLN A 47 -12.36 -19.16 26.52
C GLN A 47 -11.91 -20.61 26.46
N GLY A 48 -10.75 -20.86 25.90
CA GLY A 48 -10.28 -22.24 25.79
C GLY A 48 -9.41 -22.78 26.90
N ALA A 49 -9.30 -22.09 28.02
CA ALA A 49 -8.47 -22.57 29.12
C ALA A 49 -9.15 -22.25 30.44
N ASP A 50 -8.88 -23.04 31.47
CA ASP A 50 -9.53 -22.79 32.75
C ASP A 50 -8.78 -21.87 33.72
N GLU A 51 -7.73 -21.20 33.27
CA GLU A 51 -7.01 -20.28 34.14
C GLU A 51 -8.09 -19.26 34.53
N HIS A 52 -8.21 -18.94 35.82
CA HIS A 52 -9.25 -18.02 36.26
C HIS A 52 -9.35 -16.74 35.43
N HIS A 53 -8.20 -16.20 35.05
CA HIS A 53 -8.14 -15.02 34.22
C HIS A 53 -6.71 -14.88 33.72
N VAL A 54 -6.55 -14.38 32.50
CA VAL A 54 -5.23 -14.23 31.88
C VAL A 54 -4.80 -12.78 31.72
N VAL A 55 -5.73 -11.84 31.88
CA VAL A 55 -5.41 -10.43 31.77
C VAL A 55 -6.16 -9.64 32.82
N GLN A 56 -5.47 -8.70 33.44
CA GLN A 56 -6.03 -7.84 34.47
C GLN A 56 -5.61 -6.42 34.15
N LEU A 57 -6.57 -5.51 34.09
CA LEU A 57 -6.29 -4.13 33.78
C LEU A 57 -6.61 -3.25 34.98
N ARG A 58 -5.74 -2.27 35.23
CA ARG A 58 -5.94 -1.33 36.31
C ARG A 58 -5.94 0.06 35.71
N ARG A 59 -7.00 0.85 35.98
CA ARG A 59 -7.04 2.21 35.48
C ARG A 59 -5.86 2.88 36.16
N ALA A 60 -4.97 3.46 35.36
CA ALA A 60 -3.78 4.12 35.88
C ALA A 60 -3.57 5.45 35.18
N ASP A 61 -2.53 6.17 35.59
CA ASP A 61 -2.23 7.46 35.00
C ASP A 61 -1.16 7.26 33.91
N GLU A 62 -0.41 6.17 34.02
CA GLU A 62 0.65 5.87 33.07
C GLU A 62 0.65 4.37 32.72
N ASN A 63 0.79 4.05 31.45
CA ASN A 63 0.80 2.65 31.00
C ASN A 63 2.05 1.94 31.51
N ARG A 64 1.88 0.73 31.99
CA ARG A 64 2.99 -0.06 32.52
C ARG A 64 2.53 -1.49 32.75
N ILE A 65 3.45 -2.33 33.22
CA ILE A 65 3.13 -3.70 33.57
C ILE A 65 3.16 -3.71 35.09
N ASP A 66 2.04 -4.08 35.71
CA ASP A 66 1.96 -4.14 37.16
C ASP A 66 2.49 -5.46 37.67
N VAL A 67 2.21 -6.52 36.94
CA VAL A 67 2.66 -7.82 37.36
C VAL A 67 2.59 -8.91 36.30
N ILE A 68 3.54 -9.83 36.35
CA ILE A 68 3.58 -10.98 35.47
C ILE A 68 3.35 -12.15 36.43
N ALA A 69 2.19 -12.76 36.33
CA ALA A 69 1.84 -13.86 37.24
C ALA A 69 2.17 -15.26 36.72
N LEU A 70 2.98 -15.98 37.49
CA LEU A 70 3.40 -17.33 37.13
C LEU A 70 2.81 -18.41 38.03
N ALA A 71 2.74 -19.64 37.52
CA ALA A 71 2.18 -20.74 38.27
C ALA A 71 3.20 -21.75 38.81
N ALA A 72 2.80 -22.41 39.89
CA ALA A 72 3.57 -23.44 40.57
C ALA A 72 2.59 -24.53 40.98
N ASP A 73 3.03 -25.79 40.99
CA ASP A 73 2.13 -26.89 41.32
C ASP A 73 1.54 -26.91 42.71
N SER A 74 2.37 -26.73 43.73
CA SER A 74 1.90 -26.82 45.10
C SER A 74 2.22 -25.64 45.99
N ARG A 75 1.55 -25.59 47.13
CA ARG A 75 1.78 -24.54 48.10
C ARG A 75 3.21 -24.60 48.68
N SER A 76 3.80 -25.79 48.72
CA SER A 76 5.16 -25.89 49.23
C SER A 76 6.13 -25.59 48.09
N ASP A 77 5.60 -25.58 46.87
CA ASP A 77 6.41 -25.25 45.70
C ASP A 77 6.57 -23.73 45.70
N VAL A 78 5.51 -23.04 46.12
CA VAL A 78 5.50 -21.59 46.19
C VAL A 78 6.54 -21.11 47.21
N ASP A 79 6.66 -21.86 48.31
CA ASP A 79 7.62 -21.52 49.36
C ASP A 79 9.05 -21.81 48.94
N ALA A 80 9.25 -22.90 48.22
CA ALA A 80 10.57 -23.24 47.74
C ALA A 80 11.05 -22.13 46.79
N LEU A 81 10.12 -21.60 45.98
CA LEU A 81 10.45 -20.55 45.04
C LEU A 81 10.71 -19.23 45.77
N ARG A 82 10.05 -19.03 46.91
CA ARG A 82 10.27 -17.83 47.72
C ARG A 82 11.71 -17.92 48.20
N ALA A 83 12.13 -19.14 48.55
CA ALA A 83 13.47 -19.39 49.04
C ALA A 83 14.52 -19.13 47.95
N SER A 84 14.28 -19.63 46.74
CA SER A 84 15.18 -19.47 45.59
C SER A 84 15.44 -18.00 45.31
N VAL A 85 14.35 -17.28 45.13
CA VAL A 85 14.36 -15.85 44.87
C VAL A 85 15.23 -15.16 45.92
N GLU A 86 15.05 -15.54 47.19
CA GLU A 86 15.83 -14.93 48.26
C GLU A 86 17.33 -15.13 48.03
N ALA A 87 17.71 -16.33 47.63
CA ALA A 87 19.12 -16.62 47.39
C ALA A 87 19.62 -15.89 46.15
N ALA A 88 18.74 -15.60 45.22
CA ALA A 88 19.12 -14.89 44.00
C ALA A 88 19.35 -13.42 44.37
N GLY A 89 18.77 -13.00 45.50
CA GLY A 89 18.92 -11.64 45.97
C GLY A 89 17.87 -10.67 45.47
N CYS A 90 16.70 -11.19 45.11
CA CYS A 90 15.64 -10.35 44.61
C CYS A 90 14.87 -9.67 45.71
N LYS A 91 14.27 -8.53 45.39
CA LYS A 91 13.50 -7.82 46.38
C LYS A 91 12.14 -8.48 46.44
N VAL A 92 11.81 -9.02 47.61
CA VAL A 92 10.51 -9.67 47.82
C VAL A 92 9.50 -8.60 48.23
N ALA A 93 8.35 -8.58 47.57
CA ALA A 93 7.32 -7.60 47.87
C ALA A 93 6.21 -8.18 48.72
N SER A 94 6.13 -9.51 48.75
CA SER A 94 5.11 -10.21 49.53
C SER A 94 5.58 -11.56 50.04
N GLU A 95 5.17 -11.92 51.25
CA GLU A 95 5.52 -13.24 51.78
C GLU A 95 4.45 -14.19 51.27
N PRO A 96 4.77 -15.48 51.14
CA PRO A 96 3.74 -16.40 50.64
C PRO A 96 2.52 -16.38 51.57
N ALA A 97 1.37 -16.04 51.01
CA ALA A 97 0.13 -15.97 51.77
C ALA A 97 -1.09 -16.17 50.87
N VAL A 98 -2.25 -16.36 51.50
CA VAL A 98 -3.49 -16.55 50.75
C VAL A 98 -3.69 -15.26 49.96
N LEU A 99 -4.10 -15.41 48.70
CA LEU A 99 -4.30 -14.26 47.84
C LEU A 99 -5.68 -13.65 47.96
N ALA A 100 -5.73 -12.33 47.92
CA ALA A 100 -7.00 -11.61 48.01
C ALA A 100 -7.49 -11.28 46.61
N THR A 101 -6.66 -11.60 45.62
CA THR A 101 -7.02 -11.36 44.23
C THR A 101 -8.03 -12.41 43.76
N PRO A 102 -8.84 -12.06 42.74
CA PRO A 102 -9.84 -12.99 42.21
C PRO A 102 -9.26 -14.37 41.93
N GLY A 103 -10.05 -15.41 42.22
CA GLY A 103 -9.60 -16.77 42.02
C GLY A 103 -8.78 -17.24 43.21
N GLY A 104 -8.49 -16.31 44.12
CA GLY A 104 -7.70 -16.66 45.29
C GLY A 104 -6.41 -17.40 45.00
N GLY A 105 -6.01 -18.22 45.97
CA GLY A 105 -4.79 -18.99 45.85
C GLY A 105 -3.74 -18.60 46.88
N TYR A 106 -2.59 -19.24 46.79
CA TYR A 106 -1.47 -19.00 47.68
C TYR A 106 -0.30 -18.48 46.83
N GLY A 107 0.20 -17.29 47.13
CA GLY A 107 1.31 -16.76 46.35
C GLY A 107 2.08 -15.61 46.99
N PHE A 108 3.17 -15.22 46.34
CA PHE A 108 3.99 -14.12 46.83
C PHE A 108 4.45 -13.32 45.62
N ARG A 109 5.00 -12.15 45.85
CA ARG A 109 5.48 -11.32 44.78
C ARG A 109 6.90 -10.88 45.02
N PHE A 110 7.68 -10.91 43.95
CA PHE A 110 9.08 -10.54 44.02
C PHE A 110 9.44 -9.80 42.73
N PHE A 111 10.49 -9.01 42.79
CA PHE A 111 10.97 -8.25 41.65
C PHE A 111 12.11 -9.00 41.01
N SER A 112 12.10 -9.11 39.69
CA SER A 112 13.18 -9.79 38.98
C SER A 112 14.40 -8.86 39.10
N PRO A 113 15.60 -9.36 38.81
CA PRO A 113 16.77 -8.51 38.92
C PRO A 113 16.67 -7.15 38.22
N ASP A 114 15.86 -7.05 37.16
CA ASP A 114 15.70 -5.79 36.44
C ASP A 114 14.63 -4.86 37.02
N GLY A 115 13.72 -5.37 37.84
CA GLY A 115 12.71 -4.51 38.43
C GLY A 115 11.27 -4.72 37.99
N LEU A 116 11.00 -5.74 37.20
CA LEU A 116 9.63 -6.00 36.79
C LEU A 116 9.03 -6.83 37.91
N LEU A 117 7.75 -6.65 38.20
CA LEU A 117 7.10 -7.39 39.26
C LEU A 117 6.45 -8.70 38.80
N PHE A 118 6.81 -9.77 39.48
CA PHE A 118 6.31 -11.12 39.22
C PHE A 118 5.51 -11.65 40.39
N GLU A 119 4.61 -12.58 40.10
CA GLU A 119 3.83 -13.23 41.15
C GLU A 119 3.89 -14.71 40.87
N VAL A 120 4.22 -15.50 41.89
CA VAL A 120 4.26 -16.93 41.76
C VAL A 120 3.20 -17.43 42.72
N SER A 121 2.27 -18.22 42.21
CA SER A 121 1.19 -18.71 43.04
C SER A 121 0.75 -20.10 42.64
N SER A 122 -0.04 -20.73 43.50
CA SER A 122 -0.55 -22.06 43.25
C SER A 122 -2.00 -22.15 43.74
N ASP A 123 -2.71 -23.18 43.29
CA ASP A 123 -4.09 -23.42 43.69
C ASP A 123 -5.09 -22.29 43.40
N VAL A 124 -4.86 -21.55 42.34
CA VAL A 124 -5.77 -20.48 41.99
C VAL A 124 -7.03 -21.15 41.43
N ALA A 125 -8.20 -20.70 41.89
CA ALA A 125 -9.46 -21.27 41.47
C ALA A 125 -9.57 -21.40 39.96
N LYS A 126 -9.95 -22.60 39.51
CA LYS A 126 -10.11 -22.86 38.09
C LYS A 126 -11.36 -22.17 37.60
N GLY A 127 -11.41 -21.88 36.31
CA GLY A 127 -12.58 -21.23 35.73
C GLY A 127 -13.25 -22.13 34.72
N ALA A 128 -14.17 -21.59 33.93
CA ALA A 128 -14.86 -22.38 32.93
C ALA A 128 -13.98 -22.55 31.69
N LYS A 129 -13.99 -23.74 31.08
CA LYS A 129 -13.22 -23.95 29.85
C LYS A 129 -14.05 -24.78 28.86
N ARG A 130 -13.84 -24.55 27.58
CA ARG A 130 -14.54 -25.30 26.54
C ARG A 130 -13.61 -25.46 25.36
N ASP A 131 -13.89 -26.46 24.53
CA ASP A 131 -13.06 -26.66 23.36
C ASP A 131 -13.58 -25.81 22.23
N LEU A 132 -12.71 -24.95 21.71
CA LEU A 132 -13.06 -24.07 20.62
C LEU A 132 -13.27 -24.84 19.32
N ALA A 133 -14.05 -24.25 18.43
CA ALA A 133 -14.34 -24.85 17.13
C ALA A 133 -13.54 -24.08 16.09
N ARG A 134 -13.07 -24.78 15.06
CA ARG A 134 -12.31 -24.12 14.02
C ARG A 134 -13.17 -22.98 13.49
N TRP A 135 -12.55 -21.82 13.32
CA TRP A 135 -13.17 -20.60 12.80
C TRP A 135 -13.75 -19.60 13.77
N GLU A 136 -13.66 -19.87 15.06
CA GLU A 136 -14.16 -18.92 16.04
C GLU A 136 -13.24 -17.73 16.06
N GLY A 137 -11.97 -17.97 15.80
CA GLY A 137 -11.01 -16.89 15.78
C GLY A 137 -10.75 -16.25 17.12
N VAL A 138 -10.81 -17.03 18.19
CA VAL A 138 -10.54 -16.48 19.51
C VAL A 138 -9.43 -17.27 20.17
N PRO A 139 -8.70 -16.64 21.09
CA PRO A 139 -7.60 -17.30 21.79
C PRO A 139 -8.07 -18.54 22.55
N VAL A 140 -7.14 -19.46 22.72
CA VAL A 140 -7.39 -20.69 23.45
C VAL A 140 -6.82 -20.51 24.87
N LYS A 141 -5.64 -19.92 24.92
CA LYS A 141 -4.92 -19.68 26.17
C LYS A 141 -3.75 -18.78 25.80
N ILE A 142 -2.97 -18.37 26.80
CA ILE A 142 -1.80 -17.54 26.55
C ILE A 142 -0.68 -18.45 26.06
N SER A 143 -0.02 -18.05 24.98
CA SER A 143 1.08 -18.84 24.42
C SER A 143 2.42 -18.55 25.07
N HIS A 144 2.78 -17.28 25.09
CA HIS A 144 4.04 -16.87 25.68
C HIS A 144 4.11 -15.37 25.98
N ILE A 145 5.20 -14.98 26.62
CA ILE A 145 5.46 -13.59 26.96
C ILE A 145 6.94 -13.35 26.72
N VAL A 146 7.23 -12.27 26.00
CA VAL A 146 8.59 -11.90 25.70
C VAL A 146 8.95 -10.64 26.48
N LEU A 147 10.11 -10.67 27.12
CA LEU A 147 10.58 -9.55 27.92
C LEU A 147 11.91 -9.03 27.42
N HIS A 148 12.22 -7.79 27.76
CA HIS A 148 13.49 -7.17 27.38
C HIS A 148 14.28 -6.99 28.67
N SER A 149 15.60 -7.15 28.59
CA SER A 149 16.46 -7.03 29.76
C SER A 149 17.82 -6.44 29.41
N PRO A 150 18.29 -5.48 30.21
CA PRO A 150 19.58 -4.80 30.04
C PRO A 150 20.75 -5.75 30.22
N ASN A 151 20.47 -6.91 30.81
CA ASN A 151 21.47 -7.97 31.02
C ASN A 151 20.75 -9.27 30.72
N HIS A 152 20.35 -9.40 29.47
CA HIS A 152 19.60 -10.56 29.04
C HIS A 152 20.24 -11.93 29.32
N GLN A 153 21.58 -12.02 29.37
CA GLN A 153 22.20 -13.31 29.68
C GLN A 153 21.88 -13.67 31.12
N ASP A 154 21.96 -12.67 32.00
CA ASP A 154 21.67 -12.89 33.40
C ASP A 154 20.19 -13.18 33.63
N MSE A 155 19.32 -12.51 32.89
CA MSE A 155 17.88 -12.71 33.02
C MSE A 155 17.51 -14.15 32.61
O MSE A 155 16.55 -14.72 33.15
CB MSE A 155 17.12 -11.68 32.18
CG MSE A 155 15.60 -11.65 32.40
SE MSE A 155 15.11 -11.61 34.31
CE MSE A 155 15.83 -9.86 34.88
N VAL A 156 18.27 -14.73 31.68
CA VAL A 156 18.01 -16.09 31.22
C VAL A 156 18.41 -17.06 32.32
N LYS A 157 19.59 -16.86 32.89
CA LYS A 157 20.09 -17.71 33.96
C LYS A 157 19.17 -17.61 35.16
N PHE A 158 18.52 -16.47 35.31
CA PHE A 158 17.61 -16.30 36.42
C PHE A 158 16.41 -17.21 36.20
N PHE A 159 15.84 -17.14 35.00
CA PHE A 159 14.68 -17.95 34.66
C PHE A 159 14.94 -19.45 34.73
N THR A 160 16.16 -19.86 34.39
CA THR A 160 16.52 -21.27 34.42
C THR A 160 16.96 -21.77 35.81
N ASP A 161 17.85 -21.02 36.45
CA ASP A 161 18.38 -21.41 37.76
C ASP A 161 17.48 -21.12 38.95
N VAL A 162 16.77 -20.01 38.90
CA VAL A 162 15.89 -19.64 40.01
C VAL A 162 14.47 -20.19 39.85
N LEU A 163 13.85 -19.95 38.70
CA LEU A 163 12.48 -20.39 38.44
C LEU A 163 12.34 -21.74 37.75
N GLY A 164 13.46 -22.41 37.50
CA GLY A 164 13.41 -23.71 36.87
C GLY A 164 13.01 -23.85 35.40
N PHE A 165 13.08 -22.79 34.62
CA PHE A 165 12.74 -22.87 33.20
C PHE A 165 13.91 -23.58 32.49
N LYS A 166 13.72 -23.91 31.22
CA LYS A 166 14.79 -24.57 30.47
C LYS A 166 14.96 -23.94 29.11
N VAL A 167 16.19 -23.87 28.61
CA VAL A 167 16.43 -23.27 27.30
C VAL A 167 16.01 -24.16 26.14
N SER A 168 15.05 -23.70 25.36
CA SER A 168 14.53 -24.45 24.21
C SER A 168 15.18 -24.09 22.87
N ASP A 169 15.65 -22.85 22.76
CA ASP A 169 16.30 -22.35 21.54
C ASP A 169 16.91 -20.98 21.76
N TRP A 170 17.79 -20.60 20.84
CA TRP A 170 18.45 -19.30 20.83
C TRP A 170 18.53 -18.73 19.43
N LEU A 171 18.36 -17.42 19.32
CA LEU A 171 18.52 -16.75 18.03
C LEU A 171 19.80 -16.00 18.30
N GLY A 172 20.92 -16.58 17.87
CA GLY A 172 22.22 -15.97 18.11
C GLY A 172 22.49 -15.98 19.60
N ASP A 173 23.06 -14.90 20.10
CA ASP A 173 23.34 -14.77 21.52
C ASP A 173 22.44 -13.65 22.07
N PHE A 174 21.42 -13.27 21.31
CA PHE A 174 20.56 -12.19 21.76
C PHE A 174 19.07 -12.48 22.10
N MSE A 175 18.53 -13.60 21.64
CA MSE A 175 17.14 -13.95 21.94
C MSE A 175 16.97 -15.41 22.37
O MSE A 175 17.22 -16.33 21.61
CB MSE A 175 16.21 -13.65 20.76
CG MSE A 175 14.78 -14.09 21.06
SE MSE A 175 13.43 -13.41 19.85
CE MSE A 175 11.96 -13.12 21.10
N CYS A 176 16.52 -15.58 23.61
CA CYS A 176 16.35 -16.90 24.19
C CYS A 176 14.90 -17.31 24.45
N PHE A 177 14.60 -18.58 24.15
CA PHE A 177 13.26 -19.14 24.34
C PHE A 177 13.28 -20.11 25.51
N LEU A 178 12.41 -19.89 26.48
CA LEU A 178 12.36 -20.72 27.67
C LEU A 178 11.06 -21.48 27.89
N ARG A 179 11.19 -22.72 28.35
CA ARG A 179 10.04 -23.57 28.60
C ARG A 179 9.91 -23.95 30.06
N CYS A 180 8.66 -24.17 30.46
CA CYS A 180 8.33 -24.57 31.82
C CYS A 180 7.41 -25.79 31.72
N ASN A 181 7.16 -26.23 30.50
CA ASN A 181 6.33 -27.39 30.21
C ASN A 181 6.62 -27.90 28.79
N SER A 182 5.74 -28.72 28.23
CA SER A 182 5.98 -29.28 26.91
C SER A 182 5.99 -28.29 25.76
N ALA A 183 5.46 -27.10 25.99
CA ALA A 183 5.44 -26.09 24.95
C ALA A 183 6.87 -25.58 24.71
N HIS A 184 7.26 -25.43 23.45
CA HIS A 184 8.61 -24.95 23.11
C HIS A 184 9.06 -23.78 24.01
N HIS A 185 8.15 -22.87 24.32
CA HIS A 185 8.47 -21.79 25.22
C HIS A 185 7.25 -21.04 25.73
N ARG A 186 7.41 -20.40 26.88
CA ARG A 186 6.33 -19.62 27.48
C ARG A 186 6.88 -18.25 27.77
N ILE A 187 8.20 -18.18 27.71
CA ILE A 187 8.93 -16.95 27.94
C ILE A 187 10.07 -16.89 26.91
N ALA A 188 10.44 -15.68 26.52
CA ALA A 188 11.54 -15.48 25.60
C ALA A 188 12.19 -14.20 26.09
N ILE A 189 13.50 -14.22 26.27
CA ILE A 189 14.17 -13.02 26.73
C ILE A 189 14.84 -12.37 25.54
N LEU A 190 14.85 -11.04 25.56
CA LEU A 190 15.41 -10.23 24.49
C LEU A 190 16.14 -9.06 25.14
N PRO A 191 17.09 -8.45 24.43
CA PRO A 191 17.83 -7.32 25.01
C PRO A 191 17.04 -6.01 24.89
N GLY A 192 17.37 -5.04 25.76
CA GLY A 192 16.69 -3.76 25.73
C GLY A 192 16.32 -3.33 27.13
N PRO A 193 15.75 -2.13 27.31
CA PRO A 193 15.37 -1.70 28.66
C PRO A 193 14.36 -2.66 29.31
N PRO A 194 14.37 -2.76 30.65
CA PRO A 194 13.45 -3.67 31.36
C PRO A 194 11.96 -3.37 31.11
N CYS A 195 11.34 -4.22 30.30
CA CYS A 195 9.92 -4.05 29.97
C CYS A 195 9.38 -5.30 29.31
N LEU A 196 8.07 -5.32 29.07
CA LEU A 196 7.44 -6.44 28.42
C LEU A 196 7.21 -6.09 26.94
N ASN A 197 7.70 -6.96 26.06
CA ASN A 197 7.55 -6.75 24.62
C ASN A 197 6.13 -7.00 24.17
N HIS A 198 5.66 -8.22 24.34
CA HIS A 198 4.29 -8.57 23.97
C HIS A 198 3.86 -9.86 24.67
N VAL A 199 2.55 -10.13 24.62
CA VAL A 199 1.97 -11.33 25.19
C VAL A 199 1.24 -11.99 24.03
N ALA A 200 1.54 -13.25 23.77
CA ALA A 200 0.90 -13.97 22.68
C ALA A 200 -0.16 -14.95 23.19
N TYR A 201 -1.20 -15.13 22.39
CA TYR A 201 -2.30 -16.02 22.70
C TYR A 201 -2.34 -17.12 21.65
N ASP A 202 -2.42 -18.36 22.10
CA ASP A 202 -2.48 -19.49 21.18
C ASP A 202 -3.84 -19.59 20.51
N MSE A 203 -3.84 -19.86 19.21
CA MSE A 203 -5.08 -20.01 18.48
C MSE A 203 -5.21 -21.49 18.17
O MSE A 203 -4.24 -22.23 18.27
CB MSE A 203 -5.04 -19.18 17.19
CG MSE A 203 -4.84 -17.70 17.42
SE MSE A 203 -6.28 -16.82 18.45
CE MSE A 203 -7.52 -16.56 16.98
N LEU A 204 -6.41 -21.92 17.80
CA LEU A 204 -6.65 -23.31 17.50
C LEU A 204 -5.97 -23.83 16.25
N SER A 205 -5.93 -23.00 15.21
CA SER A 205 -5.33 -23.38 13.96
C SER A 205 -4.90 -22.15 13.21
N VAL A 206 -4.07 -22.33 12.18
CA VAL A 206 -3.62 -21.20 11.39
C VAL A 206 -4.87 -20.48 10.90
N ASP A 207 -5.94 -21.24 10.63
CA ASP A 207 -7.19 -20.66 10.16
C ASP A 207 -7.80 -19.70 11.17
N ASP A 208 -7.69 -20.03 12.45
CA ASP A 208 -8.24 -19.19 13.48
C ASP A 208 -7.47 -17.88 13.65
N MSE A 209 -6.17 -17.91 13.36
CA MSE A 209 -5.35 -16.70 13.48
C MSE A 209 -5.75 -15.72 12.37
O MSE A 209 -5.85 -14.52 12.59
CB MSE A 209 -3.86 -17.07 13.35
CG MSE A 209 -2.88 -15.92 13.58
SE MSE A 209 -1.04 -16.35 13.02
CE MSE A 209 -1.30 -16.38 11.09
N MSE A 210 -6.00 -16.27 11.19
CA MSE A 210 -6.40 -15.49 10.03
C MSE A 210 -7.77 -14.83 10.22
O MSE A 210 -7.94 -13.65 9.92
CB MSE A 210 -6.47 -16.41 8.81
CG MSE A 210 -5.17 -17.10 8.53
SE MSE A 210 -3.79 -15.83 8.02
CE MSE A 210 -2.38 -17.14 7.60
N ARG A 211 -8.73 -15.61 10.71
CA ARG A 211 -10.08 -15.14 10.96
C ARG A 211 -10.04 -14.13 12.08
N GLY A 212 -9.11 -14.35 13.03
CA GLY A 212 -8.94 -13.45 14.15
C GLY A 212 -8.38 -12.14 13.66
N ALA A 213 -7.37 -12.23 12.79
CA ALA A 213 -6.72 -11.05 12.24
C ALA A 213 -7.72 -10.31 11.37
N HIS A 214 -8.59 -11.06 10.70
CA HIS A 214 -9.60 -10.46 9.87
C HIS A 214 -10.55 -9.62 10.73
N ARG A 215 -11.00 -10.22 11.83
CA ARG A 215 -11.91 -9.55 12.73
C ARG A 215 -11.29 -8.25 13.20
N LEU A 216 -10.06 -8.32 13.70
CA LEU A 216 -9.40 -7.12 14.17
C LEU A 216 -9.36 -6.05 13.08
N LYS A 217 -8.99 -6.45 11.88
CA LYS A 217 -8.91 -5.51 10.75
C LYS A 217 -10.23 -4.74 10.58
N VAL A 218 -11.36 -5.44 10.56
CA VAL A 218 -12.64 -4.76 10.41
C VAL A 218 -12.97 -3.93 11.65
N LYS A 219 -12.32 -4.25 12.77
CA LYS A 219 -12.56 -3.49 13.99
C LYS A 219 -11.71 -2.22 13.98
N GLY A 220 -10.91 -2.05 12.93
CA GLY A 220 -10.06 -0.89 12.83
C GLY A 220 -8.62 -1.10 13.26
N ILE A 221 -8.27 -2.30 13.69
CA ILE A 221 -6.89 -2.56 14.10
C ILE A 221 -6.09 -3.32 13.05
N ASP A 222 -5.14 -2.65 12.42
CA ASP A 222 -4.33 -3.26 11.38
C ASP A 222 -3.28 -4.19 11.97
N ILE A 223 -2.83 -5.17 11.20
CA ILE A 223 -1.79 -6.09 11.68
C ILE A 223 -0.48 -5.30 11.73
N GLY A 224 0.22 -5.38 12.86
CA GLY A 224 1.48 -4.67 12.99
C GLY A 224 2.60 -5.40 12.26
N TRP A 225 2.60 -6.72 12.36
CA TRP A 225 3.62 -7.53 11.71
C TRP A 225 2.88 -8.66 11.00
N GLY A 226 2.45 -8.37 9.77
CA GLY A 226 1.71 -9.26 8.87
C GLY A 226 1.74 -10.72 9.24
N PRO A 227 0.77 -11.53 8.80
CA PRO A 227 0.82 -12.95 9.18
C PRO A 227 2.13 -13.57 8.76
N GLY A 228 2.72 -14.36 9.65
CA GLY A 228 3.98 -15.01 9.36
C GLY A 228 4.22 -16.28 10.16
N ARG A 229 5.42 -16.81 10.04
CA ARG A 229 5.82 -18.02 10.74
C ARG A 229 7.28 -17.91 11.17
N HIS A 230 7.52 -18.03 12.48
CA HIS A 230 8.86 -17.95 13.04
C HIS A 230 9.56 -19.30 12.90
N THR A 231 10.87 -19.32 13.10
CA THR A 231 11.63 -20.56 12.99
C THR A 231 11.70 -21.28 14.34
N ALA A 232 12.20 -20.59 15.35
CA ALA A 232 12.33 -21.17 16.68
C ALA A 232 10.95 -21.35 17.29
N GLY A 233 10.45 -22.58 17.27
CA GLY A 233 9.14 -22.85 17.82
C GLY A 233 8.16 -23.09 16.71
N ASN A 234 8.60 -22.77 15.50
CA ASN A 234 7.81 -22.94 14.28
C ASN A 234 6.40 -22.40 14.33
N ASN A 235 6.14 -21.40 15.17
CA ASN A 235 4.80 -20.87 15.28
C ASN A 235 4.46 -19.73 14.33
N THR A 236 3.21 -19.70 13.89
CA THR A 236 2.72 -18.66 13.02
C THR A 236 2.42 -17.47 13.90
N PHE A 237 2.51 -16.27 13.35
CA PHE A 237 2.28 -15.06 14.14
C PHE A 237 1.52 -13.95 13.45
N SER A 238 0.95 -13.08 14.27
CA SER A 238 0.22 -11.88 13.85
C SER A 238 0.25 -10.94 15.04
N TYR A 239 1.08 -9.89 14.95
CA TYR A 239 1.22 -8.93 16.03
C TYR A 239 0.35 -7.70 15.82
N PHE A 240 -0.28 -7.24 16.90
CA PHE A 240 -1.16 -6.07 16.87
C PHE A 240 -0.84 -5.15 18.03
N VAL A 241 -1.22 -3.89 17.90
CA VAL A 241 -1.01 -2.92 18.95
C VAL A 241 -2.39 -2.62 19.51
N THR A 242 -2.52 -2.61 20.83
CA THR A 242 -3.81 -2.32 21.46
C THR A 242 -4.03 -0.81 21.60
N PRO A 243 -5.23 -0.39 22.00
CA PRO A 243 -5.45 1.05 22.15
C PRO A 243 -4.63 1.63 23.29
N GLY A 244 -4.31 0.81 24.28
CA GLY A 244 -3.52 1.27 25.40
C GLY A 244 -2.05 1.35 25.01
N GLY A 245 -1.76 0.91 23.79
CA GLY A 245 -0.40 0.95 23.31
C GLY A 245 0.42 -0.29 23.58
N PHE A 246 -0.20 -1.36 24.04
CA PHE A 246 0.54 -2.60 24.27
C PHE A 246 0.42 -3.45 23.01
N VAL A 247 1.29 -4.44 22.87
CA VAL A 247 1.18 -5.29 21.70
C VAL A 247 0.85 -6.72 22.09
N THR A 248 -0.09 -7.32 21.36
CA THR A 248 -0.50 -8.68 21.60
C THR A 248 -0.40 -9.43 20.28
N GLU A 249 -0.16 -10.73 20.35
CA GLU A 249 -0.01 -11.54 19.15
C GLU A 249 -0.90 -12.78 19.14
N TYR A 250 -1.43 -13.10 17.96
CA TYR A 250 -2.23 -14.29 17.78
C TYR A 250 -1.20 -15.22 17.19
N THR A 251 -1.05 -16.41 17.77
CA THR A 251 -0.07 -17.36 17.30
C THR A 251 -0.65 -18.76 17.25
N SER A 252 -0.04 -19.62 16.45
CA SER A 252 -0.51 -20.97 16.31
C SER A 252 0.60 -21.92 15.92
N GLU A 253 0.37 -23.20 16.17
CA GLU A 253 1.30 -24.27 15.85
C GLU A 253 2.65 -24.23 16.54
N LEU A 254 2.68 -23.78 17.79
CA LEU A 254 3.93 -23.74 18.53
C LEU A 254 4.31 -25.18 18.84
N GLU A 255 5.54 -25.57 18.52
CA GLU A 255 6.00 -26.94 18.75
C GLU A 255 5.82 -27.48 20.17
N GLU A 256 5.85 -28.80 20.26
CA GLU A 256 5.74 -29.51 21.54
C GLU A 256 7.07 -30.25 21.64
N VAL A 257 7.69 -30.19 22.79
CA VAL A 257 8.97 -30.86 22.96
C VAL A 257 8.92 -31.67 24.24
N ASP A 258 9.88 -32.56 24.43
CA ASP A 258 9.90 -33.31 25.66
C ASP A 258 10.49 -32.27 26.62
N PHE A 259 9.87 -32.07 27.77
CA PHE A 259 10.39 -31.07 28.68
C PHE A 259 11.81 -31.30 29.16
N ASP A 260 12.17 -32.55 29.41
CA ASP A 260 13.52 -32.84 29.92
C ASP A 260 14.59 -33.07 28.89
N THR A 261 14.27 -33.89 27.89
CA THR A 261 15.24 -34.23 26.88
C THR A 261 15.40 -33.31 25.68
N HIS A 262 14.59 -32.25 25.58
CA HIS A 262 14.72 -31.37 24.42
C HIS A 262 16.03 -30.61 24.29
N GLN A 263 16.74 -30.88 23.20
CA GLN A 263 18.02 -30.24 22.91
C GLN A 263 17.83 -28.91 22.16
N TYR A 264 18.29 -27.81 22.76
CA TYR A 264 18.16 -26.49 22.14
C TYR A 264 19.16 -26.24 21.01
N LYS A 265 18.83 -25.31 20.12
CA LYS A 265 19.73 -24.99 19.00
C LYS A 265 20.01 -23.50 18.94
N VAL A 266 21.17 -23.14 18.40
CA VAL A 266 21.51 -21.75 18.24
C VAL A 266 21.27 -21.44 16.77
N HIS A 267 20.21 -20.69 16.51
CA HIS A 267 19.88 -20.32 15.14
C HIS A 267 20.68 -19.12 14.69
N VAL A 268 21.16 -19.19 13.47
CA VAL A 268 21.93 -18.10 12.89
C VAL A 268 20.97 -16.98 12.50
N PRO A 269 21.21 -15.76 12.99
CA PRO A 269 20.32 -14.66 12.63
C PRO A 269 20.31 -14.58 11.10
N ALA A 270 19.14 -14.30 10.55
CA ALA A 270 18.94 -14.21 9.11
C ALA A 270 17.53 -13.69 8.89
N PRO A 271 17.28 -13.03 7.76
CA PRO A 271 15.92 -12.51 7.52
C PRO A 271 14.88 -13.62 7.59
N MSE A 272 15.01 -14.62 6.71
CA MSE A 272 14.07 -15.72 6.66
C MSE A 272 14.02 -16.55 7.95
O MSE A 272 13.36 -17.59 7.99
CB MSE A 272 14.37 -16.64 5.45
CG MSE A 272 14.01 -16.06 4.08
SE MSE A 272 12.08 -15.66 3.84
CE MSE A 272 12.03 -13.82 4.63
N VAL A 273 14.73 -16.12 8.98
CA VAL A 273 14.72 -16.84 10.23
C VAL A 273 13.62 -16.30 11.16
N MSE A 274 13.39 -15.00 11.11
CA MSE A 274 12.33 -14.39 11.92
C MSE A 274 10.97 -14.73 11.30
O MSE A 274 9.97 -14.85 11.99
CB MSE A 274 12.52 -12.87 12.00
CG MSE A 274 13.61 -12.39 12.97
SE MSE A 274 13.18 -12.86 14.88
CE MSE A 274 12.40 -11.15 15.53
N ASP A 275 10.96 -14.88 9.98
CA ASP A 275 9.73 -15.17 9.24
C ASP A 275 10.04 -16.07 8.05
N GLN A 276 9.51 -17.28 8.05
CA GLN A 276 9.73 -18.23 6.96
C GLN A 276 8.75 -18.02 5.79
N TRP A 277 7.73 -17.19 6.00
CA TRP A 277 6.74 -16.90 4.97
C TRP A 277 7.15 -15.67 4.18
N GLY A 278 7.40 -14.57 4.88
CA GLY A 278 7.79 -13.33 4.22
C GLY A 278 6.85 -12.78 3.18
N ILE A 279 5.56 -12.78 3.49
CA ILE A 279 4.57 -12.27 2.57
C ILE A 279 3.53 -11.42 3.30
N GLY A 280 3.75 -11.12 4.58
CA GLY A 280 2.81 -10.28 5.34
C GLY A 280 3.28 -8.83 5.34
N THR A 281 2.61 -7.93 6.05
CA THR A 281 3.04 -6.51 6.12
C THR A 281 3.73 -6.21 7.48
N GLY A 282 4.51 -5.13 7.55
CA GLY A 282 5.15 -4.75 8.80
C GLY A 282 6.43 -5.50 9.09
N GLY A 283 6.92 -5.32 10.29
CA GLY A 283 8.16 -5.95 10.68
C GLY A 283 8.24 -5.51 12.11
N PRO A 284 9.22 -5.97 12.91
CA PRO A 284 9.27 -5.51 14.30
C PRO A 284 9.33 -3.96 14.42
N GLN A 285 9.76 -3.31 13.34
CA GLN A 285 9.89 -1.85 13.29
C GLN A 285 8.56 -1.08 13.34
N THR A 286 7.47 -1.71 12.92
CA THR A 286 6.18 -1.06 12.96
C THR A 286 5.57 -1.28 14.35
N LEU A 287 6.30 -1.96 15.23
CA LEU A 287 5.81 -2.18 16.58
C LEU A 287 6.57 -1.19 17.47
N PRO A 288 5.99 -0.83 18.62
CA PRO A 288 6.58 0.12 19.57
C PRO A 288 8.02 -0.20 19.94
N HIS A 289 8.83 0.83 20.10
CA HIS A 289 10.22 0.65 20.53
C HIS A 289 10.11 0.36 22.03
N PRO A 290 10.95 -0.52 22.54
CA PRO A 290 10.87 -0.82 23.98
C PRO A 290 11.31 0.34 24.87
N HIS A 291 10.53 0.62 25.91
CA HIS A 291 10.85 1.68 26.84
C HIS A 291 10.75 1.08 28.24
N ALA A 292 11.66 1.48 29.13
CA ALA A 292 11.66 0.96 30.49
C ALA A 292 10.30 1.12 31.14
N ASN A 293 9.85 0.05 31.77
CA ASN A 293 8.58 0.04 32.44
C ASN A 293 8.55 1.07 33.58
N PRO A 294 7.48 1.89 33.64
CA PRO A 294 7.34 2.91 34.68
C PRO A 294 7.36 2.28 36.08
N GLY A 295 8.18 2.85 36.97
CA GLY A 295 8.24 2.34 38.33
C GLY A 295 8.92 1.00 38.56
N LEU A 296 10.19 0.90 38.18
CA LEU A 296 10.92 -0.34 38.41
C LEU A 296 11.05 -0.54 39.91
N PHE A 297 11.00 -1.78 40.36
CA PHE A 297 11.11 -2.10 41.79
C PHE A 297 10.08 -1.36 42.63
N GLN A 298 8.93 -1.08 42.02
CA GLN A 298 7.83 -0.40 42.70
C GLN A 298 6.57 -1.18 42.35
N THR A 299 5.62 -1.22 43.28
CA THR A 299 4.36 -1.91 43.04
C THR A 299 3.29 -0.92 42.59
N ALA A 300 2.09 -1.43 42.32
CA ALA A 300 0.98 -0.59 41.87
C ALA A 300 0.72 0.57 42.83
N GLU A 301 0.88 0.32 44.13
CA GLU A 301 0.68 1.34 45.15
C GLU A 301 1.56 2.59 44.91
N ALA A 302 2.78 2.38 44.45
CA ALA A 302 3.72 3.47 44.21
C ALA A 302 3.15 4.71 43.52
N GLU A 303 2.67 4.58 42.27
CA GLU A 303 2.12 5.75 41.57
C GLU A 303 1.01 6.45 42.37
N LEU B 3 -18.01 -47.43 -17.01
CA LEU B 3 -17.53 -47.35 -18.42
C LEU B 3 -16.01 -47.19 -18.42
N SER B 4 -15.53 -46.31 -19.29
CA SER B 4 -14.11 -45.98 -19.47
C SER B 4 -14.05 -44.46 -19.25
N ARG B 5 -13.00 -43.97 -18.60
CA ARG B 5 -12.95 -42.52 -18.33
C ARG B 5 -11.60 -41.86 -18.16
N VAL B 6 -11.63 -40.52 -18.09
CA VAL B 6 -10.43 -39.72 -17.88
C VAL B 6 -10.04 -39.96 -16.40
N THR B 7 -8.75 -40.19 -16.16
CA THR B 7 -8.29 -40.44 -14.81
C THR B 7 -7.39 -39.36 -14.18
N GLU B 8 -6.96 -38.37 -14.95
CA GLU B 8 -6.10 -37.32 -14.43
C GLU B 8 -5.75 -36.27 -15.50
N ILE B 9 -5.09 -35.19 -15.10
CA ILE B 9 -4.69 -34.16 -16.05
C ILE B 9 -3.24 -34.39 -16.45
N ARG B 10 -2.90 -34.09 -17.69
CA ARG B 10 -1.54 -34.28 -18.13
C ARG B 10 -0.77 -32.96 -18.20
N TYR B 11 -1.09 -32.11 -19.15
CA TYR B 11 -0.39 -30.85 -19.29
C TYR B 11 -1.29 -29.84 -19.97
N VAL B 12 -0.81 -28.63 -20.12
CA VAL B 12 -1.59 -27.60 -20.80
C VAL B 12 -0.66 -26.95 -21.78
N GLY B 13 -1.04 -26.97 -23.05
CA GLY B 13 -0.21 -26.35 -24.08
C GLY B 13 -0.63 -24.92 -24.35
N TYR B 14 0.30 -24.00 -24.21
CA TYR B 14 0.04 -22.58 -24.44
C TYR B 14 0.75 -22.05 -25.68
N GLY B 15 0.10 -21.09 -26.33
CA GLY B 15 0.70 -20.43 -27.47
C GLY B 15 1.03 -19.07 -26.88
N VAL B 16 2.32 -18.74 -26.76
CA VAL B 16 2.69 -17.45 -26.17
C VAL B 16 3.42 -16.49 -27.09
N LYS B 17 2.92 -15.25 -27.15
CA LYS B 17 3.55 -14.25 -27.99
C LYS B 17 4.96 -13.96 -27.45
N ASP B 18 5.07 -13.73 -26.14
CA ASP B 18 6.38 -13.46 -25.53
C ASP B 18 6.93 -14.77 -25.00
N PHE B 19 7.30 -15.64 -25.94
CA PHE B 19 7.82 -16.96 -25.66
C PHE B 19 9.02 -17.00 -24.70
N ASP B 20 9.94 -16.06 -24.85
CA ASP B 20 11.13 -16.06 -24.03
C ASP B 20 10.92 -15.69 -22.56
N ALA B 21 10.04 -14.72 -22.29
CA ALA B 21 9.79 -14.32 -20.91
C ALA B 21 9.01 -15.40 -20.17
N GLU B 22 8.15 -16.10 -20.91
CA GLU B 22 7.34 -17.15 -20.31
C GLU B 22 8.20 -18.39 -20.08
N LYS B 23 9.10 -18.67 -21.02
CA LYS B 23 10.02 -19.79 -20.92
C LYS B 23 10.87 -19.61 -19.65
N ALA B 24 11.35 -18.39 -19.42
CA ALA B 24 12.16 -18.06 -18.25
C ALA B 24 11.34 -18.13 -16.96
N PHE B 25 10.09 -17.70 -17.04
CA PHE B 25 9.22 -17.72 -15.88
C PHE B 25 9.03 -19.10 -15.26
N TYR B 26 8.76 -20.10 -16.09
CA TYR B 26 8.55 -21.44 -15.57
C TYR B 26 9.77 -22.14 -14.99
N ALA B 27 10.93 -21.88 -15.58
CA ALA B 27 12.16 -22.54 -15.15
C ALA B 27 12.87 -21.83 -14.00
N ASP B 28 12.73 -20.52 -13.91
CA ASP B 28 13.42 -19.77 -12.87
C ASP B 28 12.58 -19.13 -11.78
N VAL B 29 11.28 -19.05 -11.98
CA VAL B 29 10.43 -18.42 -10.97
C VAL B 29 9.36 -19.35 -10.47
N TRP B 30 8.58 -19.92 -11.38
CA TRP B 30 7.48 -20.80 -11.01
C TRP B 30 7.89 -22.12 -10.35
N GLY B 31 9.07 -22.63 -10.68
CA GLY B 31 9.52 -23.87 -10.06
C GLY B 31 9.37 -25.16 -10.85
N LEU B 32 9.11 -25.07 -12.14
CA LEU B 32 8.98 -26.26 -12.96
C LEU B 32 10.35 -26.63 -13.51
N GLU B 33 10.46 -27.86 -14.01
CA GLU B 33 11.72 -28.37 -14.55
C GLU B 33 11.69 -28.45 -16.06
N PRO B 34 12.67 -27.83 -16.73
CA PRO B 34 12.68 -27.88 -18.20
C PRO B 34 12.88 -29.33 -18.62
N VAL B 35 12.21 -29.76 -19.69
CA VAL B 35 12.35 -31.13 -20.18
C VAL B 35 12.84 -31.17 -21.62
N GLY B 36 12.52 -30.13 -22.39
CA GLY B 36 12.96 -30.09 -23.77
C GLY B 36 12.71 -28.73 -24.41
N GLU B 37 13.57 -28.36 -25.36
CA GLU B 37 13.43 -27.09 -26.07
C GLU B 37 13.89 -27.22 -27.52
N ASP B 38 13.24 -26.46 -28.40
CA ASP B 38 13.63 -26.40 -29.80
C ASP B 38 13.30 -24.98 -30.20
N ALA B 39 13.43 -24.65 -31.47
CA ALA B 39 13.17 -23.30 -31.93
C ALA B 39 11.88 -22.66 -31.40
N ASN B 40 10.74 -23.30 -31.64
CA ASN B 40 9.47 -22.72 -31.22
C ASN B 40 8.72 -23.42 -30.10
N ASN B 41 9.43 -24.19 -29.27
CA ASN B 41 8.76 -24.91 -28.20
C ASN B 41 9.59 -25.14 -26.94
N ALA B 42 8.89 -25.30 -25.83
CA ALA B 42 9.53 -25.52 -24.54
C ALA B 42 8.63 -26.43 -23.68
N TRP B 43 9.23 -27.40 -23.03
CA TRP B 43 8.46 -28.33 -22.20
C TRP B 43 8.93 -28.28 -20.75
N PHE B 44 7.96 -28.27 -19.85
CA PHE B 44 8.24 -28.21 -18.43
C PHE B 44 7.48 -29.28 -17.68
N LYS B 45 8.11 -29.74 -16.60
CA LYS B 45 7.62 -30.82 -15.77
C LYS B 45 7.56 -30.39 -14.29
N ALA B 46 6.68 -31.02 -13.52
CA ALA B 46 6.57 -30.71 -12.10
C ALA B 46 7.51 -31.68 -11.38
N GLN B 47 8.42 -31.14 -10.58
CA GLN B 47 9.38 -31.96 -9.87
C GLN B 47 8.81 -33.03 -8.96
N GLY B 48 7.56 -32.90 -8.53
CA GLY B 48 7.01 -33.89 -7.63
C GLY B 48 6.06 -34.89 -8.24
N ALA B 49 6.10 -35.03 -9.56
CA ALA B 49 5.23 -35.97 -10.26
C ALA B 49 5.97 -36.54 -11.45
N ASP B 50 5.56 -37.71 -11.90
CA ASP B 50 6.22 -38.33 -13.03
C ASP B 50 5.60 -38.02 -14.40
N GLU B 51 4.65 -37.09 -14.45
CA GLU B 51 4.03 -36.73 -15.70
C GLU B 51 5.14 -36.14 -16.58
N HIS B 52 5.37 -36.76 -17.74
CA HIS B 52 6.43 -36.33 -18.66
C HIS B 52 6.62 -34.83 -18.71
N HIS B 53 5.52 -34.12 -18.83
CA HIS B 53 5.54 -32.67 -18.81
C HIS B 53 4.14 -32.19 -18.45
N VAL B 54 4.07 -31.02 -17.83
CA VAL B 54 2.81 -30.44 -17.40
C VAL B 54 2.51 -29.13 -18.12
N VAL B 55 3.51 -28.60 -18.81
CA VAL B 55 3.37 -27.35 -19.56
C VAL B 55 4.13 -27.40 -20.88
N GLN B 56 3.46 -27.01 -21.96
CA GLN B 56 4.08 -26.95 -23.27
C GLN B 56 3.83 -25.53 -23.77
N LEU B 57 4.88 -24.88 -24.25
CA LEU B 57 4.74 -23.53 -24.76
C LEU B 57 5.21 -23.50 -26.19
N ARG B 58 4.39 -22.93 -27.04
CA ARG B 58 4.73 -22.80 -28.44
C ARG B 58 4.88 -21.32 -28.70
N ARG B 59 5.90 -20.96 -29.46
CA ARG B 59 6.14 -19.56 -29.82
C ARG B 59 5.01 -19.20 -30.76
N ALA B 60 4.24 -18.15 -30.42
CA ALA B 60 3.09 -17.74 -31.25
C ALA B 60 2.98 -16.24 -31.50
N ASP B 61 2.11 -15.86 -32.44
CA ASP B 61 1.92 -14.45 -32.73
C ASP B 61 0.91 -13.89 -31.73
N GLU B 62 0.03 -14.77 -31.25
CA GLU B 62 -1.00 -14.38 -30.30
C GLU B 62 -1.18 -15.41 -29.16
N ASN B 63 -1.35 -14.91 -27.92
CA ASN B 63 -1.52 -15.78 -26.77
C ASN B 63 -2.81 -16.56 -26.90
N ARG B 64 -2.76 -17.86 -26.58
CA ARG B 64 -3.93 -18.73 -26.64
C ARG B 64 -3.62 -20.06 -25.99
N ILE B 65 -4.64 -20.90 -25.86
CA ILE B 65 -4.48 -22.23 -25.30
C ILE B 65 -4.54 -23.18 -26.47
N ASP B 66 -3.46 -23.93 -26.71
CA ASP B 66 -3.41 -24.85 -27.83
C ASP B 66 -4.09 -26.16 -27.51
N VAL B 67 -3.87 -26.65 -26.30
CA VAL B 67 -4.45 -27.92 -25.93
C VAL B 67 -4.41 -28.22 -24.45
N ILE B 68 -5.42 -28.95 -24.00
CA ILE B 68 -5.54 -29.40 -22.63
C ILE B 68 -5.58 -30.91 -22.77
N ALA B 69 -4.50 -31.56 -22.35
CA ALA B 69 -4.43 -32.99 -22.46
C ALA B 69 -4.83 -33.70 -21.19
N LEU B 70 -5.67 -34.71 -21.34
CA LEU B 70 -6.15 -35.50 -20.23
C LEU B 70 -5.61 -36.93 -20.33
N ALA B 71 -5.76 -37.71 -19.26
CA ALA B 71 -5.26 -39.07 -19.26
C ALA B 71 -6.32 -40.14 -19.07
N ALA B 72 -6.07 -41.28 -19.71
CA ALA B 72 -6.95 -42.44 -19.65
C ALA B 72 -6.04 -43.60 -19.27
N ASP B 73 -6.62 -44.65 -18.71
CA ASP B 73 -5.87 -45.81 -18.25
C ASP B 73 -5.20 -46.73 -19.25
N SER B 74 -5.74 -46.82 -20.47
CA SER B 74 -5.14 -47.72 -21.46
C SER B 74 -5.68 -47.50 -22.87
N ARG B 75 -4.95 -48.05 -23.86
CA ARG B 75 -5.35 -47.92 -25.27
C ARG B 75 -6.83 -48.18 -25.43
N SER B 76 -7.30 -49.26 -24.81
CA SER B 76 -8.71 -49.61 -24.87
C SER B 76 -9.56 -48.43 -24.40
N ASP B 77 -9.28 -47.95 -23.20
CA ASP B 77 -10.03 -46.82 -22.62
C ASP B 77 -10.03 -45.62 -23.56
N VAL B 78 -8.90 -45.35 -24.19
CA VAL B 78 -8.81 -44.22 -25.10
C VAL B 78 -9.69 -44.43 -26.32
N ASP B 79 -9.62 -45.62 -26.93
CA ASP B 79 -10.46 -45.90 -28.09
C ASP B 79 -11.91 -45.71 -27.67
N ALA B 80 -12.27 -46.25 -26.51
CA ALA B 80 -13.63 -46.13 -26.01
C ALA B 80 -14.07 -44.68 -25.90
N LEU B 81 -13.25 -43.85 -25.25
CA LEU B 81 -13.56 -42.43 -25.09
C LEU B 81 -13.70 -41.79 -26.47
N ARG B 82 -12.78 -42.13 -27.37
CA ARG B 82 -12.84 -41.61 -28.73
C ARG B 82 -14.24 -41.86 -29.33
N ALA B 83 -14.80 -43.04 -29.06
CA ALA B 83 -16.14 -43.36 -29.55
C ALA B 83 -17.12 -42.45 -28.82
N SER B 84 -17.04 -42.46 -27.49
CA SER B 84 -17.89 -41.65 -26.63
C SER B 84 -17.99 -40.22 -27.15
N VAL B 85 -16.83 -39.66 -27.52
CA VAL B 85 -16.75 -38.31 -28.05
C VAL B 85 -17.63 -38.19 -29.30
N GLU B 86 -17.45 -39.13 -30.23
CA GLU B 86 -18.23 -39.12 -31.48
C GLU B 86 -19.72 -39.07 -31.17
N ALA B 87 -20.19 -40.07 -30.42
CA ALA B 87 -21.58 -40.14 -30.05
C ALA B 87 -22.09 -38.81 -29.54
N ALA B 88 -21.36 -38.19 -28.63
CA ALA B 88 -21.80 -36.90 -28.08
C ALA B 88 -21.74 -35.78 -29.14
N GLY B 89 -21.39 -36.16 -30.37
CA GLY B 89 -21.32 -35.19 -31.44
C GLY B 89 -20.33 -34.07 -31.22
N CYS B 90 -19.05 -34.43 -31.27
CA CYS B 90 -17.93 -33.49 -31.08
C CYS B 90 -17.10 -33.52 -32.35
N LYS B 91 -16.31 -32.48 -32.58
CA LYS B 91 -15.48 -32.44 -33.76
C LYS B 91 -14.12 -33.04 -33.47
N VAL B 92 -13.89 -34.27 -33.91
CA VAL B 92 -12.61 -34.94 -33.66
C VAL B 92 -11.47 -34.49 -34.57
N ALA B 93 -10.35 -34.07 -33.97
CA ALA B 93 -9.21 -33.61 -34.76
C ALA B 93 -8.12 -34.65 -35.10
N SER B 94 -8.31 -35.91 -34.72
CA SER B 94 -7.31 -36.95 -35.02
C SER B 94 -7.77 -38.27 -34.41
N GLU B 95 -7.28 -39.38 -34.95
CA GLU B 95 -7.70 -40.68 -34.43
C GLU B 95 -6.64 -41.31 -33.53
N PRO B 96 -7.07 -42.14 -32.58
CA PRO B 96 -6.19 -42.83 -31.65
C PRO B 96 -4.96 -43.34 -32.38
N ALA B 97 -3.82 -42.73 -32.11
CA ALA B 97 -2.57 -43.15 -32.74
C ALA B 97 -1.40 -42.78 -31.84
N VAL B 98 -0.25 -43.41 -32.07
CA VAL B 98 0.92 -43.10 -31.26
C VAL B 98 1.27 -41.63 -31.40
N LEU B 99 1.28 -40.92 -30.27
CA LEU B 99 1.60 -39.51 -30.30
C LEU B 99 3.04 -39.31 -30.73
N ALA B 100 3.34 -38.16 -31.32
CA ALA B 100 4.68 -37.87 -31.77
C ALA B 100 5.31 -36.78 -30.91
N THR B 101 4.54 -36.28 -29.95
CA THR B 101 5.03 -35.24 -29.04
C THR B 101 5.93 -35.90 -27.99
N PRO B 102 6.80 -35.11 -27.33
CA PRO B 102 7.72 -35.62 -26.31
C PRO B 102 7.01 -36.53 -25.33
N GLY B 103 7.58 -37.71 -25.10
CA GLY B 103 6.98 -38.64 -24.17
C GLY B 103 6.18 -39.74 -24.84
N GLY B 104 5.76 -39.49 -26.08
CA GLY B 104 4.99 -40.48 -26.82
C GLY B 104 3.61 -40.77 -26.22
N GLY B 105 3.20 -42.03 -26.28
CA GLY B 105 1.90 -42.41 -25.76
C GLY B 105 0.92 -42.73 -26.89
N TYR B 106 -0.34 -43.00 -26.52
CA TYR B 106 -1.38 -43.34 -27.50
C TYR B 106 -2.62 -42.47 -27.25
N GLY B 107 -2.77 -41.42 -28.05
CA GLY B 107 -3.92 -40.57 -27.84
C GLY B 107 -4.51 -39.95 -29.08
N PHE B 108 -5.48 -39.06 -28.88
CA PHE B 108 -6.14 -38.39 -29.99
C PHE B 108 -6.65 -37.03 -29.48
N ARG B 109 -6.92 -36.11 -30.39
CA ARG B 109 -7.38 -34.80 -29.98
C ARG B 109 -8.78 -34.53 -30.48
N PHE B 110 -9.52 -33.71 -29.74
CA PHE B 110 -10.90 -33.37 -30.10
C PHE B 110 -11.25 -32.02 -29.51
N PHE B 111 -12.30 -31.40 -30.05
CA PHE B 111 -12.71 -30.10 -29.55
C PHE B 111 -13.90 -30.25 -28.63
N SER B 112 -13.86 -29.55 -27.51
CA SER B 112 -14.96 -29.59 -26.56
C SER B 112 -16.16 -29.00 -27.28
N PRO B 113 -17.36 -29.20 -26.73
CA PRO B 113 -18.53 -28.62 -27.39
C PRO B 113 -18.32 -27.13 -27.63
N ASP B 114 -17.52 -26.50 -26.76
CA ASP B 114 -17.25 -25.07 -26.88
C ASP B 114 -16.18 -24.66 -27.89
N GLY B 115 -15.39 -25.62 -28.37
CA GLY B 115 -14.34 -25.29 -29.32
C GLY B 115 -12.91 -25.29 -28.80
N LEU B 116 -12.72 -25.75 -27.57
CA LEU B 116 -11.39 -25.82 -26.99
C LEU B 116 -10.80 -27.20 -27.29
N LEU B 117 -9.54 -27.22 -27.70
CA LEU B 117 -8.90 -28.48 -28.04
C LEU B 117 -8.43 -29.26 -26.81
N PHE B 118 -8.92 -30.49 -26.68
CA PHE B 118 -8.54 -31.38 -25.58
C PHE B 118 -7.81 -32.56 -26.19
N GLU B 119 -7.00 -33.24 -25.40
CA GLU B 119 -6.30 -34.43 -25.86
C GLU B 119 -6.44 -35.53 -24.83
N VAL B 120 -6.74 -36.74 -25.28
CA VAL B 120 -6.84 -37.85 -24.35
C VAL B 120 -5.76 -38.81 -24.79
N SER B 121 -4.99 -39.31 -23.84
CA SER B 121 -3.94 -40.24 -24.19
C SER B 121 -3.59 -41.17 -23.04
N SER B 122 -2.97 -42.29 -23.41
CA SER B 122 -2.57 -43.28 -22.44
C SER B 122 -1.13 -43.70 -22.66
N ASP B 123 -0.52 -44.28 -21.64
CA ASP B 123 0.84 -44.79 -21.72
C ASP B 123 1.90 -43.76 -22.14
N VAL B 124 1.73 -42.52 -21.72
CA VAL B 124 2.73 -41.50 -22.03
C VAL B 124 3.90 -41.87 -21.12
N ALA B 125 5.12 -41.75 -21.61
CA ALA B 125 6.29 -42.10 -20.81
C ALA B 125 6.27 -41.47 -19.41
N LYS B 126 6.89 -42.15 -18.45
CA LYS B 126 6.94 -41.65 -17.09
C LYS B 126 8.27 -40.95 -16.87
N GLY B 127 8.21 -39.71 -16.36
CA GLY B 127 9.43 -38.96 -16.09
C GLY B 127 9.89 -39.29 -14.68
N ALA B 128 10.92 -38.61 -14.19
CA ALA B 128 11.37 -38.90 -12.85
C ALA B 128 10.48 -38.15 -11.88
N LYS B 129 10.43 -38.59 -10.63
CA LYS B 129 9.62 -37.90 -9.65
C LYS B 129 10.35 -37.83 -8.31
N ARG B 130 10.10 -36.77 -7.56
CA ARG B 130 10.77 -36.58 -6.29
C ARG B 130 9.81 -36.13 -5.22
N ASP B 131 10.03 -36.63 -4.01
CA ASP B 131 9.22 -36.24 -2.86
C ASP B 131 9.89 -34.99 -2.30
N LEU B 132 9.27 -33.84 -2.53
CA LEU B 132 9.84 -32.58 -2.08
C LEU B 132 9.88 -32.46 -0.57
N ALA B 133 10.76 -31.57 -0.11
CA ALA B 133 10.95 -31.30 1.30
C ALA B 133 10.23 -29.99 1.59
N ARG B 134 9.71 -29.83 2.80
CA ARG B 134 9.02 -28.62 3.17
C ARG B 134 9.94 -27.41 3.05
N TRP B 135 9.42 -26.35 2.44
CA TRP B 135 10.11 -25.06 2.23
C TRP B 135 10.77 -24.85 0.90
N GLU B 136 10.67 -25.81 0.00
CA GLU B 136 11.26 -25.67 -1.31
C GLU B 136 10.50 -24.64 -2.15
N GLY B 137 9.20 -24.56 -1.91
CA GLY B 137 8.35 -23.61 -2.61
C GLY B 137 8.18 -23.88 -4.09
N VAL B 138 8.15 -25.15 -4.49
CA VAL B 138 7.96 -25.47 -5.90
C VAL B 138 6.80 -26.46 -6.03
N PRO B 139 6.10 -26.42 -7.17
CA PRO B 139 4.96 -27.29 -7.43
C PRO B 139 5.25 -28.80 -7.37
N VAL B 140 4.30 -29.53 -6.82
CA VAL B 140 4.41 -30.97 -6.74
C VAL B 140 3.79 -31.56 -8.01
N LYS B 141 2.60 -31.09 -8.35
CA LYS B 141 1.87 -31.57 -9.52
C LYS B 141 0.83 -30.52 -9.92
N ILE B 142 0.13 -30.78 -11.01
CA ILE B 142 -0.91 -29.86 -11.45
C ILE B 142 -2.09 -30.19 -10.55
N SER B 143 -2.66 -29.16 -9.91
CA SER B 143 -3.79 -29.35 -9.03
C SER B 143 -5.12 -29.36 -9.76
N HIS B 144 -5.43 -28.27 -10.46
CA HIS B 144 -6.67 -28.19 -11.20
C HIS B 144 -6.60 -27.16 -12.31
N ILE B 145 -7.64 -27.14 -13.15
CA ILE B 145 -7.73 -26.19 -14.25
C ILE B 145 -9.14 -25.66 -14.23
N VAL B 146 -9.30 -24.35 -14.33
CA VAL B 146 -10.63 -23.75 -14.34
C VAL B 146 -10.95 -23.29 -15.75
N LEU B 147 -12.15 -23.61 -16.21
CA LEU B 147 -12.54 -23.23 -17.56
C LEU B 147 -13.80 -22.40 -17.55
N HIS B 148 -13.92 -21.56 -18.57
CA HIS B 148 -15.08 -20.70 -18.77
C HIS B 148 -15.86 -21.26 -19.94
N SER B 149 -17.18 -21.33 -19.81
CA SER B 149 -18.03 -21.84 -20.87
C SER B 149 -19.30 -21.02 -21.00
N PRO B 150 -19.69 -20.67 -22.24
CA PRO B 150 -20.90 -19.88 -22.49
C PRO B 150 -22.13 -20.66 -22.03
N ASN B 151 -22.01 -21.97 -22.03
CA ASN B 151 -23.10 -22.86 -21.59
C ASN B 151 -22.50 -23.75 -20.53
N HIS B 152 -22.17 -23.21 -19.36
CA HIS B 152 -21.56 -24.06 -18.33
C HIS B 152 -22.38 -25.28 -17.96
N GLN B 153 -23.68 -25.09 -17.75
CA GLN B 153 -24.53 -26.23 -17.41
C GLN B 153 -24.25 -27.43 -18.32
N ASP B 154 -24.12 -27.19 -19.64
CA ASP B 154 -23.85 -28.26 -20.61
C ASP B 154 -22.42 -28.76 -20.58
N MSE B 155 -21.49 -27.82 -20.42
CA MSE B 155 -20.06 -28.14 -20.33
C MSE B 155 -19.84 -29.16 -19.21
O MSE B 155 -19.06 -30.10 -19.34
CB MSE B 155 -19.27 -26.86 -20.06
CG MSE B 155 -17.79 -26.95 -20.31
SE MSE B 155 -17.37 -28.03 -21.91
CE MSE B 155 -17.66 -26.71 -23.34
N VAL B 156 -20.54 -28.97 -18.09
CA VAL B 156 -20.44 -29.87 -16.96
C VAL B 156 -20.91 -31.27 -17.37
N LYS B 157 -22.06 -31.34 -18.05
CA LYS B 157 -22.65 -32.60 -18.52
C LYS B 157 -21.70 -33.34 -19.45
N PHE B 158 -20.94 -32.59 -20.23
CA PHE B 158 -20.00 -33.18 -21.15
C PHE B 158 -18.80 -33.82 -20.44
N PHE B 159 -18.39 -33.24 -19.31
CA PHE B 159 -17.27 -33.77 -18.53
C PHE B 159 -17.75 -34.98 -17.73
N THR B 160 -18.97 -34.90 -17.24
CA THR B 160 -19.53 -36.00 -16.47
C THR B 160 -19.92 -37.20 -17.32
N ASP B 161 -20.71 -36.95 -18.37
CA ASP B 161 -21.22 -38.00 -19.24
C ASP B 161 -20.32 -38.59 -20.34
N VAL B 162 -19.43 -37.79 -20.88
CA VAL B 162 -18.56 -38.29 -21.92
C VAL B 162 -17.20 -38.65 -21.35
N LEU B 163 -16.68 -37.80 -20.47
CA LEU B 163 -15.36 -38.01 -19.87
C LEU B 163 -15.33 -38.76 -18.54
N GLY B 164 -16.47 -38.88 -17.85
CA GLY B 164 -16.48 -39.61 -16.60
C GLY B 164 -16.34 -38.83 -15.30
N PHE B 165 -15.98 -37.56 -15.40
CA PHE B 165 -15.83 -36.72 -14.22
C PHE B 165 -17.13 -36.71 -13.41
N LYS B 166 -17.01 -36.49 -12.10
CA LYS B 166 -18.18 -36.42 -11.25
C LYS B 166 -18.18 -35.07 -10.54
N VAL B 167 -19.35 -34.56 -10.23
CA VAL B 167 -19.49 -33.28 -9.56
C VAL B 167 -19.12 -33.40 -8.09
N SER B 168 -18.27 -32.50 -7.60
CA SER B 168 -17.85 -32.55 -6.20
C SER B 168 -18.49 -31.47 -5.36
N ASP B 169 -18.82 -30.37 -6.02
CA ASP B 169 -19.43 -29.25 -5.33
C ASP B 169 -19.92 -28.26 -6.35
N TRP B 170 -20.81 -27.38 -5.90
CA TRP B 170 -21.34 -26.34 -6.72
C TRP B 170 -21.29 -25.05 -5.92
N LEU B 171 -20.85 -23.99 -6.57
CA LEU B 171 -20.81 -22.70 -5.92
C LEU B 171 -22.09 -22.10 -6.47
N GLY B 172 -23.15 -22.09 -5.67
CA GLY B 172 -24.41 -21.57 -6.14
C GLY B 172 -24.77 -22.36 -7.38
N ASP B 173 -25.07 -21.69 -8.48
CA ASP B 173 -25.39 -22.42 -9.70
C ASP B 173 -24.52 -21.96 -10.87
N PHE B 174 -23.42 -21.27 -10.55
CA PHE B 174 -22.52 -20.80 -11.59
C PHE B 174 -21.13 -21.46 -11.63
N MSE B 175 -20.74 -22.15 -10.56
CA MSE B 175 -19.44 -22.80 -10.56
C MSE B 175 -19.46 -24.26 -10.11
O MSE B 175 -19.83 -24.60 -8.99
CB MSE B 175 -18.43 -22.03 -9.71
CG MSE B 175 -16.99 -22.39 -10.07
SE MSE B 175 -15.63 -21.37 -9.11
CE MSE B 175 -16.81 -20.20 -8.02
N CYS B 176 -19.05 -25.13 -11.02
CA CYS B 176 -19.04 -26.54 -10.73
C CYS B 176 -17.62 -27.10 -10.63
N PHE B 177 -17.39 -27.93 -9.61
CA PHE B 177 -16.11 -28.55 -9.39
C PHE B 177 -16.26 -30.03 -9.75
N LEU B 178 -15.32 -30.54 -10.54
CA LEU B 178 -15.37 -31.92 -11.01
C LEU B 178 -14.11 -32.70 -10.68
N ARG B 179 -14.30 -33.98 -10.34
CA ARG B 179 -13.18 -34.84 -10.00
C ARG B 179 -13.09 -36.00 -10.97
N CYS B 180 -11.94 -36.66 -10.97
CA CYS B 180 -11.68 -37.81 -11.82
C CYS B 180 -10.73 -38.76 -11.07
N ASN B 181 -10.63 -38.55 -9.77
CA ASN B 181 -9.83 -39.37 -8.87
C ASN B 181 -10.13 -38.90 -7.46
N SER B 182 -9.28 -39.22 -6.50
CA SER B 182 -9.54 -38.85 -5.11
C SER B 182 -9.42 -37.36 -4.75
N ALA B 183 -8.91 -36.54 -5.68
CA ALA B 183 -8.79 -35.11 -5.40
C ALA B 183 -10.17 -34.47 -5.47
N HIS B 184 -10.50 -33.60 -4.53
CA HIS B 184 -11.80 -32.93 -4.55
C HIS B 184 -12.17 -32.67 -5.99
N HIS B 185 -11.26 -32.01 -6.71
CA HIS B 185 -11.51 -31.72 -8.11
C HIS B 185 -10.24 -31.44 -8.91
N ARG B 186 -10.35 -31.64 -10.21
CA ARG B 186 -9.26 -31.39 -11.14
C ARG B 186 -9.70 -30.35 -12.17
N ILE B 187 -11.01 -30.24 -12.37
CA ILE B 187 -11.59 -29.29 -13.32
C ILE B 187 -12.73 -28.50 -12.67
N ALA B 188 -12.82 -27.21 -13.01
CA ALA B 188 -13.88 -26.38 -12.48
C ALA B 188 -14.44 -25.62 -13.66
N ILE B 189 -15.76 -25.51 -13.72
CA ILE B 189 -16.41 -24.82 -14.82
C ILE B 189 -17.08 -23.55 -14.36
N LEU B 190 -16.74 -22.47 -15.03
CA LEU B 190 -17.27 -21.17 -14.71
C LEU B 190 -17.92 -20.58 -15.96
N PRO B 191 -18.93 -19.73 -15.78
CA PRO B 191 -19.61 -19.11 -16.93
C PRO B 191 -18.70 -18.03 -17.51
N GLY B 192 -18.74 -17.87 -18.82
CA GLY B 192 -17.92 -16.86 -19.47
C GLY B 192 -17.54 -17.34 -20.85
N PRO B 193 -16.87 -16.52 -21.66
CA PRO B 193 -16.47 -16.94 -23.01
C PRO B 193 -15.65 -18.23 -22.96
N PRO B 194 -15.69 -19.04 -24.02
CA PRO B 194 -14.94 -20.30 -24.07
C PRO B 194 -13.42 -20.14 -23.90
N CYS B 195 -12.96 -20.26 -22.66
CA CYS B 195 -11.54 -20.08 -22.41
C CYS B 195 -11.05 -20.74 -21.13
N LEU B 196 -9.75 -20.67 -20.94
CA LEU B 196 -9.10 -21.23 -19.76
C LEU B 196 -8.86 -20.06 -18.79
N ASN B 197 -9.30 -20.21 -17.55
CA ASN B 197 -9.12 -19.16 -16.54
C ASN B 197 -7.75 -19.26 -15.91
N HIS B 198 -7.51 -20.32 -15.14
CA HIS B 198 -6.21 -20.49 -14.55
C HIS B 198 -5.84 -21.95 -14.41
N VAL B 199 -4.56 -22.19 -14.19
CA VAL B 199 -4.05 -23.54 -13.98
C VAL B 199 -3.43 -23.49 -12.59
N ALA B 200 -3.82 -24.41 -11.73
CA ALA B 200 -3.33 -24.46 -10.37
C ALA B 200 -2.30 -25.56 -10.15
N TYR B 201 -1.25 -25.21 -9.43
CA TYR B 201 -0.20 -26.14 -9.11
C TYR B 201 -0.23 -26.43 -7.63
N ASP B 202 -0.30 -27.71 -7.30
CA ASP B 202 -0.36 -28.16 -5.92
C ASP B 202 0.99 -28.07 -5.23
N MSE B 203 0.98 -27.53 -4.01
CA MSE B 203 2.20 -27.39 -3.21
C MSE B 203 2.19 -28.42 -2.07
O MSE B 203 1.12 -28.86 -1.65
CB MSE B 203 2.27 -25.97 -2.63
CG MSE B 203 2.23 -24.85 -3.66
SE MSE B 203 3.73 -24.90 -4.96
CE MSE B 203 5.03 -23.81 -4.03
N LEU B 204 3.37 -28.79 -1.60
CA LEU B 204 3.49 -29.76 -0.51
C LEU B 204 2.73 -29.33 0.76
N SER B 205 2.80 -28.04 1.08
CA SER B 205 2.13 -27.52 2.26
C SER B 205 1.80 -26.07 2.07
N VAL B 206 1.05 -25.52 3.02
CA VAL B 206 0.67 -24.12 3.01
C VAL B 206 1.95 -23.30 3.11
N ASP B 207 2.91 -23.79 3.90
CA ASP B 207 4.19 -23.10 4.07
C ASP B 207 4.88 -22.96 2.71
N ASP B 208 4.83 -24.05 1.94
CA ASP B 208 5.42 -24.09 0.61
C ASP B 208 4.72 -23.12 -0.32
N MSE B 209 3.42 -22.95 -0.14
CA MSE B 209 2.70 -22.01 -0.97
C MSE B 209 3.23 -20.61 -0.66
O MSE B 209 3.52 -19.82 -1.56
CB MSE B 209 1.20 -22.06 -0.69
CG MSE B 209 0.44 -20.99 -1.45
SE MSE B 209 -1.44 -20.81 -1.04
CE MSE B 209 -1.31 -19.79 0.60
N MSE B 210 3.40 -20.30 0.62
CA MSE B 210 3.91 -19.01 1.06
C MSE B 210 5.33 -18.77 0.58
O MSE B 210 5.65 -17.65 0.16
CB MSE B 210 3.87 -18.92 2.59
CG MSE B 210 2.49 -19.14 3.22
SE MSE B 210 1.16 -17.79 2.79
CE MSE B 210 -0.23 -18.24 4.11
N ARG B 211 6.18 -19.79 0.64
CA ARG B 211 7.55 -19.63 0.20
C ARG B 211 7.59 -19.35 -1.29
N GLY B 212 6.71 -20.01 -2.03
CA GLY B 212 6.66 -19.80 -3.47
C GLY B 212 6.23 -18.38 -3.76
N ALA B 213 5.24 -17.91 -3.01
CA ALA B 213 4.73 -16.56 -3.19
C ALA B 213 5.84 -15.55 -2.90
N HIS B 214 6.69 -15.85 -1.93
CA HIS B 214 7.78 -14.96 -1.57
C HIS B 214 8.87 -14.90 -2.64
N ARG B 215 9.21 -16.06 -3.20
CA ARG B 215 10.22 -16.14 -4.24
C ARG B 215 9.76 -15.33 -5.43
N LEU B 216 8.46 -15.34 -5.66
CA LEU B 216 7.89 -14.59 -6.78
C LEU B 216 7.87 -13.09 -6.48
N LYS B 217 7.72 -12.75 -5.21
CA LYS B 217 7.68 -11.36 -4.83
C LYS B 217 9.06 -10.72 -5.03
N VAL B 218 10.11 -11.46 -4.74
CA VAL B 218 11.45 -10.93 -4.91
C VAL B 218 11.85 -10.98 -6.38
N LYS B 219 11.06 -11.69 -7.19
CA LYS B 219 11.34 -11.76 -8.62
C LYS B 219 10.54 -10.65 -9.27
N GLY B 220 9.78 -9.93 -8.47
CA GLY B 220 8.99 -8.83 -8.99
C GLY B 220 7.62 -9.15 -9.51
N ILE B 221 7.07 -10.30 -9.10
CA ILE B 221 5.74 -10.70 -9.54
C ILE B 221 4.85 -10.68 -8.30
N ASP B 222 4.03 -9.66 -8.16
CA ASP B 222 3.17 -9.57 -6.99
C ASP B 222 2.04 -10.58 -6.99
N ILE B 223 1.46 -10.80 -5.81
CA ILE B 223 0.33 -11.72 -5.69
C ILE B 223 -0.91 -11.04 -6.28
N GLY B 224 -1.50 -11.65 -7.30
CA GLY B 224 -2.68 -11.07 -7.91
C GLY B 224 -3.87 -11.09 -6.96
N TRP B 225 -4.09 -12.23 -6.33
CA TRP B 225 -5.18 -12.40 -5.37
C TRP B 225 -4.56 -13.00 -4.11
N GLY B 226 -4.10 -12.09 -3.23
CA GLY B 226 -3.45 -12.39 -1.94
C GLY B 226 -3.63 -13.77 -1.38
N PRO B 227 -2.89 -14.16 -0.34
CA PRO B 227 -3.09 -15.52 0.16
C PRO B 227 -4.45 -15.73 0.83
N GLY B 228 -5.15 -16.77 0.40
CA GLY B 228 -6.44 -17.06 0.98
C GLY B 228 -6.74 -18.54 1.07
N ARG B 229 -7.96 -18.87 1.46
CA ARG B 229 -8.40 -20.25 1.57
C ARG B 229 -9.82 -20.35 1.05
N HIS B 230 -10.00 -21.14 -0.01
CA HIS B 230 -11.33 -21.33 -0.60
C HIS B 230 -12.17 -22.22 0.28
N THR B 231 -13.47 -22.22 0.05
CA THR B 231 -14.36 -23.05 0.84
C THR B 231 -14.54 -24.40 0.16
N ALA B 232 -14.94 -24.36 -1.11
CA ALA B 232 -15.19 -25.58 -1.89
C ALA B 232 -13.87 -26.28 -2.21
N GLY B 233 -13.57 -27.35 -1.47
CA GLY B 233 -12.32 -28.07 -1.68
C GLY B 233 -11.38 -27.75 -0.55
N ASN B 234 -11.67 -26.65 0.14
CA ASN B 234 -10.92 -26.18 1.30
C ASN B 234 -9.43 -25.94 1.02
N ASN B 235 -9.08 -25.57 -0.20
CA ASN B 235 -7.68 -25.35 -0.55
C ASN B 235 -7.18 -23.90 -0.41
N THR B 236 -5.93 -23.72 0.02
CA THR B 236 -5.37 -22.38 0.12
C THR B 236 -4.97 -21.96 -1.30
N PHE B 237 -5.05 -20.68 -1.58
CA PHE B 237 -4.72 -20.19 -2.91
C PHE B 237 -3.84 -18.95 -2.98
N SER B 238 -3.13 -18.82 -4.09
CA SER B 238 -2.27 -17.69 -4.37
C SER B 238 -2.26 -17.57 -5.87
N TYR B 239 -2.93 -16.55 -6.40
CA TYR B 239 -3.00 -16.35 -7.84
C TYR B 239 -1.93 -15.37 -8.33
N PHE B 240 -1.43 -15.62 -9.53
CA PHE B 240 -0.38 -14.81 -10.12
C PHE B 240 -0.58 -14.65 -11.63
N VAL B 241 -0.06 -13.57 -12.18
CA VAL B 241 -0.15 -13.33 -13.61
C VAL B 241 1.25 -13.50 -14.18
N THR B 242 1.43 -14.48 -15.06
CA THR B 242 2.73 -14.73 -15.64
C THR B 242 3.10 -13.62 -16.60
N PRO B 243 4.38 -13.50 -16.91
CA PRO B 243 4.88 -12.48 -17.84
C PRO B 243 4.26 -12.65 -19.22
N GLY B 244 3.71 -13.83 -19.47
CA GLY B 244 3.08 -14.07 -20.76
C GLY B 244 1.63 -13.59 -20.81
N GLY B 245 1.04 -13.26 -19.65
CA GLY B 245 -0.32 -12.79 -19.62
C GLY B 245 -1.32 -13.75 -19.01
N PHE B 246 -0.94 -15.00 -18.84
CA PHE B 246 -1.82 -16.01 -18.26
C PHE B 246 -1.73 -15.95 -16.74
N VAL B 247 -2.59 -16.70 -16.06
CA VAL B 247 -2.55 -16.74 -14.61
C VAL B 247 -2.34 -18.16 -14.13
N THR B 248 -1.51 -18.31 -13.11
CA THR B 248 -1.19 -19.59 -12.52
C THR B 248 -1.42 -19.48 -11.03
N GLU B 249 -1.62 -20.61 -10.36
CA GLU B 249 -1.91 -20.57 -8.94
C GLU B 249 -1.14 -21.58 -8.09
N TYR B 250 -0.69 -21.16 -6.91
CA TYR B 250 -0.03 -22.09 -6.02
C TYR B 250 -1.13 -22.44 -5.00
N THR B 251 -1.46 -23.70 -4.88
CA THR B 251 -2.51 -24.08 -3.95
C THR B 251 -2.06 -25.23 -3.07
N SER B 252 -2.77 -25.44 -1.97
CA SER B 252 -2.44 -26.55 -1.08
C SER B 252 -3.58 -26.94 -0.17
N GLU B 253 -3.52 -28.16 0.33
CA GLU B 253 -4.53 -28.71 1.22
C GLU B 253 -5.89 -28.90 0.54
N LEU B 254 -5.87 -29.24 -0.74
CA LEU B 254 -7.10 -29.50 -1.46
C LEU B 254 -7.63 -30.82 -0.89
N GLU B 255 -8.89 -30.83 -0.48
CA GLU B 255 -9.47 -32.01 0.11
C GLU B 255 -9.42 -33.25 -0.76
N GLU B 256 -9.31 -34.39 -0.08
CA GLU B 256 -9.30 -35.70 -0.71
C GLU B 256 -10.68 -36.25 -0.43
N VAL B 257 -11.23 -37.02 -1.36
CA VAL B 257 -12.56 -37.58 -1.17
C VAL B 257 -12.63 -38.94 -1.87
N ASP B 258 -13.70 -39.69 -1.61
CA ASP B 258 -13.88 -40.98 -2.26
C ASP B 258 -14.50 -40.68 -3.62
N PHE B 259 -13.78 -40.97 -4.70
CA PHE B 259 -14.28 -40.69 -6.04
C PHE B 259 -15.70 -41.20 -6.26
N ASP B 260 -15.98 -42.39 -5.74
CA ASP B 260 -17.29 -43.02 -5.87
C ASP B 260 -18.40 -42.47 -4.97
N THR B 261 -18.19 -42.46 -3.65
CA THR B 261 -19.24 -42.02 -2.74
C THR B 261 -19.30 -40.57 -2.31
N HIS B 262 -18.48 -39.69 -2.87
CA HIS B 262 -18.52 -38.31 -2.42
C HIS B 262 -19.85 -37.60 -2.71
N GLN B 263 -20.45 -37.05 -1.65
CA GLN B 263 -21.69 -36.31 -1.76
C GLN B 263 -21.37 -34.83 -2.01
N TYR B 264 -21.87 -34.28 -3.10
CA TYR B 264 -21.58 -32.88 -3.38
C TYR B 264 -22.57 -31.98 -2.67
N LYS B 265 -22.19 -30.72 -2.49
CA LYS B 265 -23.04 -29.76 -1.82
C LYS B 265 -23.08 -28.53 -2.70
N VAL B 266 -24.15 -27.76 -2.57
CA VAL B 266 -24.26 -26.53 -3.31
C VAL B 266 -23.97 -25.49 -2.26
N HIS B 267 -22.89 -24.75 -2.43
CA HIS B 267 -22.56 -23.74 -1.46
C HIS B 267 -23.24 -22.45 -1.84
N VAL B 268 -23.83 -21.79 -0.85
CA VAL B 268 -24.51 -20.53 -1.07
C VAL B 268 -23.43 -19.47 -1.23
N PRO B 269 -23.42 -18.79 -2.40
CA PRO B 269 -22.45 -17.74 -2.69
C PRO B 269 -22.37 -16.70 -1.57
N ALA B 270 -21.16 -16.34 -1.15
CA ALA B 270 -20.96 -15.37 -0.08
C ALA B 270 -19.47 -14.93 -0.02
N PRO B 271 -19.19 -13.79 0.65
CA PRO B 271 -17.83 -13.24 0.77
C PRO B 271 -16.90 -14.32 1.27
N MSE B 272 -17.19 -14.72 2.50
CA MSE B 272 -16.47 -15.73 3.21
C MSE B 272 -16.46 -17.09 2.50
O MSE B 272 -15.94 -18.06 3.04
CB MSE B 272 -17.10 -15.84 4.58
CG MSE B 272 -16.41 -16.77 5.50
SE MSE B 272 -17.51 -17.22 7.07
CE MSE B 272 -17.23 -15.58 8.13
N VAL B 273 -17.06 -17.20 1.32
CA VAL B 273 -17.05 -18.48 0.62
C VAL B 273 -15.90 -18.53 -0.41
N MSE B 274 -15.65 -17.42 -1.10
CA MSE B 274 -14.56 -17.40 -2.06
C MSE B 274 -13.24 -17.43 -1.26
O MSE B 274 -12.27 -18.07 -1.67
CB MSE B 274 -14.59 -16.12 -2.91
CG MSE B 274 -15.69 -16.03 -3.94
SE MSE B 274 -15.82 -17.54 -5.22
CE MSE B 274 -13.99 -18.29 -5.26
N ASP B 275 -13.22 -16.75 -0.12
CA ASP B 275 -12.04 -16.70 0.74
C ASP B 275 -12.39 -16.66 2.23
N GLN B 276 -12.11 -17.75 2.94
CA GLN B 276 -12.39 -17.84 4.37
C GLN B 276 -11.35 -17.14 5.24
N TRP B 277 -10.27 -16.64 4.63
CA TRP B 277 -9.25 -15.92 5.39
C TRP B 277 -9.51 -14.43 5.35
N GLY B 278 -9.51 -13.87 4.14
CA GLY B 278 -9.76 -12.46 3.98
C GLY B 278 -8.69 -11.53 4.54
N ILE B 279 -7.44 -11.97 4.56
CA ILE B 279 -6.36 -11.14 5.07
C ILE B 279 -5.39 -10.71 3.99
N GLY B 280 -5.53 -11.29 2.80
CA GLY B 280 -4.63 -10.92 1.70
C GLY B 280 -5.14 -9.72 0.92
N THR B 281 -4.75 -9.63 -0.34
CA THR B 281 -5.19 -8.53 -1.19
C THR B 281 -5.71 -9.08 -2.52
N GLY B 282 -6.05 -8.15 -3.41
CA GLY B 282 -6.56 -8.51 -4.72
C GLY B 282 -7.89 -9.20 -4.62
N GLY B 283 -8.29 -9.84 -5.70
CA GLY B 283 -9.54 -10.55 -5.72
C GLY B 283 -9.73 -10.89 -7.17
N PRO B 284 -10.79 -11.65 -7.49
CA PRO B 284 -10.99 -11.99 -8.90
C PRO B 284 -11.10 -10.71 -9.75
N GLN B 285 -11.50 -9.61 -9.12
CA GLN B 285 -11.63 -8.34 -9.82
C GLN B 285 -10.26 -7.76 -10.24
N THR B 286 -9.19 -8.39 -9.77
CA THR B 286 -7.83 -7.90 -10.07
C THR B 286 -6.96 -8.82 -10.94
N LEU B 287 -7.62 -9.71 -11.68
CA LEU B 287 -6.95 -10.65 -12.59
C LEU B 287 -7.51 -10.35 -13.97
N PRO B 288 -6.83 -10.77 -15.03
CA PRO B 288 -7.39 -10.46 -16.35
C PRO B 288 -8.79 -10.99 -16.61
N HIS B 289 -9.55 -10.20 -17.37
CA HIS B 289 -10.92 -10.56 -17.73
C HIS B 289 -10.81 -11.62 -18.81
N PRO B 290 -11.61 -12.69 -18.69
CA PRO B 290 -11.57 -13.76 -19.68
C PRO B 290 -12.02 -13.27 -21.05
N HIS B 291 -11.41 -13.83 -22.09
CA HIS B 291 -11.74 -13.51 -23.47
C HIS B 291 -11.75 -14.82 -24.25
N ALA B 292 -12.66 -14.94 -25.21
CA ALA B 292 -12.75 -16.15 -26.01
C ALA B 292 -11.36 -16.55 -26.44
N ASN B 293 -11.07 -17.84 -26.44
CA ASN B 293 -9.76 -18.29 -26.84
C ASN B 293 -9.61 -18.16 -28.35
N PRO B 294 -8.54 -17.47 -28.82
CA PRO B 294 -8.30 -17.28 -30.25
C PRO B 294 -8.23 -18.61 -30.99
N GLY B 295 -8.95 -18.71 -32.11
CA GLY B 295 -8.93 -19.93 -32.90
C GLY B 295 -9.86 -21.04 -32.45
N LEU B 296 -11.11 -20.70 -32.12
CA LEU B 296 -12.03 -21.74 -31.70
C LEU B 296 -12.21 -22.79 -32.79
N PHE B 297 -12.18 -24.07 -32.40
CA PHE B 297 -12.34 -25.18 -33.33
C PHE B 297 -11.22 -25.21 -34.35
N GLN B 298 -10.07 -24.66 -33.96
CA GLN B 298 -8.91 -24.64 -34.83
C GLN B 298 -7.66 -25.10 -34.09
N THR B 299 -6.92 -26.02 -34.70
CA THR B 299 -5.69 -26.52 -34.09
C THR B 299 -4.64 -25.43 -34.18
N ALA B 300 -3.59 -25.55 -33.38
CA ALA B 300 -2.51 -24.57 -33.39
C ALA B 300 -1.92 -24.47 -34.80
N GLU B 301 -2.14 -25.49 -35.62
CA GLU B 301 -1.65 -25.48 -37.00
C GLU B 301 -2.24 -24.25 -37.70
N ALA B 302 -3.56 -24.27 -37.83
CA ALA B 302 -4.30 -23.20 -38.46
C ALA B 302 -3.64 -21.81 -38.44
N GLU B 303 -3.22 -21.34 -37.26
CA GLU B 303 -2.60 -20.00 -37.14
C GLU B 303 -1.88 -19.54 -38.40
N LEU C 3 53.13 -3.78 7.50
CA LEU C 3 53.23 -4.85 6.45
C LEU C 3 52.27 -4.38 5.35
N SER C 4 52.37 -4.97 4.16
CA SER C 4 51.49 -4.55 3.07
C SER C 4 50.07 -5.09 3.24
N ARG C 5 49.09 -4.25 2.90
CA ARG C 5 47.69 -4.61 3.07
C ARG C 5 46.83 -4.08 1.95
N VAL C 6 45.58 -4.52 1.94
CA VAL C 6 44.62 -4.04 0.95
C VAL C 6 44.31 -2.61 1.38
N THR C 7 44.15 -1.70 0.42
CA THR C 7 43.91 -0.32 0.77
C THR C 7 42.58 0.25 0.29
N GLU C 8 41.95 -0.41 -0.69
CA GLU C 8 40.66 -0.01 -1.25
C GLU C 8 40.05 -1.17 -2.01
N ILE C 9 38.85 -0.93 -2.55
CA ILE C 9 38.16 -1.92 -3.37
C ILE C 9 38.24 -1.29 -4.76
N ARG C 10 38.39 -2.11 -5.80
CA ARG C 10 38.46 -1.57 -7.15
C ARG C 10 37.15 -1.76 -7.88
N TYR C 11 36.75 -3.01 -8.07
CA TYR C 11 35.51 -3.27 -8.78
C TYR C 11 34.97 -4.66 -8.49
N VAL C 12 33.78 -4.92 -8.98
CA VAL C 12 33.15 -6.22 -8.80
C VAL C 12 32.76 -6.72 -10.19
N GLY C 13 33.32 -7.86 -10.57
CA GLY C 13 33.00 -8.45 -11.86
C GLY C 13 31.82 -9.40 -11.73
N TYR C 14 30.77 -9.12 -12.48
CA TYR C 14 29.59 -9.95 -12.45
C TYR C 14 29.45 -10.83 -13.68
N GLY C 15 28.85 -12.00 -13.48
CA GLY C 15 28.58 -12.91 -14.56
C GLY C 15 27.06 -12.83 -14.58
N VAL C 16 26.51 -12.31 -15.67
CA VAL C 16 25.08 -12.14 -15.74
C VAL C 16 24.38 -12.69 -16.97
N LYS C 17 23.27 -13.39 -16.72
CA LYS C 17 22.44 -13.97 -17.77
C LYS C 17 21.91 -12.79 -18.58
N ASP C 18 20.97 -12.05 -18.00
CA ASP C 18 20.38 -10.90 -18.70
C ASP C 18 21.39 -9.79 -18.93
N PHE C 19 22.46 -10.11 -19.67
CA PHE C 19 23.52 -9.16 -19.99
C PHE C 19 23.05 -7.79 -20.45
N ASP C 20 22.10 -7.76 -21.39
CA ASP C 20 21.62 -6.48 -21.90
C ASP C 20 20.82 -5.67 -20.89
N ALA C 21 19.89 -6.33 -20.20
CA ALA C 21 19.07 -5.62 -19.22
C ALA C 21 19.97 -5.00 -18.15
N GLU C 22 20.97 -5.76 -17.71
CA GLU C 22 21.89 -5.30 -16.68
C GLU C 22 22.79 -4.17 -17.18
N LYS C 23 23.11 -4.16 -18.47
CA LYS C 23 23.95 -3.12 -19.05
C LYS C 23 23.23 -1.77 -19.05
N ALA C 24 21.96 -1.81 -19.47
CA ALA C 24 21.13 -0.62 -19.53
C ALA C 24 20.94 -0.06 -18.12
N PHE C 25 20.74 -0.96 -17.17
CA PHE C 25 20.54 -0.60 -15.77
C PHE C 25 21.65 0.30 -15.26
N TYR C 26 22.88 -0.20 -15.30
CA TYR C 26 24.03 0.56 -14.80
C TYR C 26 24.31 1.90 -15.44
N ALA C 27 23.99 2.03 -16.73
CA ALA C 27 24.26 3.27 -17.42
C ALA C 27 23.09 4.23 -17.54
N ASP C 28 21.89 3.69 -17.71
CA ASP C 28 20.71 4.54 -17.87
C ASP C 28 19.86 4.71 -16.62
N VAL C 29 20.10 3.86 -15.62
CA VAL C 29 19.35 3.89 -14.38
C VAL C 29 20.17 4.14 -13.11
N TRP C 30 21.17 3.29 -12.87
CA TRP C 30 22.00 3.42 -11.68
C TRP C 30 22.93 4.62 -11.64
N GLY C 31 23.18 5.22 -12.80
CA GLY C 31 24.05 6.38 -12.84
C GLY C 31 25.55 6.14 -12.98
N LEU C 32 25.96 4.99 -13.47
CA LEU C 32 27.39 4.73 -13.67
C LEU C 32 27.74 5.12 -15.10
N GLU C 33 29.01 5.42 -15.35
CA GLU C 33 29.45 5.83 -16.67
C GLU C 33 30.05 4.71 -17.49
N PRO C 34 29.54 4.49 -18.70
CA PRO C 34 30.15 3.41 -19.49
C PRO C 34 31.59 3.78 -19.78
N VAL C 35 32.49 2.80 -19.72
CA VAL C 35 33.90 3.03 -20.01
C VAL C 35 34.36 2.15 -21.16
N GLY C 36 33.58 1.13 -21.49
CA GLY C 36 33.97 0.26 -22.58
C GLY C 36 33.08 -0.96 -22.73
N GLU C 37 32.92 -1.40 -23.97
CA GLU C 37 32.12 -2.57 -24.31
C GLU C 37 32.87 -3.48 -25.25
N ASP C 38 32.42 -4.72 -25.29
CA ASP C 38 32.99 -5.76 -26.12
C ASP C 38 31.84 -6.75 -26.34
N ALA C 39 31.92 -7.55 -27.39
CA ALA C 39 30.85 -8.50 -27.68
C ALA C 39 30.35 -9.26 -26.46
N ASN C 40 31.26 -9.56 -25.53
CA ASN C 40 30.89 -10.29 -24.32
C ASN C 40 31.06 -9.59 -22.95
N ASN C 41 31.62 -8.38 -22.95
CA ASN C 41 31.80 -7.68 -21.68
C ASN C 41 31.38 -6.22 -21.72
N ALA C 42 31.30 -5.60 -20.54
CA ALA C 42 30.91 -4.20 -20.41
C ALA C 42 31.53 -3.65 -19.13
N TRP C 43 32.16 -2.49 -19.23
CA TRP C 43 32.81 -1.85 -18.07
C TRP C 43 32.20 -0.49 -17.82
N PHE C 44 31.89 -0.24 -16.56
CA PHE C 44 31.29 1.02 -16.15
C PHE C 44 32.16 1.56 -15.05
N LYS C 45 32.03 2.84 -14.77
CA LYS C 45 32.82 3.47 -13.74
C LYS C 45 31.97 4.49 -12.99
N ALA C 46 32.40 4.87 -11.79
CA ALA C 46 31.67 5.84 -10.98
C ALA C 46 32.12 7.25 -11.34
N GLN C 47 31.19 8.08 -11.75
CA GLN C 47 31.48 9.44 -12.15
C GLN C 47 32.22 10.27 -11.10
N GLY C 48 32.06 9.93 -9.83
CA GLY C 48 32.73 10.69 -8.80
C GLY C 48 34.03 10.13 -8.29
N ALA C 49 34.62 9.16 -8.98
CA ALA C 49 35.88 8.56 -8.54
C ALA C 49 36.82 8.29 -9.73
N ASP C 50 38.13 8.36 -9.49
CA ASP C 50 39.07 8.14 -10.59
C ASP C 50 39.40 6.67 -10.89
N GLU C 51 38.81 5.73 -10.15
CA GLU C 51 39.06 4.28 -10.36
C GLU C 51 38.60 3.94 -11.78
N HIS C 52 39.45 3.24 -12.53
CA HIS C 52 39.13 2.89 -13.92
C HIS C 52 37.70 2.42 -14.13
N HIS C 53 37.33 1.33 -13.46
CA HIS C 53 35.97 0.82 -13.54
C HIS C 53 35.59 0.23 -12.19
N VAL C 54 34.31 0.33 -11.84
CA VAL C 54 33.87 -0.19 -10.55
C VAL C 54 33.00 -1.42 -10.73
N VAL C 55 32.51 -1.63 -11.94
CA VAL C 55 31.70 -2.80 -12.24
C VAL C 55 32.10 -3.40 -13.58
N GLN C 56 32.09 -4.73 -13.66
CA GLN C 56 32.40 -5.42 -14.90
C GLN C 56 31.33 -6.47 -15.17
N LEU C 57 30.73 -6.41 -16.35
CA LEU C 57 29.70 -7.36 -16.72
C LEU C 57 30.22 -8.27 -17.84
N ARG C 58 30.02 -9.58 -17.65
CA ARG C 58 30.41 -10.60 -18.61
C ARG C 58 29.18 -11.42 -18.96
N ARG C 59 28.83 -11.50 -20.25
CA ARG C 59 27.66 -12.28 -20.64
C ARG C 59 27.92 -13.73 -20.22
N ALA C 60 27.02 -14.30 -19.44
CA ALA C 60 27.23 -15.66 -18.94
C ALA C 60 25.97 -16.51 -19.00
N ASP C 61 26.16 -17.82 -18.90
CA ASP C 61 25.03 -18.75 -18.96
C ASP C 61 24.31 -18.86 -17.61
N GLU C 62 24.78 -18.09 -16.63
CA GLU C 62 24.21 -18.12 -15.28
C GLU C 62 24.77 -16.93 -14.48
N ASN C 63 24.05 -16.50 -13.46
CA ASN C 63 24.49 -15.37 -12.65
C ASN C 63 25.43 -15.79 -11.54
N ARG C 64 26.52 -15.06 -11.41
CA ARG C 64 27.51 -15.36 -10.37
C ARG C 64 28.48 -14.18 -10.26
N ILE C 65 29.34 -14.24 -9.25
CA ILE C 65 30.34 -13.20 -9.07
C ILE C 65 31.63 -13.82 -9.58
N ASP C 66 32.18 -13.22 -10.64
CA ASP C 66 33.41 -13.72 -11.22
C ASP C 66 34.59 -13.31 -10.35
N VAL C 67 34.62 -12.03 -9.96
CA VAL C 67 35.73 -11.54 -9.15
C VAL C 67 35.43 -10.33 -8.26
N ILE C 68 36.21 -10.21 -7.19
CA ILE C 68 36.11 -9.07 -6.29
C ILE C 68 37.53 -8.52 -6.26
N ALA C 69 37.75 -7.42 -6.97
CA ALA C 69 39.07 -6.83 -7.08
C ALA C 69 39.39 -5.78 -6.03
N LEU C 70 40.45 -6.04 -5.27
CA LEU C 70 40.91 -5.13 -4.23
C LEU C 70 42.19 -4.42 -4.67
N ALA C 71 42.45 -3.28 -4.05
CA ALA C 71 43.63 -2.50 -4.40
C ALA C 71 44.78 -2.62 -3.41
N ALA C 72 46.00 -2.59 -3.95
CA ALA C 72 47.24 -2.63 -3.17
C ALA C 72 48.07 -1.43 -3.67
N ASP C 73 48.83 -0.80 -2.79
CA ASP C 73 49.61 0.37 -3.19
C ASP C 73 50.66 0.18 -4.26
N SER C 74 51.60 -0.74 -4.06
CA SER C 74 52.66 -0.96 -5.04
C SER C 74 52.83 -2.40 -5.46
N ARG C 75 53.67 -2.58 -6.48
CA ARG C 75 54.01 -3.87 -7.05
C ARG C 75 54.57 -4.78 -5.96
N SER C 76 55.39 -4.22 -5.07
CA SER C 76 55.96 -5.04 -4.00
C SER C 76 54.91 -5.37 -2.93
N ASP C 77 53.77 -4.69 -2.98
CA ASP C 77 52.72 -4.96 -1.99
C ASP C 77 51.86 -6.09 -2.53
N VAL C 78 51.71 -6.13 -3.85
CA VAL C 78 50.92 -7.16 -4.50
C VAL C 78 51.62 -8.51 -4.29
N ASP C 79 52.95 -8.50 -4.33
CA ASP C 79 53.70 -9.73 -4.15
C ASP C 79 53.62 -10.19 -2.70
N ALA C 80 53.75 -9.25 -1.78
CA ALA C 80 53.69 -9.60 -0.36
C ALA C 80 52.37 -10.28 -0.02
N LEU C 81 51.27 -9.76 -0.55
CA LEU C 81 49.98 -10.36 -0.29
C LEU C 81 49.90 -11.69 -1.04
N ARG C 82 50.63 -11.80 -2.16
CA ARG C 82 50.63 -13.05 -2.92
C ARG C 82 51.23 -14.17 -2.07
N ALA C 83 52.28 -13.84 -1.34
CA ALA C 83 52.94 -14.83 -0.48
C ALA C 83 52.07 -15.09 0.75
N SER C 84 51.50 -14.02 1.30
CA SER C 84 50.66 -14.09 2.49
C SER C 84 49.43 -14.97 2.26
N VAL C 85 48.85 -14.85 1.06
CA VAL C 85 47.68 -15.66 0.72
C VAL C 85 48.09 -17.12 0.66
N GLU C 86 49.23 -17.39 0.03
CA GLU C 86 49.75 -18.76 -0.09
C GLU C 86 49.94 -19.32 1.31
N ALA C 87 50.62 -18.55 2.15
CA ALA C 87 50.89 -18.96 3.51
C ALA C 87 49.59 -19.38 4.21
N ALA C 88 48.52 -18.63 3.96
CA ALA C 88 47.23 -18.92 4.57
C ALA C 88 46.50 -20.12 3.95
N GLY C 89 47.15 -20.78 2.98
CA GLY C 89 46.55 -21.95 2.36
C GLY C 89 45.54 -21.78 1.22
N CYS C 90 45.46 -20.58 0.64
CA CYS C 90 44.50 -20.36 -0.43
C CYS C 90 44.97 -20.87 -1.78
N LYS C 91 44.00 -21.18 -2.64
CA LYS C 91 44.26 -21.62 -4.00
C LYS C 91 44.60 -20.34 -4.75
N VAL C 92 45.71 -20.33 -5.46
CA VAL C 92 46.09 -19.14 -6.21
C VAL C 92 45.80 -19.39 -7.66
N ALA C 93 44.86 -18.63 -8.20
CA ALA C 93 44.43 -18.80 -9.59
C ALA C 93 45.36 -18.16 -10.61
N SER C 94 46.24 -17.25 -10.17
CA SER C 94 47.16 -16.55 -11.06
C SER C 94 48.36 -15.98 -10.33
N GLU C 95 49.47 -15.83 -11.03
CA GLU C 95 50.66 -15.26 -10.41
C GLU C 95 50.75 -13.78 -10.77
N PRO C 96 51.32 -12.96 -9.86
CA PRO C 96 51.48 -11.51 -10.05
C PRO C 96 52.10 -11.14 -11.39
N ALA C 97 51.35 -10.44 -12.22
CA ALA C 97 51.83 -10.03 -13.54
C ALA C 97 51.00 -8.87 -14.10
N VAL C 98 51.51 -8.24 -15.16
CA VAL C 98 50.78 -7.15 -15.79
C VAL C 98 49.42 -7.71 -16.21
N LEU C 99 48.36 -6.96 -15.97
CA LEU C 99 47.01 -7.43 -16.29
C LEU C 99 46.53 -7.03 -17.66
N ALA C 100 45.91 -7.97 -18.35
CA ALA C 100 45.38 -7.72 -19.69
C ALA C 100 44.02 -7.03 -19.64
N THR C 101 43.41 -6.99 -18.45
CA THR C 101 42.11 -6.36 -18.30
C THR C 101 42.22 -4.84 -18.45
N PRO C 102 41.09 -4.15 -18.70
CA PRO C 102 41.06 -2.69 -18.89
C PRO C 102 41.79 -1.90 -17.80
N GLY C 103 42.49 -0.85 -18.22
CA GLY C 103 43.23 -0.01 -17.30
C GLY C 103 44.45 -0.71 -16.73
N GLY C 104 44.78 -1.86 -17.30
CA GLY C 104 45.94 -2.62 -16.87
C GLY C 104 46.16 -2.67 -15.36
N GLY C 105 47.43 -2.71 -14.97
CA GLY C 105 47.76 -2.77 -13.56
C GLY C 105 48.56 -4.04 -13.31
N TYR C 106 49.21 -4.12 -12.17
CA TYR C 106 50.00 -5.30 -11.84
C TYR C 106 49.30 -6.06 -10.71
N GLY C 107 48.99 -7.33 -10.93
CA GLY C 107 48.33 -8.11 -9.88
C GLY C 107 48.12 -9.60 -10.10
N PHE C 108 47.51 -10.25 -9.12
CA PHE C 108 47.24 -11.69 -9.15
C PHE C 108 45.81 -12.00 -8.69
N ARG C 109 45.47 -13.29 -8.69
CA ARG C 109 44.16 -13.75 -8.26
C ARG C 109 44.25 -14.99 -7.38
N PHE C 110 43.39 -15.05 -6.37
CA PHE C 110 43.36 -16.17 -5.45
C PHE C 110 41.95 -16.33 -4.94
N PHE C 111 41.59 -17.54 -4.53
CA PHE C 111 40.26 -17.80 -4.01
C PHE C 111 40.30 -17.67 -2.51
N SER C 112 39.19 -17.22 -1.94
CA SER C 112 39.07 -17.07 -0.51
C SER C 112 38.75 -18.46 0.05
N PRO C 113 39.00 -18.67 1.36
CA PRO C 113 38.73 -19.96 1.98
C PRO C 113 37.32 -20.48 1.65
N ASP C 114 36.46 -19.61 1.15
CA ASP C 114 35.10 -20.04 0.80
C ASP C 114 34.91 -20.38 -0.69
N GLY C 115 35.86 -19.99 -1.54
CA GLY C 115 35.73 -20.30 -2.96
C GLY C 115 35.34 -19.13 -3.85
N LEU C 116 35.36 -17.93 -3.27
CA LEU C 116 35.03 -16.71 -4.02
C LEU C 116 36.32 -16.13 -4.56
N LEU C 117 36.37 -15.88 -5.87
CA LEU C 117 37.58 -15.34 -6.50
C LEU C 117 37.84 -13.86 -6.22
N PHE C 118 39.05 -13.56 -5.77
CA PHE C 118 39.45 -12.20 -5.47
C PHE C 118 40.66 -11.81 -6.33
N GLU C 119 40.90 -10.51 -6.40
CA GLU C 119 42.03 -9.98 -7.13
C GLU C 119 42.67 -8.86 -6.32
N VAL C 120 43.98 -8.78 -6.40
CA VAL C 120 44.70 -7.75 -5.70
C VAL C 120 45.64 -7.16 -6.74
N SER C 121 45.63 -5.85 -6.89
CA SER C 121 46.48 -5.23 -7.87
C SER C 121 46.86 -3.82 -7.51
N SER C 122 47.92 -3.36 -8.16
CA SER C 122 48.42 -2.01 -7.94
C SER C 122 48.53 -1.31 -9.29
N ASP C 123 48.93 -0.06 -9.22
CA ASP C 123 49.14 0.77 -10.39
C ASP C 123 48.17 0.57 -11.58
N VAL C 124 46.87 0.62 -11.29
CA VAL C 124 45.86 0.49 -12.36
C VAL C 124 45.60 1.89 -12.89
N ALA C 125 45.53 2.03 -14.20
CA ALA C 125 45.29 3.34 -14.80
C ALA C 125 44.14 4.09 -14.12
N LYS C 126 44.18 5.42 -14.18
CA LYS C 126 43.13 6.23 -13.60
C LYS C 126 42.20 6.70 -14.69
N GLY C 127 40.98 7.03 -14.30
CA GLY C 127 40.01 7.51 -15.26
C GLY C 127 39.63 8.91 -14.83
N ALA C 128 38.66 9.50 -15.52
CA ALA C 128 38.19 10.84 -15.22
C ALA C 128 37.51 10.91 -13.85
N LYS C 129 37.34 12.12 -13.32
CA LYS C 129 36.65 12.29 -12.04
C LYS C 129 36.35 13.76 -11.81
N ARG C 130 35.08 14.03 -11.51
CA ARG C 130 34.65 15.40 -11.26
C ARG C 130 34.01 15.45 -9.89
N ASP C 131 33.89 16.66 -9.36
CA ASP C 131 33.23 16.88 -8.08
C ASP C 131 31.76 17.04 -8.45
N LEU C 132 30.94 16.07 -8.05
CA LEU C 132 29.52 16.09 -8.35
C LEU C 132 28.81 17.22 -7.63
N ALA C 133 27.79 17.78 -8.27
CA ALA C 133 27.00 18.83 -7.64
C ALA C 133 25.88 18.10 -6.91
N ARG C 134 25.33 18.75 -5.90
CA ARG C 134 24.23 18.13 -5.16
C ARG C 134 23.03 18.01 -6.09
N TRP C 135 22.24 16.96 -5.85
CA TRP C 135 21.01 16.63 -6.57
C TRP C 135 21.19 15.83 -7.85
N GLU C 136 22.42 15.46 -8.17
CA GLU C 136 22.66 14.67 -9.36
C GLU C 136 22.12 13.27 -9.18
N GLY C 137 22.14 12.79 -7.94
CA GLY C 137 21.63 11.45 -7.66
C GLY C 137 22.43 10.30 -8.28
N VAL C 138 23.71 10.49 -8.44
CA VAL C 138 24.52 9.43 -9.01
C VAL C 138 25.67 9.04 -8.10
N PRO C 139 26.17 7.81 -8.26
CA PRO C 139 27.27 7.33 -7.43
C PRO C 139 28.57 8.15 -7.51
N VAL C 140 29.14 8.40 -6.34
CA VAL C 140 30.39 9.13 -6.22
C VAL C 140 31.53 8.11 -6.28
N LYS C 141 31.33 6.97 -5.63
CA LYS C 141 32.34 5.91 -5.59
C LYS C 141 31.67 4.68 -4.97
N ILE C 142 32.41 3.60 -4.79
CA ILE C 142 31.84 2.41 -4.14
C ILE C 142 31.98 2.63 -2.63
N SER C 143 30.96 2.25 -1.87
CA SER C 143 31.05 2.45 -0.43
C SER C 143 31.48 1.19 0.32
N HIS C 144 30.85 0.07 -0.01
CA HIS C 144 31.18 -1.18 0.64
C HIS C 144 30.60 -2.37 -0.10
N ILE C 145 31.07 -3.54 0.32
CA ILE C 145 30.63 -4.81 -0.24
C ILE C 145 30.33 -5.66 0.98
N VAL C 146 29.26 -6.45 0.89
CA VAL C 146 28.91 -7.33 1.98
C VAL C 146 28.93 -8.74 1.45
N LEU C 147 29.50 -9.65 2.23
CA LEU C 147 29.62 -11.04 1.83
C LEU C 147 29.12 -12.02 2.87
N HIS C 148 28.64 -13.15 2.38
CA HIS C 148 28.16 -14.22 3.24
C HIS C 148 29.26 -15.28 3.30
N SER C 149 29.36 -15.94 4.44
CA SER C 149 30.36 -16.96 4.62
C SER C 149 29.86 -18.12 5.48
N PRO C 150 30.24 -19.34 5.12
CA PRO C 150 29.88 -20.59 5.81
C PRO C 150 30.50 -20.59 7.20
N ASN C 151 31.60 -19.90 7.34
CA ASN C 151 32.28 -19.80 8.62
C ASN C 151 32.80 -18.36 8.67
N HIS C 152 31.91 -17.45 9.08
CA HIS C 152 32.24 -16.03 9.14
C HIS C 152 33.35 -15.58 10.10
N GLN C 153 33.46 -16.19 11.27
CA GLN C 153 34.53 -15.81 12.21
C GLN C 153 35.87 -15.97 11.51
N ASP C 154 36.05 -17.11 10.83
CA ASP C 154 37.30 -17.36 10.12
C ASP C 154 37.48 -16.41 8.95
N MSE C 155 36.39 -16.09 8.26
CA MSE C 155 36.47 -15.16 7.13
C MSE C 155 36.88 -13.78 7.65
O MSE C 155 37.60 -13.04 6.98
CB MSE C 155 35.13 -15.10 6.38
CG MSE C 155 35.15 -14.36 5.04
SE MSE C 155 36.70 -14.77 3.82
CE MSE C 155 36.30 -16.63 3.34
N VAL C 156 36.41 -13.43 8.84
CA VAL C 156 36.77 -12.16 9.42
C VAL C 156 38.29 -12.11 9.67
N LYS C 157 38.85 -13.21 10.17
CA LYS C 157 40.28 -13.31 10.47
C LYS C 157 41.16 -13.34 9.22
N PHE C 158 40.64 -13.91 8.15
CA PHE C 158 41.41 -13.95 6.90
C PHE C 158 41.58 -12.49 6.49
N PHE C 159 40.48 -11.76 6.46
CA PHE C 159 40.48 -10.36 6.10
C PHE C 159 41.37 -9.47 6.99
N THR C 160 41.42 -9.78 8.27
CA THR C 160 42.23 -8.99 9.19
C THR C 160 43.70 -9.42 9.17
N ASP C 161 43.95 -10.71 9.31
CA ASP C 161 45.31 -11.25 9.37
C ASP C 161 46.04 -11.45 8.04
N VAL C 162 45.29 -11.64 6.95
CA VAL C 162 45.94 -11.82 5.66
C VAL C 162 45.86 -10.56 4.80
N LEU C 163 44.66 -10.02 4.64
CA LEU C 163 44.46 -8.84 3.81
C LEU C 163 44.71 -7.52 4.51
N GLY C 164 44.72 -7.52 5.84
CA GLY C 164 45.02 -6.29 6.55
C GLY C 164 43.87 -5.39 6.93
N PHE C 165 42.65 -5.88 6.83
CA PHE C 165 41.50 -5.08 7.23
C PHE C 165 41.49 -5.01 8.76
N LYS C 166 40.76 -4.04 9.32
CA LYS C 166 40.66 -3.93 10.77
C LYS C 166 39.17 -3.92 11.08
N VAL C 167 38.79 -4.40 12.27
CA VAL C 167 37.39 -4.45 12.69
C VAL C 167 36.91 -3.11 13.20
N SER C 168 35.81 -2.61 12.63
CA SER C 168 35.24 -1.32 13.06
C SER C 168 33.99 -1.48 13.93
N ASP C 169 33.24 -2.54 13.70
CA ASP C 169 32.04 -2.76 14.49
C ASP C 169 31.54 -4.18 14.35
N TRP C 170 30.68 -4.56 15.28
CA TRP C 170 30.07 -5.88 15.26
C TRP C 170 28.59 -5.72 15.57
N LEU C 171 27.79 -6.50 14.89
CA LEU C 171 26.36 -6.50 15.11
C LEU C 171 26.23 -7.81 15.85
N GLY C 172 26.20 -7.76 17.18
CA GLY C 172 26.12 -8.98 17.94
C GLY C 172 27.35 -9.79 17.56
N ASP C 173 27.15 -11.03 17.13
CA ASP C 173 28.27 -11.85 16.74
C ASP C 173 28.09 -12.45 15.36
N PHE C 174 27.19 -11.88 14.57
CA PHE C 174 26.95 -12.39 13.23
C PHE C 174 27.36 -11.49 12.07
N MSE C 175 27.48 -10.19 12.31
CA MSE C 175 27.90 -9.30 11.23
C MSE C 175 29.06 -8.40 11.62
O MSE C 175 28.95 -7.61 12.54
CB MSE C 175 26.75 -8.43 10.75
CG MSE C 175 27.11 -7.64 9.51
SE MSE C 175 25.60 -6.65 8.84
CE MSE C 175 26.23 -6.06 7.08
N CYS C 176 30.15 -8.53 10.88
CA CYS C 176 31.34 -7.74 11.15
C CYS C 176 31.58 -6.71 10.06
N PHE C 177 32.04 -5.53 10.48
CA PHE C 177 32.31 -4.44 9.55
C PHE C 177 33.81 -4.21 9.50
N LEU C 178 34.40 -4.33 8.31
CA LEU C 178 35.84 -4.19 8.15
C LEU C 178 36.30 -3.01 7.32
N ARG C 179 37.30 -2.29 7.82
CA ARG C 179 37.84 -1.12 7.13
C ARG C 179 39.25 -1.39 6.61
N CYS C 180 39.64 -0.65 5.57
CA CYS C 180 40.97 -0.77 4.98
C CYS C 180 41.45 0.63 4.64
N ASN C 181 40.87 1.61 5.34
CA ASN C 181 41.22 3.02 5.20
C ASN C 181 40.32 3.77 6.16
N SER C 182 40.17 5.08 6.01
CA SER C 182 39.36 5.84 6.95
C SER C 182 37.84 5.71 6.86
N ALA C 183 37.31 5.01 5.87
CA ALA C 183 35.86 4.84 5.82
C ALA C 183 35.52 3.80 6.89
N HIS C 184 34.43 4.01 7.62
CA HIS C 184 34.01 3.08 8.66
C HIS C 184 34.27 1.63 8.21
N HIS C 185 33.80 1.30 7.02
CA HIS C 185 34.04 -0.04 6.50
C HIS C 185 33.92 -0.09 4.97
N ARG C 186 34.64 -1.02 4.37
CA ARG C 186 34.60 -1.23 2.93
C ARG C 186 34.11 -2.65 2.67
N ILE C 187 34.18 -3.49 3.70
CA ILE C 187 33.75 -4.87 3.63
C ILE C 187 32.98 -5.22 4.88
N ALA C 188 31.92 -6.01 4.72
CA ALA C 188 31.13 -6.44 5.85
C ALA C 188 30.93 -7.92 5.66
N ILE C 189 31.23 -8.69 6.70
CA ILE C 189 31.09 -10.12 6.62
C ILE C 189 29.90 -10.60 7.42
N LEU C 190 29.15 -11.51 6.80
CA LEU C 190 27.92 -12.03 7.38
C LEU C 190 27.88 -13.53 7.16
N PRO C 191 27.15 -14.28 8.02
CA PRO C 191 27.05 -15.74 7.85
C PRO C 191 26.08 -16.11 6.72
N GLY C 192 26.21 -17.32 6.21
CA GLY C 192 25.35 -17.77 5.13
C GLY C 192 26.16 -18.46 4.06
N PRO C 193 25.53 -18.88 2.96
CA PRO C 193 26.25 -19.56 1.88
C PRO C 193 27.29 -18.62 1.26
N PRO C 194 28.42 -19.18 0.81
CA PRO C 194 29.49 -18.39 0.20
C PRO C 194 29.05 -17.61 -1.02
N CYS C 195 28.78 -16.32 -0.81
CA CYS C 195 28.37 -15.47 -1.90
C CYS C 195 28.43 -14.00 -1.49
N LEU C 196 28.04 -13.14 -2.43
CA LEU C 196 28.03 -11.72 -2.18
C LEU C 196 26.57 -11.31 -2.04
N ASN C 197 26.31 -10.49 -1.02
CA ASN C 197 24.97 -10.01 -0.71
C ASN C 197 24.64 -8.76 -1.52
N HIS C 198 25.41 -7.69 -1.33
CA HIS C 198 25.16 -6.48 -2.09
C HIS C 198 26.40 -5.62 -2.24
N VAL C 199 26.30 -4.62 -3.10
CA VAL C 199 27.39 -3.70 -3.30
C VAL C 199 26.76 -2.33 -3.15
N ALA C 200 27.31 -1.54 -2.25
CA ALA C 200 26.82 -0.20 -1.98
C ALA C 200 27.66 0.81 -2.72
N TYR C 201 27.04 1.95 -3.02
CA TYR C 201 27.65 3.07 -3.73
C TYR C 201 27.44 4.33 -2.91
N ASP C 202 28.49 5.11 -2.76
CA ASP C 202 28.41 6.32 -1.99
C ASP C 202 27.78 7.48 -2.70
N MSE C 203 26.83 8.13 -2.04
CA MSE C 203 26.16 9.29 -2.61
C MSE C 203 26.76 10.53 -1.97
O MSE C 203 27.35 10.46 -0.89
CB MSE C 203 24.66 9.21 -2.35
CG MSE C 203 24.01 7.94 -2.91
SE MSE C 203 24.35 7.67 -4.82
CE MSE C 203 22.68 8.44 -5.57
N LEU C 204 26.62 11.66 -2.65
CA LEU C 204 27.17 12.91 -2.14
C LEU C 204 26.51 13.32 -0.86
N SER C 205 25.19 13.12 -0.81
CA SER C 205 24.38 13.50 0.35
C SER C 205 23.12 12.64 0.47
N VAL C 206 22.42 12.82 1.58
CA VAL C 206 21.18 12.11 1.83
C VAL C 206 20.18 12.52 0.73
N ASP C 207 20.20 13.79 0.33
CA ASP C 207 19.29 14.26 -0.73
C ASP C 207 19.56 13.52 -2.03
N ASP C 208 20.82 13.19 -2.27
CA ASP C 208 21.18 12.48 -3.50
C ASP C 208 20.70 11.04 -3.49
N MSE C 209 20.80 10.37 -2.36
CA MSE C 209 20.31 9.01 -2.27
C MSE C 209 18.82 9.03 -2.60
O MSE C 209 18.33 8.17 -3.34
CB MSE C 209 20.55 8.46 -0.87
CG MSE C 209 19.88 7.11 -0.61
SE MSE C 209 20.07 6.52 1.23
CE MSE C 209 18.43 7.31 1.95
N MSE C 210 18.11 10.01 -2.04
CA MSE C 210 16.67 10.18 -2.26
C MSE C 210 16.40 10.45 -3.73
O MSE C 210 15.51 9.85 -4.33
CB MSE C 210 16.11 11.34 -1.44
CG MSE C 210 16.29 11.25 0.07
SE MSE C 210 15.37 9.70 0.89
CE MSE C 210 15.89 10.03 2.75
N ARG C 211 17.15 11.38 -4.30
CA ARG C 211 16.99 11.74 -5.70
C ARG C 211 17.27 10.52 -6.58
N GLY C 212 18.24 9.72 -6.21
CA GLY C 212 18.54 8.53 -6.98
C GLY C 212 17.44 7.51 -6.82
N ALA C 213 16.98 7.33 -5.59
CA ALA C 213 15.92 6.37 -5.32
C ALA C 213 14.66 6.78 -6.08
N HIS C 214 14.51 8.07 -6.29
CA HIS C 214 13.35 8.57 -7.02
C HIS C 214 13.43 8.19 -8.48
N ARG C 215 14.61 8.38 -9.08
CA ARG C 215 14.79 8.04 -10.48
C ARG C 215 14.55 6.55 -10.68
N LEU C 216 15.09 5.75 -9.78
CA LEU C 216 14.92 4.31 -9.85
C LEU C 216 13.45 3.89 -9.82
N LYS C 217 12.65 4.62 -9.05
CA LYS C 217 11.22 4.36 -8.95
C LYS C 217 10.55 4.60 -10.31
N VAL C 218 10.72 5.80 -10.87
CA VAL C 218 10.11 6.09 -12.16
C VAL C 218 10.69 5.19 -13.24
N LYS C 219 11.92 4.73 -13.06
CA LYS C 219 12.54 3.85 -14.04
C LYS C 219 12.03 2.42 -13.86
N GLY C 220 10.98 2.27 -13.06
CA GLY C 220 10.38 0.96 -12.87
C GLY C 220 10.96 0.03 -11.82
N ILE C 221 11.82 0.54 -10.95
CA ILE C 221 12.41 -0.27 -9.90
C ILE C 221 12.06 0.35 -8.54
N ASP C 222 11.32 -0.38 -7.71
CA ASP C 222 10.93 0.13 -6.40
C ASP C 222 12.03 -0.11 -5.38
N ILE C 223 11.98 0.60 -4.27
CA ILE C 223 12.97 0.42 -3.23
C ILE C 223 12.73 -0.89 -2.50
N GLY C 224 13.72 -1.77 -2.51
CA GLY C 224 13.58 -3.05 -1.84
C GLY C 224 13.53 -2.85 -0.34
N TRP C 225 14.42 -1.99 0.18
CA TRP C 225 14.48 -1.68 1.61
C TRP C 225 15.03 -0.25 1.65
N GLY C 226 14.15 0.74 1.88
CA GLY C 226 14.61 2.11 1.79
C GLY C 226 14.31 3.18 2.80
N PRO C 227 14.83 4.40 2.56
CA PRO C 227 14.59 5.44 3.53
C PRO C 227 14.87 4.85 4.89
N GLY C 228 16.15 4.56 5.12
CA GLY C 228 16.62 4.04 6.38
C GLY C 228 18.03 4.53 6.70
N ARG C 229 18.46 4.30 7.93
CA ARG C 229 19.80 4.69 8.35
C ARG C 229 20.35 3.65 9.33
N HIS C 230 21.44 3.00 8.95
CA HIS C 230 22.03 1.98 9.80
C HIS C 230 22.66 2.61 11.04
N THR C 231 22.99 1.78 12.02
CA THR C 231 23.59 2.24 13.25
C THR C 231 25.09 2.06 13.13
N ALA C 232 25.50 0.87 12.72
CA ALA C 232 26.94 0.59 12.56
C ALA C 232 27.45 1.28 11.30
N GLY C 233 28.08 2.43 11.48
CA GLY C 233 28.59 3.19 10.36
C GLY C 233 27.76 4.44 10.20
N ASN C 234 26.57 4.42 10.82
CA ASN C 234 25.62 5.53 10.80
C ASN C 234 25.22 6.02 9.41
N ASN C 235 25.30 5.13 8.43
CA ASN C 235 24.98 5.52 7.05
C ASN C 235 23.54 5.31 6.60
N THR C 236 23.04 6.24 5.80
CA THR C 236 21.69 6.12 5.25
C THR C 236 21.77 5.06 4.16
N PHE C 237 20.64 4.40 3.89
CA PHE C 237 20.62 3.33 2.91
C PHE C 237 19.36 3.22 2.08
N SER C 238 19.48 2.55 0.94
CA SER C 238 18.38 2.29 0.01
C SER C 238 18.78 1.11 -0.84
N TYR C 239 18.16 -0.04 -0.61
CA TYR C 239 18.48 -1.24 -1.36
C TYR C 239 17.57 -1.46 -2.57
N PHE C 240 18.16 -1.98 -3.63
CA PHE C 240 17.47 -2.24 -4.88
C PHE C 240 17.89 -3.58 -5.47
N VAL C 241 17.04 -4.13 -6.34
CA VAL C 241 17.33 -5.37 -7.01
C VAL C 241 17.48 -5.03 -8.49
N THR C 242 18.63 -5.35 -9.05
CA THR C 242 18.88 -5.06 -10.45
C THR C 242 18.13 -6.09 -11.30
N PRO C 243 17.93 -5.79 -12.60
CA PRO C 243 17.22 -6.73 -13.48
C PRO C 243 17.92 -8.09 -13.48
N GLY C 244 19.23 -8.07 -13.34
CA GLY C 244 19.99 -9.31 -13.29
C GLY C 244 19.72 -10.09 -12.01
N GLY C 245 19.02 -9.47 -11.07
CA GLY C 245 18.70 -10.12 -9.82
C GLY C 245 19.66 -9.86 -8.67
N PHE C 246 20.64 -8.99 -8.90
CA PHE C 246 21.62 -8.67 -7.86
C PHE C 246 21.08 -7.52 -7.03
N VAL C 247 21.73 -7.23 -5.92
CA VAL C 247 21.26 -6.13 -5.11
C VAL C 247 22.32 -5.06 -4.99
N THR C 248 21.90 -3.83 -5.22
CA THR C 248 22.77 -2.69 -5.15
C THR C 248 22.17 -1.69 -4.19
N GLU C 249 23.03 -0.93 -3.55
CA GLU C 249 22.55 0.02 -2.57
C GLU C 249 23.11 1.42 -2.73
N TYR C 250 22.24 2.42 -2.57
CA TYR C 250 22.69 3.80 -2.61
C TYR C 250 22.86 4.12 -1.13
N THR C 251 24.06 4.51 -0.73
CA THR C 251 24.25 4.82 0.67
C THR C 251 24.87 6.18 0.81
N SER C 252 24.85 6.70 2.03
CA SER C 252 25.43 8.01 2.26
C SER C 252 25.71 8.26 3.72
N GLU C 253 26.55 9.27 3.96
CA GLU C 253 26.96 9.68 5.29
C GLU C 253 27.62 8.63 6.16
N LEU C 254 28.34 7.71 5.54
CA LEU C 254 29.07 6.68 6.27
C LEU C 254 30.15 7.41 7.06
N GLU C 255 30.35 7.02 8.30
CA GLU C 255 31.31 7.70 9.17
C GLU C 255 32.79 7.58 8.79
N GLU C 256 33.53 8.66 9.00
CA GLU C 256 34.98 8.68 8.76
C GLU C 256 35.61 8.39 10.11
N VAL C 257 36.58 7.49 10.14
CA VAL C 257 37.25 7.12 11.38
C VAL C 257 38.77 7.16 11.23
N ASP C 258 39.49 6.96 12.34
CA ASP C 258 40.95 6.92 12.30
C ASP C 258 41.31 5.46 12.06
N PHE C 259 41.77 5.15 10.85
CA PHE C 259 42.10 3.79 10.49
C PHE C 259 42.96 3.06 11.50
N ASP C 260 43.95 3.76 12.03
CA ASP C 260 44.86 3.13 12.99
C ASP C 260 44.32 2.96 14.40
N THR C 261 43.50 3.90 14.88
CA THR C 261 43.02 3.84 16.26
C THR C 261 41.52 3.72 16.55
N HIS C 262 40.69 3.49 15.54
CA HIS C 262 39.26 3.39 15.80
C HIS C 262 38.95 2.21 16.68
N GLN C 263 38.17 2.46 17.73
CA GLN C 263 37.80 1.41 18.66
C GLN C 263 36.41 0.89 18.25
N TYR C 264 36.37 -0.39 17.90
CA TYR C 264 35.13 -1.01 17.47
C TYR C 264 34.21 -1.28 18.65
N LYS C 265 32.93 -1.46 18.36
CA LYS C 265 31.93 -1.76 19.36
C LYS C 265 31.13 -2.98 18.97
N VAL C 266 30.45 -3.55 19.95
CA VAL C 266 29.61 -4.69 19.70
C VAL C 266 28.17 -4.26 19.91
N HIS C 267 27.53 -3.81 18.84
CA HIS C 267 26.15 -3.38 18.94
C HIS C 267 25.28 -4.61 19.21
N VAL C 268 24.32 -4.44 20.12
CA VAL C 268 23.39 -5.51 20.47
C VAL C 268 22.28 -5.50 19.46
N PRO C 269 22.02 -6.63 18.80
CA PRO C 269 20.95 -6.66 17.79
C PRO C 269 19.60 -6.15 18.32
N ALA C 270 18.89 -5.44 17.46
CA ALA C 270 17.57 -4.88 17.77
C ALA C 270 17.07 -4.27 16.45
N PRO C 271 15.76 -4.30 16.20
CA PRO C 271 15.28 -3.72 14.94
C PRO C 271 15.76 -2.29 14.75
N MSE C 272 15.63 -1.47 15.79
CA MSE C 272 16.06 -0.08 15.72
C MSE C 272 17.55 0.01 15.35
O MSE C 272 18.01 1.01 14.82
CB MSE C 272 15.84 0.60 17.08
CG MSE C 272 16.14 2.10 17.13
SE MSE C 272 16.11 2.88 18.99
CE MSE C 272 18.06 2.75 19.33
N VAL C 273 18.32 -1.04 15.64
CA VAL C 273 19.74 -1.02 15.34
C VAL C 273 19.99 -1.21 13.86
N MSE C 274 19.17 -2.02 13.20
CA MSE C 274 19.32 -2.20 11.76
C MSE C 274 18.92 -0.93 11.04
O MSE C 274 19.54 -0.55 10.05
CB MSE C 274 18.46 -3.34 11.29
CG MSE C 274 18.94 -4.72 11.67
SE MSE C 274 17.86 -5.97 10.58
CE MSE C 274 16.10 -4.97 10.52
N ASP C 275 17.83 -0.32 11.50
CA ASP C 275 17.32 0.91 10.93
C ASP C 275 16.83 1.89 12.02
N GLN C 276 17.49 3.03 12.11
CA GLN C 276 17.15 4.05 13.09
C GLN C 276 16.00 4.96 12.66
N TRP C 277 15.55 4.81 11.42
CA TRP C 277 14.47 5.64 10.90
C TRP C 277 13.12 4.93 10.94
N GLY C 278 13.12 3.66 10.56
CA GLY C 278 11.89 2.87 10.56
C GLY C 278 10.70 3.50 9.87
N ILE C 279 10.93 4.26 8.80
CA ILE C 279 9.81 4.89 8.10
C ILE C 279 9.67 4.49 6.63
N GLY C 280 10.61 3.70 6.15
CA GLY C 280 10.55 3.27 4.77
C GLY C 280 9.75 2.01 4.59
N THR C 281 9.96 1.35 3.46
CA THR C 281 9.26 0.13 3.11
C THR C 281 10.19 -1.06 3.01
N GLY C 282 9.59 -2.25 2.90
CA GLY C 282 10.36 -3.46 2.76
C GLY C 282 11.34 -3.70 3.89
N GLY C 283 12.22 -4.68 3.69
CA GLY C 283 13.21 -4.99 4.68
C GLY C 283 14.16 -6.02 4.09
N PRO C 284 14.98 -6.67 4.91
CA PRO C 284 15.88 -7.65 4.28
C PRO C 284 15.15 -8.88 3.75
N GLN C 285 13.83 -8.95 3.97
CA GLN C 285 13.08 -10.11 3.48
C GLN C 285 12.56 -9.90 2.06
N THR C 286 12.47 -8.65 1.63
CA THR C 286 11.99 -8.37 0.28
C THR C 286 13.14 -8.43 -0.71
N LEU C 287 14.30 -8.84 -0.23
CA LEU C 287 15.48 -8.93 -1.10
C LEU C 287 15.80 -10.39 -1.39
N PRO C 288 16.50 -10.65 -2.50
CA PRO C 288 16.85 -12.02 -2.85
C PRO C 288 17.42 -12.78 -1.66
N HIS C 289 17.21 -14.09 -1.67
CA HIS C 289 17.69 -14.97 -0.63
C HIS C 289 19.04 -15.52 -1.11
N PRO C 290 20.11 -15.39 -0.29
CA PRO C 290 21.47 -15.84 -0.60
C PRO C 290 21.53 -17.30 -1.05
N HIS C 291 22.33 -17.53 -2.08
CA HIS C 291 22.52 -18.87 -2.59
C HIS C 291 23.99 -18.98 -2.94
N ALA C 292 24.60 -20.10 -2.62
CA ALA C 292 26.02 -20.28 -2.92
C ALA C 292 26.38 -19.76 -4.32
N ASN C 293 27.48 -19.04 -4.43
CA ASN C 293 27.91 -18.52 -5.71
C ASN C 293 28.28 -19.69 -6.62
N PRO C 294 27.74 -19.71 -7.86
CA PRO C 294 28.06 -20.81 -8.77
C PRO C 294 29.56 -20.88 -9.06
N GLY C 295 30.10 -22.10 -9.09
CA GLY C 295 31.52 -22.27 -9.40
C GLY C 295 32.53 -21.90 -8.35
N LEU C 296 32.31 -22.33 -7.11
CA LEU C 296 33.27 -22.05 -6.05
C LEU C 296 34.61 -22.63 -6.47
N PHE C 297 35.69 -21.88 -6.27
CA PHE C 297 37.01 -22.35 -6.61
C PHE C 297 37.17 -22.55 -8.12
N GLN C 298 36.25 -22.00 -8.88
CA GLN C 298 36.28 -22.09 -10.34
C GLN C 298 36.37 -20.68 -10.92
N THR C 299 37.07 -20.54 -12.03
CA THR C 299 37.21 -19.25 -12.68
C THR C 299 36.06 -19.03 -13.65
N ALA C 300 35.91 -17.80 -14.11
CA ALA C 300 34.85 -17.47 -15.05
C ALA C 300 35.05 -18.31 -16.30
N GLU C 301 36.30 -18.59 -16.63
CA GLU C 301 36.62 -19.41 -17.81
C GLU C 301 36.00 -20.81 -17.73
N ALA C 302 36.41 -21.56 -16.69
CA ALA C 302 35.97 -22.94 -16.40
C ALA C 302 34.49 -23.29 -16.60
N GLU C 303 33.68 -22.31 -17.01
CA GLU C 303 32.26 -22.50 -17.27
C GLU C 303 32.08 -22.45 -18.80
N LEU D 3 10.63 50.85 12.52
CA LEU D 3 9.46 50.92 13.46
C LEU D 3 9.55 49.73 14.41
N SER D 4 8.51 49.51 15.23
CA SER D 4 8.50 48.36 16.11
C SER D 4 7.71 47.25 15.39
N ARG D 5 8.20 46.02 15.45
CA ARG D 5 7.57 44.91 14.75
C ARG D 5 7.42 43.61 15.55
N VAL D 6 6.74 42.64 14.95
CA VAL D 6 6.54 41.31 15.54
C VAL D 6 7.89 40.61 15.45
N THR D 7 8.28 39.89 16.51
CA THR D 7 9.57 39.22 16.47
C THR D 7 9.53 37.70 16.54
N GLU D 8 8.36 37.14 16.84
CA GLU D 8 8.23 35.69 16.93
C GLU D 8 6.79 35.24 17.02
N ILE D 9 6.62 33.93 17.05
CA ILE D 9 5.33 33.30 17.18
C ILE D 9 5.30 32.76 18.59
N ARG D 10 4.22 32.98 19.31
CA ARG D 10 4.13 32.48 20.67
C ARG D 10 3.41 31.16 20.70
N TYR D 11 2.11 31.18 20.39
CA TYR D 11 1.35 29.96 20.43
C TYR D 11 0.11 30.02 19.57
N VAL D 12 -0.58 28.89 19.50
CA VAL D 12 -1.83 28.80 18.77
C VAL D 12 -2.86 28.19 19.70
N GLY D 13 -4.05 28.78 19.71
CA GLY D 13 -5.13 28.28 20.54
C GLY D 13 -6.20 27.66 19.67
N TYR D 14 -6.48 26.39 19.93
CA TYR D 14 -7.50 25.68 19.16
C TYR D 14 -8.74 25.41 19.98
N GLY D 15 -9.89 25.53 19.34
CA GLY D 15 -11.14 25.20 19.99
C GLY D 15 -11.33 23.84 19.36
N VAL D 16 -11.24 22.78 20.16
CA VAL D 16 -11.38 21.43 19.64
C VAL D 16 -12.56 20.68 20.21
N LYS D 17 -13.32 20.03 19.34
CA LYS D 17 -14.48 19.27 19.79
C LYS D 17 -14.03 18.03 20.57
N ASP D 18 -13.06 17.28 20.05
CA ASP D 18 -12.57 16.09 20.75
C ASP D 18 -11.43 16.50 21.69
N PHE D 19 -11.79 17.25 22.73
CA PHE D 19 -10.82 17.74 23.70
C PHE D 19 -9.84 16.72 24.24
N ASP D 20 -10.36 15.58 24.70
CA ASP D 20 -9.54 14.52 25.28
C ASP D 20 -8.57 13.80 24.34
N ALA D 21 -8.96 13.63 23.09
CA ALA D 21 -8.09 12.96 22.14
C ALA D 21 -6.95 13.88 21.77
N GLU D 22 -7.30 15.09 21.34
CA GLU D 22 -6.32 16.09 20.93
C GLU D 22 -5.34 16.38 22.09
N LYS D 23 -5.87 16.35 23.31
CA LYS D 23 -5.07 16.60 24.50
C LYS D 23 -4.06 15.47 24.73
N ALA D 24 -4.47 14.24 24.48
CA ALA D 24 -3.58 13.10 24.66
C ALA D 24 -2.52 13.16 23.56
N PHE D 25 -2.96 13.53 22.37
CA PHE D 25 -2.09 13.66 21.22
C PHE D 25 -0.82 14.46 21.54
N TYR D 26 -0.99 15.71 21.96
CA TYR D 26 0.17 16.56 22.22
C TYR D 26 1.16 16.12 23.29
N ALA D 27 0.69 15.45 24.34
CA ALA D 27 1.62 15.04 25.38
C ALA D 27 2.19 13.64 25.23
N ASP D 28 1.40 12.72 24.70
CA ASP D 28 1.90 11.34 24.55
C ASP D 28 2.33 10.95 23.14
N VAL D 29 2.04 11.79 22.16
CA VAL D 29 2.39 11.44 20.79
C VAL D 29 3.26 12.49 20.10
N TRP D 30 2.83 13.74 20.14
CA TRP D 30 3.55 14.82 19.47
C TRP D 30 4.84 15.23 20.13
N GLY D 31 4.94 15.05 21.43
CA GLY D 31 6.17 15.42 22.12
C GLY D 31 6.19 16.75 22.83
N LEU D 32 5.03 17.39 23.00
CA LEU D 32 4.98 18.66 23.74
C LEU D 32 4.81 18.29 25.21
N GLU D 33 5.16 19.20 26.11
CA GLU D 33 5.03 18.94 27.53
C GLU D 33 3.94 19.78 28.15
N PRO D 34 2.99 19.13 28.84
CA PRO D 34 1.85 19.76 29.51
C PRO D 34 2.31 20.88 30.44
N VAL D 35 1.67 22.02 30.32
CA VAL D 35 2.02 23.16 31.15
C VAL D 35 0.91 23.40 32.16
N GLY D 36 -0.34 23.42 31.69
CA GLY D 36 -1.46 23.65 32.57
C GLY D 36 -2.73 22.97 32.16
N GLU D 37 -3.67 22.92 33.09
CA GLU D 37 -4.96 22.27 32.86
C GLU D 37 -6.03 22.65 33.86
N ASP D 38 -7.26 22.53 33.38
CA ASP D 38 -8.43 22.79 34.16
C ASP D 38 -9.52 21.93 33.46
N ALA D 39 -10.81 22.20 33.67
CA ALA D 39 -11.82 21.34 33.05
C ALA D 39 -11.94 21.54 31.53
N ASN D 40 -11.81 22.77 31.04
CA ASN D 40 -11.96 23.00 29.58
C ASN D 40 -10.80 23.69 28.88
N ASN D 41 -9.61 23.64 29.49
CA ASN D 41 -8.44 24.23 28.84
C ASN D 41 -7.18 23.38 29.10
N ALA D 42 -6.21 23.52 28.22
CA ALA D 42 -4.97 22.77 28.33
C ALA D 42 -3.86 23.46 27.52
N TRP D 43 -2.78 23.76 28.21
CA TRP D 43 -1.63 24.44 27.63
C TRP D 43 -0.49 23.48 27.46
N PHE D 44 0.25 23.64 26.37
CA PHE D 44 1.38 22.76 26.08
C PHE D 44 2.64 23.55 25.72
N LYS D 45 3.78 22.98 26.07
CA LYS D 45 5.06 23.62 25.87
C LYS D 45 6.03 22.79 25.02
N ALA D 46 6.85 23.46 24.21
CA ALA D 46 7.84 22.76 23.40
C ALA D 46 9.08 22.65 24.27
N GLN D 47 9.66 21.45 24.35
CA GLN D 47 10.83 21.23 25.21
C GLN D 47 12.10 21.97 24.87
N GLY D 48 12.27 22.38 23.62
CA GLY D 48 13.48 23.08 23.23
C GLY D 48 13.41 24.60 23.21
N ALA D 49 12.27 25.14 23.59
CA ALA D 49 12.09 26.59 23.62
C ALA D 49 11.63 27.06 24.99
N ASP D 50 11.93 28.30 25.33
CA ASP D 50 11.52 28.82 26.62
C ASP D 50 10.14 29.49 26.56
N GLU D 51 9.52 29.47 25.39
CA GLU D 51 8.19 30.06 25.23
C GLU D 51 7.29 29.35 26.23
N HIS D 52 6.63 30.12 27.10
CA HIS D 52 5.79 29.54 28.14
C HIS D 52 4.95 28.38 27.66
N HIS D 53 4.19 28.60 26.59
CA HIS D 53 3.38 27.55 26.00
C HIS D 53 3.21 27.87 24.53
N VAL D 54 3.19 26.84 23.70
CA VAL D 54 3.07 27.04 22.27
C VAL D 54 1.74 26.53 21.72
N VAL D 55 1.00 25.80 22.54
CA VAL D 55 -0.28 25.27 22.12
C VAL D 55 -1.31 25.43 23.23
N GLN D 56 -2.53 25.79 22.86
CA GLN D 56 -3.61 25.94 23.82
C GLN D 56 -4.89 25.28 23.32
N LEU D 57 -5.45 24.39 24.12
CA LEU D 57 -6.70 23.74 23.72
C LEU D 57 -7.86 24.23 24.57
N ARG D 58 -9.01 24.39 23.93
CA ARG D 58 -10.22 24.82 24.61
C ARG D 58 -11.29 23.81 24.25
N ARG D 59 -11.93 23.20 25.25
CA ARG D 59 -12.98 22.23 24.98
C ARG D 59 -14.05 23.05 24.26
N ALA D 60 -14.53 22.55 23.12
CA ALA D 60 -15.52 23.31 22.37
C ALA D 60 -16.53 22.43 21.61
N ASP D 61 -17.57 23.07 21.10
CA ASP D 61 -18.60 22.34 20.35
C ASP D 61 -18.21 22.20 18.87
N GLU D 62 -17.29 23.04 18.41
CA GLU D 62 -16.84 23.00 17.04
C GLU D 62 -15.35 23.34 16.95
N ASN D 63 -14.64 22.73 16.00
CA ASN D 63 -13.21 22.97 15.81
C ASN D 63 -12.97 24.33 15.17
N ARG D 64 -11.94 25.04 15.63
CA ARG D 64 -11.62 26.35 15.05
C ARG D 64 -10.30 26.89 15.62
N ILE D 65 -9.84 28.01 15.06
CA ILE D 65 -8.62 28.62 15.55
C ILE D 65 -9.01 29.78 16.48
N ASP D 66 -8.94 29.55 17.78
CA ASP D 66 -9.30 30.59 18.75
C ASP D 66 -8.37 31.80 18.62
N VAL D 67 -7.05 31.58 18.58
CA VAL D 67 -6.11 32.68 18.46
C VAL D 67 -4.72 32.28 17.95
N ILE D 68 -4.04 33.26 17.36
CA ILE D 68 -2.68 33.11 16.85
C ILE D 68 -1.90 34.19 17.58
N ALA D 69 -1.21 33.82 18.65
CA ALA D 69 -0.48 34.79 19.44
C ALA D 69 0.95 35.04 19.01
N LEU D 70 1.23 36.28 18.64
CA LEU D 70 2.55 36.70 18.22
C LEU D 70 3.26 37.38 19.38
N ALA D 71 4.55 37.64 19.22
CA ALA D 71 5.30 38.28 20.28
C ALA D 71 5.98 39.56 19.81
N ALA D 72 5.98 40.55 20.68
CA ALA D 72 6.61 41.82 20.41
C ALA D 72 7.66 41.98 21.51
N ASP D 73 8.70 42.75 21.21
CA ASP D 73 9.80 42.97 22.14
C ASP D 73 9.56 43.74 23.41
N SER D 74 8.63 44.68 23.40
CA SER D 74 8.43 45.49 24.59
C SER D 74 7.02 46.01 24.77
N ARG D 75 6.77 46.56 25.95
CA ARG D 75 5.48 47.12 26.28
C ARG D 75 5.17 48.24 25.28
N SER D 76 6.13 49.14 25.08
CA SER D 76 5.95 50.24 24.14
C SER D 76 5.76 49.66 22.74
N ASP D 77 6.63 48.73 22.35
CA ASP D 77 6.51 48.05 21.05
C ASP D 77 5.08 47.61 20.83
N VAL D 78 4.51 46.98 21.85
CA VAL D 78 3.13 46.49 21.80
C VAL D 78 2.13 47.61 21.48
N ASP D 79 2.18 48.70 22.25
CA ASP D 79 1.28 49.83 22.05
C ASP D 79 1.49 50.38 20.64
N ALA D 80 2.74 50.49 20.22
CA ALA D 80 3.01 50.99 18.88
C ALA D 80 2.15 50.20 17.88
N LEU D 81 2.29 48.87 17.92
CA LEU D 81 1.53 47.97 17.05
C LEU D 81 0.04 48.08 17.27
N ARG D 82 -0.37 48.43 18.49
CA ARG D 82 -1.79 48.58 18.79
C ARG D 82 -2.37 49.76 17.99
N ALA D 83 -1.58 50.83 17.90
CA ALA D 83 -1.97 52.03 17.14
C ALA D 83 -1.81 51.73 15.66
N SER D 84 -0.76 50.99 15.33
CA SER D 84 -0.50 50.60 13.94
C SER D 84 -1.64 49.73 13.40
N VAL D 85 -2.29 48.97 14.28
CA VAL D 85 -3.40 48.09 13.91
C VAL D 85 -4.66 48.93 13.82
N GLU D 86 -4.74 49.88 14.74
CA GLU D 86 -5.86 50.82 14.81
C GLU D 86 -5.96 51.52 13.45
N ALA D 87 -4.81 52.01 12.97
CA ALA D 87 -4.72 52.71 11.70
C ALA D 87 -5.09 51.89 10.48
N ALA D 88 -4.62 50.65 10.41
CA ALA D 88 -4.92 49.80 9.27
C ALA D 88 -6.42 49.52 9.21
N GLY D 89 -7.12 49.81 10.32
CA GLY D 89 -8.55 49.60 10.38
C GLY D 89 -9.06 48.26 10.87
N CYS D 90 -8.27 47.57 11.69
CA CYS D 90 -8.66 46.26 12.21
C CYS D 90 -9.63 46.37 13.38
N LYS D 91 -10.45 45.34 13.59
CA LYS D 91 -11.39 45.36 14.70
C LYS D 91 -10.73 44.89 16.00
N VAL D 92 -10.28 45.84 16.82
CA VAL D 92 -9.65 45.50 18.10
C VAL D 92 -10.63 44.73 18.98
N ALA D 93 -10.11 43.78 19.76
CA ALA D 93 -10.95 42.97 20.63
C ALA D 93 -10.54 43.12 22.10
N SER D 94 -9.36 43.70 22.33
CA SER D 94 -8.87 43.91 23.68
C SER D 94 -7.89 45.06 23.65
N GLU D 95 -7.83 45.84 24.72
CA GLU D 95 -6.89 46.95 24.79
C GLU D 95 -5.62 46.49 25.48
N PRO D 96 -4.44 46.95 25.02
CA PRO D 96 -3.15 46.57 25.62
C PRO D 96 -3.27 46.50 27.15
N ALA D 97 -2.80 45.40 27.75
CA ALA D 97 -2.88 45.27 29.21
C ALA D 97 -2.46 43.88 29.73
N VAL D 98 -2.10 43.80 31.02
CA VAL D 98 -1.71 42.52 31.62
C VAL D 98 -2.69 41.43 31.23
N LEU D 99 -2.14 40.28 30.85
CA LEU D 99 -2.96 39.16 30.42
C LEU D 99 -3.22 38.22 31.58
N ALA D 100 -4.47 37.78 31.71
CA ALA D 100 -4.83 36.86 32.78
C ALA D 100 -4.54 35.41 32.36
N THR D 101 -4.03 35.25 31.15
CA THR D 101 -3.69 33.93 30.62
C THR D 101 -2.36 33.41 31.19
N PRO D 102 -2.17 32.08 31.18
CA PRO D 102 -0.92 31.51 31.72
C PRO D 102 0.31 32.24 31.16
N GLY D 103 1.28 32.48 32.04
CA GLY D 103 2.50 33.16 31.63
C GLY D 103 2.40 34.67 31.74
N GLY D 104 1.19 35.18 31.85
CA GLY D 104 1.02 36.62 31.96
C GLY D 104 1.56 37.37 30.76
N GLY D 105 1.99 38.61 30.99
CA GLY D 105 2.52 39.43 29.91
C GLY D 105 1.61 40.61 29.62
N TYR D 106 2.07 41.47 28.72
CA TYR D 106 1.32 42.65 28.34
C TYR D 106 1.05 42.58 26.85
N GLY D 107 -0.23 42.54 26.47
CA GLY D 107 -0.58 42.47 25.07
C GLY D 107 -2.06 42.64 24.81
N PHE D 108 -2.43 42.66 23.53
CA PHE D 108 -3.82 42.83 23.11
C PHE D 108 -4.18 41.89 21.95
N ARG D 109 -5.48 41.73 21.71
CA ARG D 109 -5.96 40.87 20.63
C ARG D 109 -6.81 41.67 19.65
N PHE D 110 -6.61 41.43 18.36
CA PHE D 110 -7.36 42.11 17.30
C PHE D 110 -7.57 41.10 16.20
N PHE D 111 -8.50 41.39 15.28
CA PHE D 111 -8.77 40.49 14.18
C PHE D 111 -8.02 40.96 12.93
N SER D 112 -7.56 40.02 12.12
CA SER D 112 -6.87 40.38 10.89
C SER D 112 -7.96 40.72 9.87
N PRO D 113 -7.59 41.37 8.76
CA PRO D 113 -8.57 41.72 7.72
C PRO D 113 -9.49 40.56 7.33
N ASP D 114 -9.03 39.34 7.48
CA ASP D 114 -9.84 38.18 7.10
C ASP D 114 -10.66 37.62 8.25
N GLY D 115 -10.51 38.20 9.43
CA GLY D 115 -11.30 37.73 10.55
C GLY D 115 -10.67 36.72 11.49
N LEU D 116 -9.37 36.46 11.35
CA LEU D 116 -8.72 35.53 12.27
C LEU D 116 -8.26 36.34 13.49
N LEU D 117 -8.48 35.80 14.68
CA LEU D 117 -8.11 36.50 15.89
C LEU D 117 -6.63 36.35 16.29
N PHE D 118 -5.90 37.46 16.24
CA PHE D 118 -4.49 37.50 16.60
C PHE D 118 -4.21 38.08 17.98
N GLU D 119 -2.99 37.93 18.46
CA GLU D 119 -2.61 38.49 19.73
C GLU D 119 -1.15 38.88 19.68
N VAL D 120 -0.84 40.06 20.20
CA VAL D 120 0.52 40.56 20.24
C VAL D 120 0.81 40.95 21.69
N SER D 121 1.67 40.19 22.34
CA SER D 121 2.01 40.42 23.73
C SER D 121 3.52 40.43 23.93
N SER D 122 3.95 40.94 25.08
CA SER D 122 5.36 40.99 25.42
C SER D 122 5.53 40.57 26.87
N ASP D 123 6.78 40.33 27.24
CA ASP D 123 7.13 39.96 28.60
C ASP D 123 6.33 38.79 29.16
N VAL D 124 5.98 37.83 28.30
CA VAL D 124 5.26 36.66 28.77
C VAL D 124 6.30 35.87 29.57
N ALA D 125 5.88 35.32 30.70
CA ALA D 125 6.79 34.56 31.54
C ALA D 125 7.53 33.46 30.77
N LYS D 126 8.85 33.41 30.94
CA LYS D 126 9.67 32.41 30.27
C LYS D 126 9.62 31.08 31.01
N GLY D 127 9.56 30.00 30.23
CA GLY D 127 9.52 28.67 30.80
C GLY D 127 10.88 28.03 30.69
N ALA D 128 11.00 26.80 31.19
CA ALA D 128 12.27 26.07 31.14
C ALA D 128 12.60 25.59 29.73
N LYS D 129 13.87 25.52 29.37
CA LYS D 129 14.21 25.01 28.05
C LYS D 129 15.40 24.06 28.11
N ARG D 130 15.39 23.06 27.24
CA ARG D 130 16.46 22.08 27.23
C ARG D 130 17.03 21.91 25.83
N ASP D 131 18.35 21.72 25.75
CA ASP D 131 19.00 21.47 24.48
C ASP D 131 18.82 19.99 24.23
N LEU D 132 17.93 19.64 23.31
CA LEU D 132 17.66 18.24 23.00
C LEU D 132 18.86 17.53 22.44
N ALA D 133 18.86 16.21 22.57
CA ALA D 133 19.94 15.38 22.03
C ALA D 133 19.39 14.73 20.75
N ARG D 134 20.25 14.40 19.81
CA ARG D 134 19.76 13.76 18.60
C ARG D 134 19.06 12.43 18.90
N TRP D 135 17.95 12.20 18.21
CA TRP D 135 17.12 11.01 18.31
C TRP D 135 15.98 11.03 19.32
N GLU D 136 15.74 12.17 19.96
CA GLU D 136 14.62 12.24 20.90
C GLU D 136 13.31 12.27 20.12
N GLY D 137 13.35 12.85 18.94
CA GLY D 137 12.15 12.91 18.11
C GLY D 137 11.04 13.82 18.61
N VAL D 138 11.36 14.75 19.50
CA VAL D 138 10.35 15.68 20.01
C VAL D 138 10.66 17.07 19.47
N PRO D 139 9.65 17.93 19.42
CA PRO D 139 9.80 19.30 18.93
C PRO D 139 10.80 20.17 19.72
N VAL D 140 11.47 21.07 19.02
CA VAL D 140 12.39 21.98 19.67
C VAL D 140 11.62 23.29 19.89
N LYS D 141 10.96 23.77 18.84
CA LYS D 141 10.20 25.02 18.88
C LYS D 141 9.16 24.99 17.77
N ILE D 142 8.40 26.07 17.63
CA ILE D 142 7.42 26.17 16.55
C ILE D 142 8.17 26.72 15.33
N SER D 143 8.15 26.01 14.21
CA SER D 143 8.86 26.47 13.03
C SER D 143 8.10 27.54 12.25
N HIS D 144 6.88 27.25 11.85
CA HIS D 144 6.10 28.22 11.11
C HIS D 144 4.60 27.98 11.16
N ILE D 145 3.86 28.93 10.62
CA ILE D 145 2.41 28.88 10.58
C ILE D 145 1.95 29.31 9.20
N VAL D 146 1.05 28.53 8.61
CA VAL D 146 0.53 28.79 7.28
C VAL D 146 -0.97 29.12 7.34
N LEU D 147 -1.33 30.31 6.86
CA LEU D 147 -2.72 30.75 6.86
C LEU D 147 -3.24 30.91 5.44
N HIS D 148 -4.55 30.81 5.29
CA HIS D 148 -5.17 30.98 3.98
C HIS D 148 -5.83 32.36 3.99
N SER D 149 -5.90 32.97 2.83
CA SER D 149 -6.52 34.28 2.74
C SER D 149 -7.28 34.44 1.44
N PRO D 150 -8.54 34.93 1.52
CA PRO D 150 -9.34 35.13 0.31
C PRO D 150 -8.68 36.19 -0.57
N ASN D 151 -7.85 37.03 0.05
CA ASN D 151 -7.11 38.05 -0.69
C ASN D 151 -5.67 38.01 -0.19
N HIS D 152 -5.04 36.85 -0.39
CA HIS D 152 -3.66 36.62 0.05
C HIS D 152 -2.70 37.75 -0.22
N GLN D 153 -2.83 38.42 -1.37
CA GLN D 153 -1.95 39.53 -1.70
C GLN D 153 -2.00 40.65 -0.65
N ASP D 154 -3.20 41.05 -0.25
CA ASP D 154 -3.32 42.09 0.76
C ASP D 154 -2.88 41.57 2.11
N MSE D 155 -3.27 40.34 2.43
CA MSE D 155 -2.92 39.74 3.71
C MSE D 155 -1.40 39.73 3.91
O MSE D 155 -0.92 39.74 5.04
CB MSE D 155 -3.50 38.33 3.82
CG MSE D 155 -3.29 37.63 5.16
SE MSE D 155 -3.72 38.72 6.77
CE MSE D 155 -5.63 38.21 7.10
N VAL D 156 -0.63 39.75 2.82
CA VAL D 156 0.82 39.76 2.92
C VAL D 156 1.29 41.15 3.30
N LYS D 157 0.75 42.16 2.62
CA LYS D 157 1.10 43.55 2.89
C LYS D 157 0.79 43.89 4.34
N PHE D 158 -0.29 43.32 4.86
CA PHE D 158 -0.66 43.56 6.25
C PHE D 158 0.46 43.06 7.18
N PHE D 159 0.96 41.85 6.93
CA PHE D 159 2.02 41.30 7.77
C PHE D 159 3.34 42.07 7.61
N THR D 160 3.61 42.57 6.42
CA THR D 160 4.83 43.32 6.15
C THR D 160 4.75 44.80 6.52
N ASP D 161 3.69 45.47 6.11
CA ASP D 161 3.52 46.89 6.39
C ASP D 161 2.94 47.17 7.79
N VAL D 162 2.05 46.32 8.25
CA VAL D 162 1.45 46.52 9.56
C VAL D 162 2.19 45.80 10.69
N LEU D 163 2.43 44.49 10.52
CA LEU D 163 3.11 43.70 11.55
C LEU D 163 4.65 43.71 11.48
N GLY D 164 5.22 44.09 10.34
CA GLY D 164 6.67 44.17 10.25
C GLY D 164 7.44 42.97 9.71
N PHE D 165 6.75 42.00 9.14
CA PHE D 165 7.42 40.84 8.59
C PHE D 165 8.10 41.21 7.28
N LYS D 166 8.90 40.30 6.75
CA LYS D 166 9.59 40.54 5.48
C LYS D 166 9.47 39.31 4.60
N VAL D 167 9.39 39.55 3.28
CA VAL D 167 9.25 38.48 2.31
C VAL D 167 10.56 37.74 2.03
N SER D 168 10.56 36.45 2.31
CA SER D 168 11.77 35.66 2.07
C SER D 168 11.73 34.89 0.76
N ASP D 169 10.51 34.63 0.25
CA ASP D 169 10.33 33.89 -1.00
C ASP D 169 8.87 33.83 -1.45
N TRP D 170 8.68 33.45 -2.70
CA TRP D 170 7.36 33.30 -3.28
C TRP D 170 7.35 32.03 -4.09
N LEU D 171 6.23 31.33 -4.08
CA LEU D 171 6.05 30.13 -4.88
C LEU D 171 5.09 30.66 -5.92
N GLY D 172 5.60 30.93 -7.13
CA GLY D 172 4.76 31.50 -8.17
C GLY D 172 4.23 32.77 -7.52
N ASP D 173 3.02 33.19 -7.89
CA ASP D 173 2.47 34.39 -7.25
C ASP D 173 1.34 34.01 -6.32
N PHE D 174 1.42 32.83 -5.71
CA PHE D 174 0.37 32.39 -4.80
C PHE D 174 0.79 32.11 -3.36
N MSE D 175 2.02 31.67 -3.13
CA MSE D 175 2.46 31.39 -1.77
C MSE D 175 3.65 32.26 -1.35
O MSE D 175 4.73 32.20 -1.93
CB MSE D 175 2.84 29.92 -1.60
CG MSE D 175 3.30 29.57 -0.20
SE MSE D 175 3.29 27.66 0.15
CE MSE D 175 1.90 27.63 1.54
N CYS D 176 3.42 33.06 -0.31
CA CYS D 176 4.43 33.97 0.21
C CYS D 176 5.04 33.52 1.53
N PHE D 177 6.36 33.67 1.64
CA PHE D 177 7.08 33.29 2.84
C PHE D 177 7.60 34.51 3.59
N LEU D 178 7.08 34.69 4.81
CA LEU D 178 7.44 35.84 5.64
C LEU D 178 8.27 35.51 6.87
N ARG D 179 9.24 36.36 7.15
CA ARG D 179 10.09 36.18 8.30
C ARG D 179 9.92 37.33 9.27
N CYS D 180 10.18 37.06 10.55
CA CYS D 180 10.09 38.07 11.58
C CYS D 180 11.42 38.04 12.32
N ASN D 181 12.38 37.32 11.76
CA ASN D 181 13.74 37.23 12.30
C ASN D 181 14.63 36.48 11.31
N SER D 182 15.68 35.83 11.80
CA SER D 182 16.62 35.13 10.93
C SER D 182 16.10 33.85 10.27
N ALA D 183 15.02 33.29 10.81
CA ALA D 183 14.47 32.08 10.22
C ALA D 183 13.96 32.47 8.84
N HIS D 184 14.13 31.59 7.86
CA HIS D 184 13.67 31.85 6.51
C HIS D 184 12.26 32.41 6.54
N HIS D 185 11.42 31.84 7.39
CA HIS D 185 10.05 32.32 7.51
C HIS D 185 9.44 31.75 8.76
N ARG D 186 8.33 32.34 9.19
CA ARG D 186 7.62 31.91 10.38
C ARG D 186 6.16 31.85 10.01
N ILE D 187 5.82 32.56 8.94
CA ILE D 187 4.46 32.61 8.45
C ILE D 187 4.46 32.45 6.93
N ALA D 188 3.44 31.78 6.41
CA ALA D 188 3.29 31.59 4.99
C ALA D 188 1.82 31.84 4.70
N ILE D 189 1.55 32.62 3.65
CA ILE D 189 0.19 32.93 3.27
C ILE D 189 -0.12 32.20 1.97
N LEU D 190 -1.37 31.78 1.83
CA LEU D 190 -1.78 31.00 0.68
C LEU D 190 -3.24 31.32 0.36
N PRO D 191 -3.60 31.34 -0.93
CA PRO D 191 -4.99 31.63 -1.28
C PRO D 191 -5.93 30.61 -0.66
N GLY D 192 -7.17 31.02 -0.36
CA GLY D 192 -8.13 30.11 0.22
C GLY D 192 -9.04 30.77 1.25
N PRO D 193 -10.07 30.06 1.74
CA PRO D 193 -10.95 30.66 2.74
C PRO D 193 -10.14 30.98 4.00
N PRO D 194 -10.47 32.08 4.69
CA PRO D 194 -9.73 32.48 5.90
C PRO D 194 -9.64 31.36 6.93
N CYS D 195 -8.43 30.83 7.11
CA CYS D 195 -8.22 29.74 8.05
C CYS D 195 -6.76 29.43 8.26
N LEU D 196 -6.50 28.55 9.22
CA LEU D 196 -5.14 28.13 9.50
C LEU D 196 -4.94 26.78 8.82
N ASN D 197 -3.95 26.74 7.92
CA ASN D 197 -3.63 25.52 7.19
C ASN D 197 -2.92 24.52 8.09
N HIS D 198 -1.75 24.89 8.59
CA HIS D 198 -1.02 24.01 9.48
C HIS D 198 0.02 24.75 10.31
N VAL D 199 0.44 24.11 11.40
CA VAL D 199 1.47 24.65 12.27
C VAL D 199 2.59 23.63 12.18
N ALA D 200 3.82 24.11 12.05
CA ALA D 200 4.97 23.24 11.93
C ALA D 200 5.87 23.33 13.15
N TYR D 201 6.50 22.23 13.48
CA TYR D 201 7.38 22.17 14.62
C TYR D 201 8.78 21.79 14.19
N ASP D 202 9.74 22.59 14.61
CA ASP D 202 11.12 22.37 14.25
C ASP D 202 11.72 21.23 15.05
N MSE D 203 12.49 20.40 14.37
CA MSE D 203 13.14 19.23 14.95
C MSE D 203 14.65 19.46 14.92
O MSE D 203 15.17 20.13 14.04
CB MSE D 203 12.81 17.98 14.15
CG MSE D 203 11.31 17.75 13.96
SE MSE D 203 10.36 17.40 15.65
CE MSE D 203 10.71 15.49 15.82
N LEU D 204 15.33 18.88 15.90
CA LEU D 204 16.77 19.04 15.99
C LEU D 204 17.50 18.68 14.69
N SER D 205 17.03 17.65 14.00
CA SER D 205 17.65 17.23 12.76
C SER D 205 16.70 16.40 11.94
N VAL D 206 17.14 16.01 10.75
CA VAL D 206 16.33 15.18 9.87
C VAL D 206 16.09 13.84 10.56
N ASP D 207 17.09 13.39 11.32
CA ASP D 207 16.97 12.12 12.04
C ASP D 207 15.81 12.15 13.02
N ASP D 208 15.65 13.28 13.74
CA ASP D 208 14.59 13.42 14.72
C ASP D 208 13.21 13.47 14.10
N MSE D 209 13.10 14.03 12.90
CA MSE D 209 11.81 14.09 12.22
C MSE D 209 11.43 12.64 11.89
O MSE D 209 10.29 12.24 12.07
CB MSE D 209 11.91 14.92 10.95
CG MSE D 209 10.63 14.95 10.10
SE MSE D 209 10.90 15.78 8.33
CE MSE D 209 12.00 14.35 7.53
N MSE D 210 12.41 11.89 11.40
CA MSE D 210 12.16 10.50 11.01
C MSE D 210 11.84 9.69 12.27
O MSE D 210 10.97 8.81 12.25
CB MSE D 210 13.40 9.90 10.33
CG MSE D 210 13.92 10.69 9.13
SE MSE D 210 12.70 10.66 7.60
CE MSE D 210 13.98 10.69 6.13
N ARG D 211 12.54 9.98 13.35
CA ARG D 211 12.31 9.27 14.59
C ARG D 211 10.96 9.71 15.17
N GLY D 212 10.52 10.91 14.77
CA GLY D 212 9.24 11.41 15.23
C GLY D 212 8.12 10.78 14.43
N ALA D 213 8.30 10.74 13.10
CA ALA D 213 7.31 10.15 12.22
C ALA D 213 7.14 8.68 12.56
N HIS D 214 8.21 8.04 13.01
CA HIS D 214 8.12 6.64 13.35
C HIS D 214 7.25 6.40 14.61
N ARG D 215 7.35 7.32 15.57
CA ARG D 215 6.57 7.20 16.80
C ARG D 215 5.10 7.38 16.46
N LEU D 216 4.79 8.32 15.58
CA LEU D 216 3.40 8.57 15.19
C LEU D 216 2.82 7.39 14.42
N LYS D 217 3.67 6.74 13.62
CA LYS D 217 3.24 5.58 12.84
C LYS D 217 2.79 4.49 13.82
N VAL D 218 3.66 4.10 14.75
CA VAL D 218 3.30 3.06 15.71
C VAL D 218 2.19 3.49 16.64
N LYS D 219 1.76 4.74 16.52
CA LYS D 219 0.68 5.26 17.34
C LYS D 219 -0.56 5.26 16.47
N GLY D 220 -0.43 4.72 15.26
CA GLY D 220 -1.56 4.66 14.37
C GLY D 220 -1.84 5.92 13.57
N ILE D 221 -0.94 6.89 13.66
CA ILE D 221 -1.13 8.12 12.91
C ILE D 221 -0.10 8.16 11.79
N ASP D 222 -0.57 7.85 10.59
CA ASP D 222 0.31 7.84 9.44
C ASP D 222 0.67 9.21 8.88
N ILE D 223 1.72 9.24 8.09
CA ILE D 223 2.19 10.45 7.46
C ILE D 223 1.21 10.85 6.36
N GLY D 224 0.66 12.06 6.48
CA GLY D 224 -0.29 12.54 5.49
C GLY D 224 0.44 12.87 4.20
N TRP D 225 1.67 13.34 4.34
CA TRP D 225 2.44 13.69 3.16
C TRP D 225 3.87 13.23 3.43
N GLY D 226 4.19 12.02 2.95
CA GLY D 226 5.49 11.36 3.12
C GLY D 226 6.62 12.31 3.37
N PRO D 227 7.67 11.87 4.08
CA PRO D 227 8.79 12.77 4.34
C PRO D 227 9.37 13.29 3.05
N GLY D 228 9.55 14.61 2.96
CA GLY D 228 10.11 15.18 1.76
C GLY D 228 10.97 16.37 2.08
N ARG D 229 11.26 17.18 1.06
CA ARG D 229 12.05 18.39 1.26
C ARG D 229 11.59 19.54 0.39
N HIS D 230 11.08 20.59 1.04
CA HIS D 230 10.62 21.77 0.31
C HIS D 230 11.82 22.51 -0.30
N THR D 231 11.53 23.34 -1.29
CA THR D 231 12.51 24.14 -1.99
C THR D 231 12.69 25.48 -1.28
N ALA D 232 11.59 26.20 -1.06
CA ALA D 232 11.63 27.49 -0.39
C ALA D 232 11.87 27.31 1.11
N GLY D 233 13.11 27.49 1.52
CA GLY D 233 13.49 27.31 2.91
C GLY D 233 14.32 26.06 3.07
N ASN D 234 14.28 25.20 2.05
CA ASN D 234 15.03 23.95 1.99
C ASN D 234 14.73 23.03 3.17
N ASN D 235 13.58 23.23 3.82
CA ASN D 235 13.23 22.40 4.97
C ASN D 235 12.61 21.04 4.65
N THR D 236 13.03 20.03 5.40
CA THR D 236 12.51 18.67 5.25
C THR D 236 11.13 18.69 5.90
N PHE D 237 10.22 17.86 5.43
CA PHE D 237 8.88 17.90 5.99
C PHE D 237 8.20 16.56 6.23
N SER D 238 7.22 16.60 7.12
CA SER D 238 6.40 15.44 7.50
C SER D 238 5.09 16.01 8.05
N TYR D 239 4.01 15.82 7.30
CA TYR D 239 2.69 16.31 7.69
C TYR D 239 1.80 15.23 8.28
N PHE D 240 1.01 15.59 9.28
CA PHE D 240 0.11 14.65 9.96
C PHE D 240 -1.23 15.28 10.29
N VAL D 241 -2.26 14.45 10.38
CA VAL D 241 -3.58 14.97 10.74
C VAL D 241 -3.82 14.58 12.20
N THR D 242 -4.12 15.55 13.04
CA THR D 242 -4.34 15.28 14.45
C THR D 242 -5.73 14.72 14.71
N PRO D 243 -5.90 13.99 15.82
CA PRO D 243 -7.20 13.41 16.14
C PRO D 243 -8.31 14.46 16.16
N GLY D 244 -7.92 15.73 16.32
CA GLY D 244 -8.89 16.80 16.33
C GLY D 244 -9.21 17.31 14.94
N GLY D 245 -8.44 16.86 13.94
CA GLY D 245 -8.70 17.30 12.58
C GLY D 245 -7.81 18.42 12.07
N PHE D 246 -6.83 18.80 12.86
CA PHE D 246 -5.90 19.87 12.48
C PHE D 246 -4.66 19.23 11.89
N VAL D 247 -3.81 20.02 11.23
CA VAL D 247 -2.61 19.42 10.70
C VAL D 247 -1.36 20.02 11.28
N THR D 248 -0.45 19.14 11.68
CA THR D 248 0.80 19.51 12.27
C THR D 248 1.94 18.95 11.42
N GLU D 249 3.06 19.66 11.41
CA GLU D 249 4.21 19.26 10.62
C GLU D 249 5.48 19.22 11.44
N TYR D 250 6.28 18.18 11.24
CA TYR D 250 7.58 18.04 11.88
C TYR D 250 8.51 18.49 10.77
N THR D 251 9.30 19.52 11.00
CA THR D 251 10.19 20.01 9.96
C THR D 251 11.62 20.19 10.46
N SER D 252 12.56 20.24 9.53
CA SER D 252 13.94 20.44 9.92
C SER D 252 14.78 21.08 8.84
N GLU D 253 15.93 21.60 9.25
CA GLU D 253 16.87 22.23 8.34
C GLU D 253 16.39 23.49 7.61
N LEU D 254 15.46 24.24 8.20
CA LEU D 254 14.99 25.45 7.56
C LEU D 254 16.15 26.44 7.52
N GLU D 255 16.37 27.05 6.35
CA GLU D 255 17.46 28.02 6.19
C GLU D 255 17.42 29.18 7.19
N GLU D 256 18.60 29.62 7.60
CA GLU D 256 18.73 30.76 8.48
C GLU D 256 19.14 31.84 7.49
N VAL D 257 18.56 33.03 7.60
CA VAL D 257 18.94 34.10 6.68
C VAL D 257 19.25 35.37 7.47
N ASP D 258 19.68 36.41 6.76
CA ASP D 258 19.98 37.70 7.37
C ASP D 258 18.70 38.52 7.31
N PHE D 259 18.03 38.68 8.44
CA PHE D 259 16.75 39.39 8.47
C PHE D 259 16.64 40.58 7.55
N ASP D 260 17.68 41.42 7.48
CA ASP D 260 17.63 42.61 6.63
C ASP D 260 18.05 42.42 5.17
N THR D 261 19.28 41.99 4.97
CA THR D 261 19.83 41.84 3.63
C THR D 261 19.40 40.65 2.79
N HIS D 262 18.43 39.87 3.25
CA HIS D 262 18.01 38.70 2.48
C HIS D 262 17.16 38.99 1.26
N GLN D 263 17.72 38.67 0.10
CA GLN D 263 17.02 38.87 -1.15
C GLN D 263 16.11 37.67 -1.32
N TYR D 264 14.84 37.90 -1.62
CA TYR D 264 13.94 36.78 -1.80
C TYR D 264 13.99 36.33 -3.25
N LYS D 265 13.18 35.33 -3.57
CA LYS D 265 13.14 34.81 -4.93
C LYS D 265 11.75 34.35 -5.23
N VAL D 266 11.46 34.17 -6.51
CA VAL D 266 10.15 33.69 -6.91
C VAL D 266 10.47 32.35 -7.56
N HIS D 267 10.06 31.26 -6.90
CA HIS D 267 10.29 29.92 -7.46
C HIS D 267 9.11 29.60 -8.39
N VAL D 268 9.37 28.85 -9.45
CA VAL D 268 8.28 28.49 -10.37
C VAL D 268 7.69 27.20 -9.77
N PRO D 269 6.34 27.11 -9.67
CA PRO D 269 5.67 25.94 -9.12
C PRO D 269 6.03 24.74 -9.94
N ALA D 270 6.11 23.56 -9.34
CA ALA D 270 6.47 22.37 -10.09
C ALA D 270 6.72 21.29 -9.06
N PRO D 271 6.29 20.05 -9.32
CA PRO D 271 6.44 18.90 -8.43
C PRO D 271 7.72 18.93 -7.63
N MSE D 272 8.84 18.87 -8.35
CA MSE D 272 10.14 18.84 -7.70
C MSE D 272 10.43 20.06 -6.83
O MSE D 272 11.34 20.02 -5.99
CB MSE D 272 11.25 18.67 -8.76
CG MSE D 272 12.65 19.10 -8.33
SE MSE D 272 14.06 18.47 -9.58
CE MSE D 272 13.13 18.85 -11.29
N VAL D 273 9.68 21.13 -7.02
CA VAL D 273 9.86 22.35 -6.21
C VAL D 273 9.15 22.19 -4.87
N MSE D 274 7.94 21.64 -4.90
CA MSE D 274 7.19 21.43 -3.66
C MSE D 274 7.92 20.39 -2.86
O MSE D 274 8.03 20.50 -1.64
CB MSE D 274 5.81 20.91 -4.00
CG MSE D 274 5.07 21.85 -4.88
SE MSE D 274 4.57 23.39 -3.80
CE MSE D 274 2.72 23.45 -4.46
N ASP D 275 8.41 19.37 -3.53
CA ASP D 275 9.14 18.32 -2.87
C ASP D 275 10.31 17.87 -3.74
N GLN D 276 11.52 18.06 -3.24
CA GLN D 276 12.72 17.70 -3.95
C GLN D 276 13.15 16.25 -3.79
N TRP D 277 12.46 15.50 -2.96
CA TRP D 277 12.80 14.09 -2.76
C TRP D 277 11.89 13.19 -3.58
N GLY D 278 10.59 13.33 -3.37
CA GLY D 278 9.62 12.53 -4.10
C GLY D 278 9.61 11.05 -3.82
N ILE D 279 9.62 10.64 -2.56
CA ILE D 279 9.59 9.21 -2.28
C ILE D 279 8.71 8.85 -1.09
N GLY D 280 8.07 9.84 -0.49
CA GLY D 280 7.17 9.59 0.62
C GLY D 280 5.80 9.31 0.01
N THR D 281 4.73 9.53 0.77
CA THR D 281 3.40 9.26 0.25
C THR D 281 2.49 10.47 0.38
N GLY D 282 1.31 10.36 -0.21
CA GLY D 282 0.36 11.45 -0.14
C GLY D 282 0.89 12.75 -0.70
N GLY D 283 0.17 13.83 -0.44
CA GLY D 283 0.61 15.12 -0.93
C GLY D 283 -0.41 16.10 -0.41
N PRO D 284 -0.31 17.38 -0.74
CA PRO D 284 -1.29 18.37 -0.26
C PRO D 284 -2.75 17.85 -0.36
N GLN D 285 -3.01 16.99 -1.34
CA GLN D 285 -4.33 16.40 -1.58
C GLN D 285 -4.82 15.44 -0.48
N THR D 286 -3.90 14.83 0.27
CA THR D 286 -4.30 13.90 1.32
C THR D 286 -4.37 14.58 2.70
N LEU D 287 -4.52 15.90 2.67
CA LEU D 287 -4.65 16.69 3.89
C LEU D 287 -6.04 17.32 3.79
N PRO D 288 -6.64 17.70 4.92
CA PRO D 288 -7.98 18.30 4.93
C PRO D 288 -8.09 19.51 4.02
N HIS D 289 -9.28 19.75 3.47
CA HIS D 289 -9.50 20.92 2.62
C HIS D 289 -9.64 22.11 3.50
N PRO D 290 -9.13 23.27 3.08
CA PRO D 290 -9.29 24.43 3.96
C PRO D 290 -10.77 24.83 3.99
N HIS D 291 -11.22 25.22 5.16
CA HIS D 291 -12.60 25.66 5.36
C HIS D 291 -12.51 26.97 6.12
N ALA D 292 -13.39 27.91 5.81
CA ALA D 292 -13.39 29.18 6.51
C ALA D 292 -13.45 28.86 8.00
N ASN D 293 -12.71 29.61 8.81
CA ASN D 293 -12.69 29.37 10.24
C ASN D 293 -14.01 29.79 10.89
N PRO D 294 -14.66 28.86 11.62
CA PRO D 294 -15.93 29.15 12.29
C PRO D 294 -15.82 30.41 13.15
N GLY D 295 -16.80 31.30 13.02
CA GLY D 295 -16.80 32.52 13.82
C GLY D 295 -15.87 33.63 13.37
N LEU D 296 -15.83 33.93 12.07
CA LEU D 296 -14.98 35.01 11.59
C LEU D 296 -15.30 36.29 12.35
N PHE D 297 -14.27 37.00 12.80
CA PHE D 297 -14.47 38.25 13.53
C PHE D 297 -15.21 38.04 14.85
N GLN D 298 -15.08 36.86 15.43
CA GLN D 298 -15.73 36.57 16.70
C GLN D 298 -14.75 35.87 17.65
N THR D 299 -14.79 36.27 18.93
CA THR D 299 -13.89 35.67 19.90
C THR D 299 -14.51 34.40 20.44
N ALA D 300 -13.66 33.53 21.01
CA ALA D 300 -14.09 32.26 21.57
C ALA D 300 -15.32 32.46 22.45
N GLU D 301 -15.41 33.65 23.06
CA GLU D 301 -16.53 33.98 23.91
C GLU D 301 -17.91 34.02 23.25
N ALA D 302 -17.95 34.46 21.99
CA ALA D 302 -19.21 34.54 21.25
C ALA D 302 -20.00 33.25 21.43
N GLU D 303 -19.30 32.11 21.28
CA GLU D 303 -19.89 30.77 21.43
C GLU D 303 -20.14 30.43 22.90
N LEU E 3 -53.42 -4.59 -3.70
CA LEU E 3 -53.42 -3.74 -2.46
C LEU E 3 -52.64 -2.44 -2.66
N SER E 4 -52.40 -1.76 -1.55
CA SER E 4 -51.61 -0.54 -1.51
C SER E 4 -50.22 -1.07 -1.15
N ARG E 5 -49.17 -0.27 -1.33
CA ARG E 5 -47.82 -0.76 -1.09
C ARG E 5 -46.86 0.25 -0.50
N VAL E 6 -45.80 -0.27 0.11
CA VAL E 6 -44.74 0.53 0.70
C VAL E 6 -44.22 1.36 -0.48
N THR E 7 -43.83 2.60 -0.21
CA THR E 7 -43.37 3.45 -1.31
C THR E 7 -42.01 4.08 -1.18
N GLU E 8 -41.43 4.04 0.01
CA GLU E 8 -40.10 4.62 0.21
C GLU E 8 -39.50 4.24 1.55
N ILE E 9 -38.18 4.38 1.66
CA ILE E 9 -37.53 4.07 2.90
C ILE E 9 -37.50 5.36 3.66
N ARG E 10 -37.74 5.28 4.97
CA ARG E 10 -37.71 6.46 5.78
C ARG E 10 -36.38 6.51 6.50
N TYR E 11 -36.20 5.66 7.49
CA TYR E 11 -34.98 5.68 8.24
C TYR E 11 -34.62 4.35 8.86
N VAL E 12 -33.43 4.29 9.43
CA VAL E 12 -32.95 3.10 10.10
C VAL E 12 -32.61 3.48 11.52
N GLY E 13 -32.91 2.58 12.46
CA GLY E 13 -32.60 2.86 13.84
C GLY E 13 -31.60 1.85 14.34
N TYR E 14 -30.46 2.34 14.83
CA TYR E 14 -29.43 1.43 15.32
C TYR E 14 -29.34 1.55 16.81
N GLY E 15 -28.89 0.46 17.42
CA GLY E 15 -28.63 0.44 18.84
C GLY E 15 -27.10 0.40 18.84
N VAL E 16 -26.45 1.44 19.33
CA VAL E 16 -24.99 1.42 19.30
C VAL E 16 -24.36 1.45 20.69
N LYS E 17 -23.37 0.59 20.88
CA LYS E 17 -22.68 0.50 22.15
C LYS E 17 -21.87 1.77 22.29
N ASP E 18 -21.08 2.12 21.28
CA ASP E 18 -20.29 3.35 21.35
C ASP E 18 -21.06 4.53 20.77
N PHE E 19 -22.13 4.88 21.48
CA PHE E 19 -23.03 5.99 21.14
C PHE E 19 -22.29 7.23 20.65
N ASP E 20 -21.57 7.88 21.57
CA ASP E 20 -20.83 9.09 21.24
C ASP E 20 -20.05 9.02 19.92
N ALA E 21 -19.17 8.03 19.81
CA ALA E 21 -18.37 7.89 18.60
C ALA E 21 -19.25 7.92 17.36
N GLU E 22 -20.29 7.08 17.36
CA GLU E 22 -21.19 7.02 16.22
C GLU E 22 -21.94 8.34 16.03
N LYS E 23 -22.45 8.93 17.10
CA LYS E 23 -23.19 10.18 16.96
C LYS E 23 -22.28 11.23 16.30
N ALA E 24 -20.99 11.17 16.61
CA ALA E 24 -20.05 12.11 16.03
C ALA E 24 -19.85 11.78 14.56
N PHE E 25 -19.75 10.49 14.26
CA PHE E 25 -19.55 10.02 12.90
C PHE E 25 -20.50 10.67 11.90
N TYR E 26 -21.80 10.46 12.12
CA TYR E 26 -22.84 10.96 11.24
C TYR E 26 -22.99 12.48 11.13
N ALA E 27 -22.65 13.20 12.20
CA ALA E 27 -22.82 14.64 12.19
C ALA E 27 -21.67 15.41 11.56
N ASP E 28 -20.45 14.98 11.84
CA ASP E 28 -19.28 15.65 11.32
C ASP E 28 -18.58 14.96 10.13
N VAL E 29 -18.48 13.63 10.17
CA VAL E 29 -17.82 12.89 9.10
C VAL E 29 -18.70 12.44 7.92
N TRP E 30 -19.85 11.83 8.21
CA TRP E 30 -20.71 11.34 7.13
C TRP E 30 -21.45 12.40 6.34
N GLY E 31 -21.83 13.51 6.99
CA GLY E 31 -22.52 14.57 6.28
C GLY E 31 -23.99 14.74 6.59
N LEU E 32 -24.50 14.06 7.61
CA LEU E 32 -25.91 14.21 7.96
C LEU E 32 -26.04 15.32 8.99
N GLU E 33 -27.14 16.06 8.92
CA GLU E 33 -27.40 17.16 9.85
C GLU E 33 -28.14 16.58 11.05
N PRO E 34 -27.81 17.04 12.28
CA PRO E 34 -28.54 16.49 13.43
C PRO E 34 -29.97 17.02 13.38
N VAL E 35 -30.88 16.39 14.12
CA VAL E 35 -32.26 16.85 14.15
C VAL E 35 -32.74 17.05 15.58
N GLY E 36 -32.19 16.28 16.51
CA GLY E 36 -32.60 16.41 17.89
C GLY E 36 -31.97 15.34 18.77
N GLU E 37 -31.51 15.75 19.95
CA GLU E 37 -30.86 14.86 20.90
C GLU E 37 -31.67 14.51 22.13
N ASP E 38 -31.00 13.83 23.06
CA ASP E 38 -31.61 13.38 24.31
C ASP E 38 -30.65 12.39 24.99
N ALA E 39 -30.92 12.10 26.25
CA ALA E 39 -30.09 11.19 27.05
C ALA E 39 -29.50 10.03 26.27
N ASN E 40 -30.35 9.30 25.56
CA ASN E 40 -29.87 8.15 24.81
C ASN E 40 -30.42 8.02 23.38
N ASN E 41 -30.59 9.16 22.71
CA ASN E 41 -31.08 9.14 21.33
C ASN E 41 -30.59 10.33 20.53
N ALA E 42 -30.25 10.07 19.27
CA ALA E 42 -29.79 11.11 18.38
C ALA E 42 -30.43 10.83 17.02
N TRP E 43 -31.07 11.85 16.46
CA TRP E 43 -31.72 11.73 15.15
C TRP E 43 -30.90 12.55 14.16
N PHE E 44 -30.78 12.05 12.93
CA PHE E 44 -30.01 12.72 11.89
C PHE E 44 -30.74 12.74 10.58
N LYS E 45 -30.56 13.84 9.85
CA LYS E 45 -31.24 14.07 8.58
C LYS E 45 -30.32 14.16 7.36
N ALA E 46 -30.86 13.83 6.18
CA ALA E 46 -30.10 13.93 4.94
C ALA E 46 -30.45 15.30 4.36
N GLN E 47 -29.44 16.15 4.17
CA GLN E 47 -29.66 17.51 3.67
C GLN E 47 -30.41 17.71 2.37
N GLY E 48 -30.41 16.73 1.47
CA GLY E 48 -31.11 16.89 0.21
C GLY E 48 -32.46 16.20 0.08
N ALA E 49 -33.07 15.85 1.21
CA ALA E 49 -34.37 15.18 1.21
C ALA E 49 -35.21 15.71 2.37
N ASP E 50 -36.52 15.76 2.18
CA ASP E 50 -37.43 16.28 3.20
C ASP E 50 -37.79 15.26 4.28
N GLU E 51 -37.29 14.03 4.15
CA GLU E 51 -37.57 12.99 5.13
C GLU E 51 -37.08 13.47 6.51
N HIS E 52 -38.00 13.69 7.45
CA HIS E 52 -37.65 14.19 8.77
C HIS E 52 -36.27 13.76 9.30
N HIS E 53 -36.02 12.46 9.32
CA HIS E 53 -34.72 11.97 9.75
C HIS E 53 -34.50 10.62 9.08
N VAL E 54 -33.25 10.32 8.76
CA VAL E 54 -32.95 9.07 8.08
C VAL E 54 -32.16 8.10 8.96
N VAL E 55 -31.65 8.58 10.08
CA VAL E 55 -30.88 7.73 10.97
C VAL E 55 -31.23 8.01 12.44
N GLN E 56 -31.51 6.94 13.17
CA GLN E 56 -31.83 7.04 14.59
C GLN E 56 -30.83 6.23 15.38
N LEU E 57 -30.27 6.85 16.42
CA LEU E 57 -29.30 6.17 17.27
C LEU E 57 -29.77 6.11 18.73
N ARG E 58 -29.60 4.95 19.34
CA ARG E 58 -29.98 4.71 20.73
C ARG E 58 -28.82 4.10 21.51
N ARG E 59 -28.42 4.76 22.58
CA ARG E 59 -27.32 4.29 23.41
C ARG E 59 -27.66 2.89 23.95
N ALA E 60 -26.99 1.85 23.45
CA ALA E 60 -27.28 0.48 23.91
C ALA E 60 -26.06 -0.24 24.47
N ASP E 61 -26.23 -1.52 24.83
CA ASP E 61 -25.13 -2.33 25.38
C ASP E 61 -24.41 -3.07 24.26
N GLU E 62 -25.16 -3.59 23.29
CA GLU E 62 -24.54 -4.26 22.15
C GLU E 62 -25.18 -3.69 20.88
N ASN E 63 -24.42 -3.65 19.79
CA ASN E 63 -24.92 -3.13 18.54
C ASN E 63 -26.05 -3.99 18.01
N ARG E 64 -27.03 -3.34 17.38
CA ARG E 64 -28.16 -4.05 16.80
C ARG E 64 -28.97 -3.11 15.92
N ILE E 65 -29.88 -3.67 15.15
CA ILE E 65 -30.76 -2.86 14.32
C ILE E 65 -32.03 -2.84 15.13
N ASP E 66 -32.47 -1.66 15.55
CA ASP E 66 -33.69 -1.58 16.35
C ASP E 66 -34.93 -1.58 15.46
N VAL E 67 -34.81 -0.97 14.28
CA VAL E 67 -35.96 -0.88 13.39
C VAL E 67 -35.62 -0.30 12.02
N ILE E 68 -36.30 -0.80 10.99
CA ILE E 68 -36.12 -0.34 9.61
C ILE E 68 -37.46 0.29 9.19
N ALA E 69 -37.56 1.61 9.36
CA ALA E 69 -38.78 2.36 9.05
C ALA E 69 -39.07 2.61 7.58
N LEU E 70 -40.20 2.07 7.12
CA LEU E 70 -40.66 2.22 5.75
C LEU E 70 -41.81 3.21 5.69
N ALA E 71 -42.16 3.63 4.48
CA ALA E 71 -43.22 4.61 4.32
C ALA E 71 -44.36 4.20 3.41
N ALA E 72 -45.57 4.59 3.84
CA ALA E 72 -46.81 4.33 3.12
C ALA E 72 -47.37 5.71 2.80
N ASP E 73 -48.16 5.80 1.74
CA ASP E 73 -48.73 7.08 1.34
C ASP E 73 -49.86 7.62 2.22
N SER E 74 -50.90 6.84 2.40
CA SER E 74 -52.02 7.28 3.21
C SER E 74 -52.06 6.58 4.55
N ARG E 75 -52.87 7.15 5.42
CA ARG E 75 -53.06 6.62 6.74
C ARG E 75 -53.79 5.27 6.61
N SER E 76 -54.56 5.11 5.55
CA SER E 76 -55.30 3.87 5.35
C SER E 76 -54.52 2.82 4.57
N ASP E 77 -53.45 3.24 3.90
CA ASP E 77 -52.60 2.28 3.18
C ASP E 77 -51.94 1.45 4.27
N VAL E 78 -51.60 2.15 5.35
CA VAL E 78 -50.97 1.56 6.53
C VAL E 78 -51.85 0.38 6.96
N ASP E 79 -53.08 0.71 7.33
CA ASP E 79 -54.04 -0.28 7.76
C ASP E 79 -54.09 -1.46 6.77
N ALA E 80 -54.18 -1.15 5.48
CA ALA E 80 -54.22 -2.18 4.44
C ALA E 80 -53.00 -3.11 4.51
N LEU E 81 -51.92 -2.60 5.09
CA LEU E 81 -50.69 -3.37 5.24
C LEU E 81 -50.70 -4.12 6.56
N ARG E 82 -51.24 -3.47 7.60
CA ARG E 82 -51.34 -4.09 8.93
C ARG E 82 -52.06 -5.42 8.80
N ALA E 83 -52.89 -5.54 7.78
CA ALA E 83 -53.63 -6.75 7.53
C ALA E 83 -52.71 -7.71 6.80
N SER E 84 -52.11 -7.23 5.72
CA SER E 84 -51.20 -8.04 4.93
C SER E 84 -50.20 -8.70 5.86
N VAL E 85 -49.65 -7.93 6.79
CA VAL E 85 -48.69 -8.48 7.75
C VAL E 85 -49.34 -9.58 8.59
N GLU E 86 -50.55 -9.30 9.07
CA GLU E 86 -51.31 -10.25 9.87
C GLU E 86 -51.54 -11.50 9.05
N ALA E 87 -52.15 -11.35 7.88
CA ALA E 87 -52.41 -12.48 6.99
C ALA E 87 -51.13 -13.18 6.57
N ALA E 88 -49.99 -12.63 6.97
CA ALA E 88 -48.69 -13.21 6.64
C ALA E 88 -48.23 -13.99 7.87
N GLY E 89 -48.73 -13.61 9.04
CA GLY E 89 -48.37 -14.29 10.27
C GLY E 89 -47.28 -13.66 11.10
N CYS E 90 -46.98 -12.40 10.80
CA CYS E 90 -45.93 -11.68 11.50
C CYS E 90 -46.35 -11.18 12.88
N LYS E 91 -45.47 -11.36 13.86
CA LYS E 91 -45.79 -10.87 15.19
C LYS E 91 -45.87 -9.36 15.01
N VAL E 92 -46.88 -8.75 15.62
CA VAL E 92 -47.05 -7.31 15.52
C VAL E 92 -46.63 -6.74 16.87
N ALA E 93 -45.88 -5.65 16.86
CA ALA E 93 -45.41 -5.05 18.10
C ALA E 93 -46.12 -3.75 18.45
N SER E 94 -46.80 -3.18 17.47
CA SER E 94 -47.52 -1.94 17.67
C SER E 94 -48.72 -1.91 16.77
N GLU E 95 -49.85 -1.50 17.33
CA GLU E 95 -51.08 -1.41 16.53
C GLU E 95 -51.10 -0.03 15.93
N PRO E 96 -51.51 0.08 14.65
CA PRO E 96 -51.55 1.41 14.03
C PRO E 96 -51.98 2.45 15.05
N ALA E 97 -51.09 3.40 15.33
CA ALA E 97 -51.35 4.47 16.30
C ALA E 97 -50.55 5.71 15.93
N VAL E 98 -51.03 6.88 16.34
CA VAL E 98 -50.32 8.12 16.06
C VAL E 98 -48.93 8.02 16.72
N LEU E 99 -47.89 8.24 15.91
CA LEU E 99 -46.50 8.11 16.37
C LEU E 99 -45.96 9.10 17.39
N ALA E 100 -45.31 8.55 18.41
CA ALA E 100 -44.72 9.33 19.49
C ALA E 100 -43.24 9.57 19.24
N THR E 101 -42.75 9.17 18.06
CA THR E 101 -41.35 9.39 17.73
C THR E 101 -41.21 10.70 16.99
N PRO E 102 -40.08 11.39 17.17
CA PRO E 102 -39.83 12.68 16.50
C PRO E 102 -40.35 12.70 15.09
N GLY E 103 -41.05 13.78 14.72
CA GLY E 103 -41.58 13.91 13.38
C GLY E 103 -43.02 13.43 13.30
N GLY E 104 -43.50 12.86 14.41
CA GLY E 104 -44.86 12.37 14.45
C GLY E 104 -45.19 11.38 13.36
N GLY E 105 -46.45 11.38 12.92
CA GLY E 105 -46.91 10.46 11.89
C GLY E 105 -47.80 9.37 12.46
N TYR E 106 -48.32 8.53 11.58
CA TYR E 106 -49.20 7.44 11.98
C TYR E 106 -48.67 6.16 11.38
N GLY E 107 -48.45 5.14 12.22
CA GLY E 107 -47.95 3.88 11.70
C GLY E 107 -47.90 2.81 12.76
N PHE E 108 -47.48 1.60 12.38
CA PHE E 108 -47.36 0.51 13.32
C PHE E 108 -46.00 -0.20 13.17
N ARG E 109 -45.72 -1.13 14.08
CA ARG E 109 -44.48 -1.88 14.05
C ARG E 109 -44.80 -3.36 14.13
N PHE E 110 -44.00 -4.17 13.43
CA PHE E 110 -44.20 -5.60 13.40
C PHE E 110 -42.86 -6.23 13.04
N PHE E 111 -42.68 -7.50 13.39
CA PHE E 111 -41.44 -8.19 13.07
C PHE E 111 -41.62 -8.91 11.76
N SER E 112 -40.57 -8.96 10.97
CA SER E 112 -40.63 -9.66 9.70
C SER E 112 -40.42 -11.17 9.95
N PRO E 113 -40.60 -12.00 8.93
CA PRO E 113 -40.42 -13.44 9.07
C PRO E 113 -39.05 -13.89 9.57
N ASP E 114 -38.06 -13.01 9.58
CA ASP E 114 -36.73 -13.39 10.06
C ASP E 114 -36.40 -12.85 11.46
N GLY E 115 -37.26 -11.99 12.01
CA GLY E 115 -37.03 -11.47 13.35
C GLY E 115 -36.50 -10.05 13.45
N LEU E 116 -36.52 -9.34 12.33
CA LEU E 116 -36.05 -7.95 12.31
C LEU E 116 -37.28 -7.05 12.32
N LEU E 117 -37.35 -6.18 13.31
CA LEU E 117 -38.47 -5.26 13.46
C LEU E 117 -38.49 -4.20 12.36
N PHE E 118 -39.65 -4.06 11.72
CA PHE E 118 -39.87 -3.09 10.65
C PHE E 118 -40.99 -2.15 11.09
N GLU E 119 -41.14 -1.03 10.39
CA GLU E 119 -42.19 -0.06 10.70
C GLU E 119 -42.77 0.51 9.42
N VAL E 120 -44.09 0.70 9.39
CA VAL E 120 -44.77 1.24 8.22
C VAL E 120 -45.60 2.44 8.63
N SER E 121 -45.25 3.62 8.13
CA SER E 121 -45.94 4.84 8.49
C SER E 121 -46.32 5.78 7.34
N SER E 122 -47.03 6.84 7.69
CA SER E 122 -47.45 7.84 6.72
C SER E 122 -47.66 9.17 7.42
N ASP E 123 -47.52 10.26 6.68
CA ASP E 123 -47.73 11.60 7.22
C ASP E 123 -46.80 11.98 8.36
N VAL E 124 -45.51 11.67 8.19
CA VAL E 124 -44.54 12.06 9.19
C VAL E 124 -44.24 13.48 8.76
N ALA E 125 -43.94 14.36 9.72
CA ALA E 125 -43.66 15.75 9.39
C ALA E 125 -42.43 15.85 8.48
N LYS E 126 -42.59 16.55 7.36
CA LYS E 126 -41.48 16.74 6.46
C LYS E 126 -40.47 17.68 7.10
N GLY E 127 -39.21 17.57 6.68
CA GLY E 127 -38.16 18.43 7.19
C GLY E 127 -37.72 19.33 6.05
N ALA E 128 -36.66 20.11 6.22
CA ALA E 128 -36.21 20.98 5.14
C ALA E 128 -35.40 20.24 4.09
N LYS E 129 -35.26 20.84 2.91
CA LYS E 129 -34.49 20.23 1.84
C LYS E 129 -34.04 21.27 0.82
N ARG E 130 -32.78 21.17 0.43
CA ARG E 130 -32.19 22.09 -0.53
C ARG E 130 -31.45 21.28 -1.59
N ASP E 131 -31.40 21.78 -2.81
CA ASP E 131 -30.69 21.09 -3.87
C ASP E 131 -29.20 21.30 -3.58
N LEU E 132 -28.50 20.20 -3.28
CA LEU E 132 -27.07 20.27 -2.98
C LEU E 132 -26.31 20.69 -4.23
N ALA E 133 -25.12 21.25 -4.04
CA ALA E 133 -24.29 21.67 -5.16
C ALA E 133 -23.16 20.66 -5.37
N ARG E 134 -22.74 20.51 -6.62
CA ARG E 134 -21.66 19.59 -6.95
C ARG E 134 -20.47 19.92 -6.04
N TRP E 135 -19.79 18.87 -5.60
CA TRP E 135 -18.62 18.96 -4.73
C TRP E 135 -18.84 19.11 -3.24
N GLU E 136 -20.09 19.24 -2.80
CA GLU E 136 -20.35 19.35 -1.36
C GLU E 136 -20.00 18.03 -0.66
N GLY E 137 -20.13 16.93 -1.39
CA GLY E 137 -19.80 15.61 -0.84
C GLY E 137 -20.58 15.09 0.36
N VAL E 138 -21.86 15.41 0.46
CA VAL E 138 -22.71 14.93 1.55
C VAL E 138 -23.88 14.15 0.94
N PRO E 139 -24.57 13.32 1.74
CA PRO E 139 -25.70 12.56 1.19
C PRO E 139 -26.89 13.41 0.81
N VAL E 140 -27.61 12.97 -0.21
CA VAL E 140 -28.80 13.67 -0.68
C VAL E 140 -30.07 13.01 -0.08
N LYS E 141 -30.00 11.68 0.09
CA LYS E 141 -31.10 10.89 0.62
C LYS E 141 -30.55 9.47 0.78
N ILE E 142 -31.35 8.56 1.30
CA ILE E 142 -30.89 7.18 1.44
C ILE E 142 -31.10 6.53 0.08
N SER E 143 -30.17 5.69 -0.37
CA SER E 143 -30.34 5.05 -1.67
C SER E 143 -30.97 3.67 -1.53
N HIS E 144 -30.40 2.86 -0.64
CA HIS E 144 -30.93 1.53 -0.42
C HIS E 144 -30.45 0.91 0.85
N ILE E 145 -31.02 -0.25 1.14
CA ILE E 145 -30.71 -1.05 2.31
C ILE E 145 -30.63 -2.48 1.83
N VAL E 146 -29.59 -3.18 2.26
CA VAL E 146 -29.39 -4.57 1.88
C VAL E 146 -29.57 -5.43 3.12
N LEU E 147 -30.37 -6.49 2.98
CA LEU E 147 -30.64 -7.39 4.08
C LEU E 147 -30.14 -8.79 3.84
N HIS E 148 -29.97 -9.52 4.93
CA HIS E 148 -29.52 -10.90 4.91
C HIS E 148 -30.66 -11.75 5.44
N SER E 149 -30.97 -12.83 4.73
CA SER E 149 -32.06 -13.71 5.14
C SER E 149 -31.67 -15.17 5.08
N PRO E 150 -32.09 -15.94 6.10
CA PRO E 150 -31.78 -17.37 6.15
C PRO E 150 -32.64 -18.11 5.13
N ASN E 151 -33.67 -17.43 4.62
CA ASN E 151 -34.57 -17.98 3.61
C ASN E 151 -34.84 -16.80 2.68
N HIS E 152 -33.82 -16.38 1.94
CA HIS E 152 -33.97 -15.23 1.07
C HIS E 152 -35.05 -15.34 0.01
N GLN E 153 -35.30 -16.54 -0.48
CA GLN E 153 -36.34 -16.72 -1.49
C GLN E 153 -37.70 -16.34 -0.89
N ASP E 154 -38.01 -16.87 0.29
CA ASP E 154 -39.29 -16.53 0.94
C ASP E 154 -39.30 -15.04 1.28
N MSE E 155 -38.22 -14.56 1.89
CA MSE E 155 -38.09 -13.16 2.30
C MSE E 155 -38.41 -12.15 1.18
O MSE E 155 -38.97 -11.08 1.44
CB MSE E 155 -36.68 -12.91 2.84
CG MSE E 155 -36.42 -11.49 3.25
SE MSE E 155 -37.72 -10.92 4.58
CE MSE E 155 -37.43 -12.33 5.93
N VAL E 156 -38.01 -12.49 -0.04
CA VAL E 156 -38.27 -11.62 -1.18
C VAL E 156 -39.77 -11.64 -1.46
N LYS E 157 -40.35 -12.84 -1.48
CA LYS E 157 -41.78 -13.00 -1.70
C LYS E 157 -42.53 -12.20 -0.64
N PHE E 158 -42.01 -12.13 0.58
CA PHE E 158 -42.66 -11.35 1.64
C PHE E 158 -42.66 -9.88 1.20
N PHE E 159 -41.51 -9.42 0.72
CA PHE E 159 -41.36 -8.04 0.27
C PHE E 159 -42.22 -7.69 -0.93
N THR E 160 -42.24 -8.56 -1.93
CA THR E 160 -43.04 -8.30 -3.13
C THR E 160 -44.55 -8.42 -2.86
N ASP E 161 -44.98 -9.55 -2.32
CA ASP E 161 -46.40 -9.84 -2.04
C ASP E 161 -47.07 -9.15 -0.87
N VAL E 162 -46.34 -8.98 0.23
CA VAL E 162 -46.91 -8.36 1.40
C VAL E 162 -46.67 -6.85 1.44
N LEU E 163 -45.45 -6.43 1.15
CA LEU E 163 -45.11 -5.01 1.19
C LEU E 163 -45.23 -4.24 -0.12
N GLY E 164 -45.43 -4.96 -1.22
CA GLY E 164 -45.63 -4.30 -2.50
C GLY E 164 -44.44 -3.94 -3.37
N PHE E 165 -43.27 -4.44 -3.05
CA PHE E 165 -42.08 -4.14 -3.86
C PHE E 165 -42.15 -4.98 -5.12
N LYS E 166 -41.27 -4.66 -6.07
CA LYS E 166 -41.18 -5.38 -7.34
C LYS E 166 -39.71 -5.75 -7.60
N VAL E 167 -39.48 -6.82 -8.35
CA VAL E 167 -38.11 -7.26 -8.63
C VAL E 167 -37.50 -6.50 -9.82
N SER E 168 -36.28 -5.99 -9.63
CA SER E 168 -35.62 -5.23 -10.69
C SER E 168 -34.46 -5.97 -11.33
N ASP E 169 -33.74 -6.74 -10.52
CA ASP E 169 -32.60 -7.51 -10.98
C ASP E 169 -32.26 -8.64 -10.03
N TRP E 170 -31.68 -9.69 -10.58
CA TRP E 170 -31.25 -10.81 -9.77
C TRP E 170 -29.79 -11.05 -10.09
N LEU E 171 -29.01 -11.24 -9.04
CA LEU E 171 -27.60 -11.55 -9.17
C LEU E 171 -27.67 -13.07 -8.99
N GLY E 172 -27.58 -13.80 -10.09
CA GLY E 172 -27.65 -15.24 -10.02
C GLY E 172 -28.96 -15.69 -9.39
N ASP E 173 -28.88 -16.29 -8.23
CA ASP E 173 -30.07 -16.74 -7.52
C ASP E 173 -29.87 -16.45 -6.05
N PHE E 174 -28.90 -15.61 -5.74
CA PHE E 174 -28.62 -15.29 -4.35
C PHE E 174 -28.80 -13.83 -3.97
N MSE E 175 -28.91 -12.94 -4.95
CA MSE E 175 -29.13 -11.53 -4.60
C MSE E 175 -30.21 -10.90 -5.48
O MSE E 175 -30.06 -10.78 -6.69
CB MSE E 175 -27.84 -10.72 -4.69
CG MSE E 175 -28.03 -9.28 -4.26
SE MSE E 175 -26.33 -8.34 -4.09
CE MSE E 175 -26.76 -7.09 -2.62
N CYS E 176 -31.27 -10.45 -4.81
CA CYS E 176 -32.44 -9.85 -5.44
C CYS E 176 -32.62 -8.36 -5.11
N PHE E 177 -32.81 -7.57 -6.16
CA PHE E 177 -32.99 -6.12 -6.03
C PHE E 177 -34.47 -5.79 -6.13
N LEU E 178 -34.99 -5.12 -5.11
CA LEU E 178 -36.41 -4.78 -5.04
C LEU E 178 -36.69 -3.30 -5.12
N ARG E 179 -37.65 -2.92 -5.96
CA ARG E 179 -38.01 -1.51 -6.10
C ARG E 179 -39.36 -1.22 -5.51
N CYS E 180 -39.50 -0.05 -4.92
CA CYS E 180 -40.77 0.39 -4.35
C CYS E 180 -41.08 1.75 -4.94
N ASN E 181 -40.47 2.04 -6.08
CA ASN E 181 -40.66 3.29 -6.81
C ASN E 181 -39.74 3.35 -8.03
N SER E 182 -39.43 4.58 -8.46
CA SER E 182 -38.59 4.84 -9.64
C SER E 182 -37.16 4.30 -9.61
N ALA E 183 -36.51 4.42 -8.46
CA ALA E 183 -35.14 3.94 -8.31
C ALA E 183 -35.06 2.43 -8.55
N HIS E 184 -34.01 2.01 -9.27
CA HIS E 184 -33.79 0.59 -9.58
C HIS E 184 -34.09 -0.30 -8.38
N HIS E 185 -33.68 0.14 -7.18
CA HIS E 185 -33.95 -0.60 -5.95
C HIS E 185 -33.77 0.23 -4.69
N ARG E 186 -34.39 -0.21 -3.61
CA ARG E 186 -34.31 0.47 -2.32
C ARG E 186 -34.04 -0.61 -1.28
N ILE E 187 -34.15 -1.86 -1.70
CA ILE E 187 -33.92 -3.00 -0.84
C ILE E 187 -33.26 -4.08 -1.70
N ALA E 188 -32.32 -4.81 -1.13
CA ALA E 188 -31.66 -5.89 -1.84
C ALA E 188 -31.61 -7.03 -0.86
N ILE E 189 -31.86 -8.25 -1.33
CA ILE E 189 -31.86 -9.38 -0.42
C ILE E 189 -30.73 -10.34 -0.70
N LEU E 190 -30.06 -10.73 0.37
CA LEU E 190 -28.93 -11.62 0.31
C LEU E 190 -29.10 -12.75 1.33
N PRO E 191 -28.69 -13.97 0.97
CA PRO E 191 -28.84 -15.07 1.94
C PRO E 191 -27.86 -14.85 3.08
N GLY E 192 -28.16 -15.39 4.26
CA GLY E 192 -27.26 -15.21 5.38
C GLY E 192 -28.01 -15.08 6.68
N PRO E 193 -27.31 -14.98 7.83
CA PRO E 193 -28.07 -14.85 9.07
C PRO E 193 -28.92 -13.58 9.00
N PRO E 194 -30.13 -13.62 9.59
CA PRO E 194 -31.02 -12.47 9.59
C PRO E 194 -30.38 -11.20 10.14
N CYS E 195 -30.17 -10.21 9.28
CA CYS E 195 -29.59 -8.95 9.71
C CYS E 195 -29.42 -7.95 8.56
N LEU E 196 -29.01 -6.75 8.92
CA LEU E 196 -28.79 -5.67 7.97
C LEU E 196 -27.33 -5.72 7.51
N ASN E 197 -27.10 -5.55 6.20
CA ASN E 197 -25.73 -5.58 5.69
C ASN E 197 -25.15 -4.17 5.65
N HIS E 198 -25.82 -3.26 4.96
CA HIS E 198 -25.35 -1.89 4.91
C HIS E 198 -26.47 -0.96 4.47
N VAL E 199 -26.34 0.31 4.84
CA VAL E 199 -27.30 1.32 4.45
C VAL E 199 -26.54 2.25 3.51
N ALA E 200 -27.08 2.46 2.32
CA ALA E 200 -26.43 3.29 1.34
C ALA E 200 -27.10 4.63 1.12
N TYR E 201 -26.29 5.69 1.06
CA TYR E 201 -26.77 7.05 0.85
C TYR E 201 -26.45 7.48 -0.57
N ASP E 202 -27.35 8.27 -1.17
CA ASP E 202 -27.16 8.73 -2.53
C ASP E 202 -26.37 10.02 -2.58
N MSE E 203 -25.46 10.12 -3.54
CA MSE E 203 -24.64 11.31 -3.71
C MSE E 203 -25.07 11.96 -5.01
O MSE E 203 -25.49 11.27 -5.95
CB MSE E 203 -23.16 10.94 -3.80
CG MSE E 203 -22.69 10.06 -2.68
SE MSE E 203 -22.89 10.98 -0.97
CE MSE E 203 -21.19 11.98 -0.90
N LEU E 204 -24.95 13.28 -5.08
CA LEU E 204 -25.38 14.02 -6.25
C LEU E 204 -24.66 13.62 -7.53
N SER E 205 -23.46 13.06 -7.41
CA SER E 205 -22.70 12.64 -8.58
C SER E 205 -21.49 11.78 -8.19
N VAL E 206 -20.78 11.31 -9.21
CA VAL E 206 -19.59 10.51 -8.99
C VAL E 206 -18.54 11.36 -8.31
N ASP E 207 -18.43 12.62 -8.73
CA ASP E 207 -17.46 13.53 -8.12
C ASP E 207 -17.71 13.66 -6.61
N ASP E 208 -18.97 13.85 -6.23
CA ASP E 208 -19.34 14.00 -4.85
C ASP E 208 -19.03 12.77 -4.01
N MSE E 209 -19.13 11.59 -4.61
CA MSE E 209 -18.81 10.37 -3.88
C MSE E 209 -17.32 10.40 -3.55
O MSE E 209 -16.92 10.20 -2.40
CB MSE E 209 -19.14 9.13 -4.73
CG MSE E 209 -18.57 7.83 -4.19
SE MSE E 209 -19.06 6.18 -5.15
CE MSE E 209 -18.03 6.38 -6.79
N MSE E 210 -16.49 10.67 -4.57
CA MSE E 210 -15.05 10.74 -4.37
C MSE E 210 -14.71 11.83 -3.35
O MSE E 210 -13.90 11.61 -2.44
CB MSE E 210 -14.34 11.06 -5.70
CG MSE E 210 -14.74 10.15 -6.85
SE MSE E 210 -14.24 8.28 -6.60
CE MSE E 210 -14.15 7.77 -8.51
N ARG E 211 -15.33 12.99 -3.50
CA ARG E 211 -15.09 14.07 -2.56
C ARG E 211 -15.43 13.53 -1.18
N GLY E 212 -16.57 12.85 -1.08
CA GLY E 212 -17.00 12.28 0.18
C GLY E 212 -16.01 11.29 0.73
N ALA E 213 -15.56 10.36 -0.11
CA ALA E 213 -14.59 9.36 0.32
C ALA E 213 -13.32 10.09 0.78
N HIS E 214 -12.99 11.16 0.07
CA HIS E 214 -11.82 11.96 0.40
C HIS E 214 -11.90 12.49 1.83
N ARG E 215 -13.09 12.94 2.24
CA ARG E 215 -13.27 13.47 3.60
C ARG E 215 -13.14 12.35 4.63
N LEU E 216 -13.72 11.19 4.32
CA LEU E 216 -13.61 10.10 5.26
C LEU E 216 -12.14 9.68 5.40
N LYS E 217 -11.40 9.69 4.29
CA LYS E 217 -10.00 9.31 4.36
C LYS E 217 -9.21 10.21 5.30
N VAL E 218 -9.27 11.53 5.12
CA VAL E 218 -8.51 12.46 5.97
C VAL E 218 -8.93 12.30 7.42
N LYS E 219 -10.20 12.00 7.64
CA LYS E 219 -10.66 11.86 9.01
C LYS E 219 -10.35 10.49 9.59
N GLY E 220 -9.48 9.74 8.91
CA GLY E 220 -9.06 8.44 9.42
C GLY E 220 -9.82 7.17 9.05
N ILE E 221 -10.87 7.31 8.24
CA ILE E 221 -11.63 6.14 7.85
C ILE E 221 -11.31 5.76 6.40
N ASP E 222 -10.69 4.59 6.24
CA ASP E 222 -10.29 4.09 4.93
C ASP E 222 -11.45 3.37 4.23
N ILE E 223 -11.43 3.38 2.89
CA ILE E 223 -12.48 2.72 2.12
C ILE E 223 -12.41 1.22 2.36
N GLY E 224 -13.53 0.60 2.67
CA GLY E 224 -13.54 -0.83 2.91
C GLY E 224 -13.64 -1.55 1.58
N TRP E 225 -14.31 -0.92 0.63
CA TRP E 225 -14.46 -1.50 -0.70
C TRP E 225 -14.37 -0.34 -1.66
N GLY E 226 -13.15 -0.15 -2.17
CA GLY E 226 -12.77 0.93 -3.06
C GLY E 226 -13.78 1.34 -4.10
N PRO E 227 -13.64 2.58 -4.63
CA PRO E 227 -14.55 3.11 -5.64
C PRO E 227 -14.76 2.05 -6.70
N GLY E 228 -16.02 1.73 -6.97
CA GLY E 228 -16.35 0.75 -7.97
C GLY E 228 -17.68 1.09 -8.58
N ARG E 229 -18.08 0.31 -9.57
CA ARG E 229 -19.37 0.49 -10.23
C ARG E 229 -20.06 -0.87 -10.30
N HIS E 230 -21.16 -1.01 -9.57
CA HIS E 230 -21.90 -2.26 -9.59
C HIS E 230 -22.51 -2.40 -10.97
N THR E 231 -22.92 -3.61 -11.34
CA THR E 231 -23.55 -3.80 -12.64
C THR E 231 -25.06 -3.69 -12.48
N ALA E 232 -25.62 -4.47 -11.56
CA ALA E 232 -27.07 -4.45 -11.30
C ALA E 232 -27.47 -3.10 -10.70
N GLY E 233 -27.98 -2.21 -11.53
CA GLY E 233 -28.36 -0.90 -11.03
C GLY E 233 -27.40 0.13 -11.59
N ASN E 234 -26.22 -0.35 -11.98
CA ASN E 234 -25.17 0.47 -12.59
C ASN E 234 -24.68 1.66 -11.73
N ASN E 235 -24.73 1.51 -10.41
CA ASN E 235 -24.31 2.57 -9.50
C ASN E 235 -22.86 2.48 -9.02
N THR E 236 -22.21 3.64 -8.94
CA THR E 236 -20.84 3.70 -8.46
C THR E 236 -20.93 3.48 -6.95
N PHE E 237 -19.90 2.91 -6.33
CA PHE E 237 -19.98 2.67 -4.88
C PHE E 237 -18.73 2.98 -4.07
N SER E 238 -18.91 2.99 -2.74
CA SER E 238 -17.85 3.24 -1.77
C SER E 238 -18.30 2.85 -0.38
N TYR E 239 -17.94 1.64 0.05
CA TYR E 239 -18.34 1.16 1.37
C TYR E 239 -17.40 1.55 2.49
N PHE E 240 -17.98 1.83 3.65
CA PHE E 240 -17.22 2.22 4.84
C PHE E 240 -17.70 1.54 6.11
N VAL E 241 -16.90 1.62 7.16
CA VAL E 241 -17.23 1.02 8.43
C VAL E 241 -17.26 2.09 9.52
N THR E 242 -18.46 2.39 10.02
CA THR E 242 -18.64 3.37 11.07
C THR E 242 -17.98 2.85 12.33
N PRO E 243 -17.52 3.75 13.21
CA PRO E 243 -16.85 3.39 14.47
C PRO E 243 -17.69 2.47 15.34
N GLY E 244 -18.96 2.36 14.99
CA GLY E 244 -19.85 1.51 15.75
C GLY E 244 -19.90 0.10 15.20
N GLY E 245 -19.23 -0.14 14.07
CA GLY E 245 -19.23 -1.47 13.50
C GLY E 245 -20.24 -1.69 12.38
N PHE E 246 -20.90 -0.61 11.97
CA PHE E 246 -21.89 -0.69 10.91
C PHE E 246 -21.29 -0.19 9.60
N VAL E 247 -21.74 -0.72 8.49
CA VAL E 247 -21.20 -0.27 7.22
C VAL E 247 -22.19 0.61 6.47
N THR E 248 -21.65 1.70 5.93
CA THR E 248 -22.42 2.67 5.18
C THR E 248 -21.79 2.85 3.79
N GLU E 249 -22.57 3.33 2.84
CA GLU E 249 -22.11 3.49 1.48
C GLU E 249 -22.45 4.83 0.84
N TYR E 250 -21.53 5.36 0.04
CA TYR E 250 -21.75 6.59 -0.72
C TYR E 250 -21.89 6.04 -2.13
N THR E 251 -23.09 6.13 -2.68
CA THR E 251 -23.35 5.60 -4.00
C THR E 251 -23.83 6.71 -4.93
N SER E 252 -23.80 6.43 -6.22
CA SER E 252 -24.26 7.39 -7.21
C SER E 252 -24.58 6.75 -8.55
N GLU E 253 -25.42 7.45 -9.31
CA GLU E 253 -25.85 7.04 -10.64
C GLU E 253 -26.64 5.74 -10.69
N LEU E 254 -27.48 5.52 -9.67
CA LEU E 254 -28.34 4.35 -9.64
C LEU E 254 -29.38 4.62 -10.71
N GLU E 255 -29.54 3.67 -11.62
CA GLU E 255 -30.48 3.86 -12.70
C GLU E 255 -31.93 4.04 -12.26
N GLU E 256 -32.68 4.77 -13.06
CA GLU E 256 -34.08 5.01 -12.82
C GLU E 256 -34.80 4.10 -13.79
N VAL E 257 -35.87 3.47 -13.33
CA VAL E 257 -36.65 2.59 -14.17
C VAL E 257 -38.15 2.85 -13.97
N ASP E 258 -38.94 2.39 -14.93
CA ASP E 258 -40.39 2.55 -14.82
C ASP E 258 -40.80 1.57 -13.76
N PHE E 259 -41.30 2.06 -12.64
CA PHE E 259 -41.71 1.16 -11.57
C PHE E 259 -42.55 -0.02 -12.04
N ASP E 260 -43.52 0.27 -12.91
CA ASP E 260 -44.41 -0.76 -13.38
C ASP E 260 -43.93 -1.78 -14.38
N THR E 261 -43.37 -1.33 -15.49
CA THR E 261 -42.95 -2.28 -16.52
C THR E 261 -41.53 -2.81 -16.51
N HIS E 262 -40.64 -2.26 -15.68
CA HIS E 262 -39.26 -2.73 -15.70
C HIS E 262 -39.03 -4.24 -15.78
N GLN E 263 -38.41 -4.65 -16.88
CA GLN E 263 -38.07 -6.05 -17.17
C GLN E 263 -36.83 -6.41 -16.35
N TYR E 264 -36.96 -7.37 -15.44
CA TYR E 264 -35.82 -7.76 -14.63
C TYR E 264 -34.97 -8.74 -15.40
N LYS E 265 -33.72 -8.84 -14.97
CA LYS E 265 -32.77 -9.75 -15.61
C LYS E 265 -32.04 -10.57 -14.55
N VAL E 266 -31.55 -11.72 -14.94
CA VAL E 266 -30.80 -12.56 -14.02
C VAL E 266 -29.35 -12.41 -14.44
N HIS E 267 -28.58 -11.57 -13.76
CA HIS E 267 -27.17 -11.41 -14.13
C HIS E 267 -26.38 -12.62 -13.74
N VAL E 268 -25.42 -13.00 -14.58
CA VAL E 268 -24.57 -14.13 -14.28
C VAL E 268 -23.47 -13.67 -13.34
N PRO E 269 -23.35 -14.30 -12.17
CA PRO E 269 -22.32 -13.91 -11.20
C PRO E 269 -20.95 -13.92 -11.87
N ALA E 270 -20.08 -12.98 -11.49
CA ALA E 270 -18.74 -12.87 -12.05
C ALA E 270 -18.04 -11.66 -11.41
N PRO E 271 -16.71 -11.75 -11.21
CA PRO E 271 -15.92 -10.67 -10.61
C PRO E 271 -16.24 -9.34 -11.26
N MSE E 272 -16.26 -9.34 -12.58
CA MSE E 272 -16.55 -8.10 -13.27
C MSE E 272 -17.98 -7.63 -13.02
O MSE E 272 -18.28 -6.48 -13.29
CB MSE E 272 -16.30 -8.25 -14.77
CG MSE E 272 -16.82 -9.57 -15.35
SE MSE E 272 -15.75 -10.01 -16.92
CE MSE E 272 -16.04 -8.25 -17.89
N VAL E 273 -18.84 -8.52 -12.49
CA VAL E 273 -20.22 -8.13 -12.19
C VAL E 273 -20.31 -7.25 -10.93
N MSE E 274 -19.80 -7.74 -9.79
CA MSE E 274 -19.84 -6.95 -8.56
C MSE E 274 -19.25 -5.56 -8.80
O MSE E 274 -19.80 -4.55 -8.35
CB MSE E 274 -19.01 -7.62 -7.44
CG MSE E 274 -19.52 -8.97 -6.92
SE MSE E 274 -21.46 -8.92 -6.72
CE MSE E 274 -21.62 -7.68 -5.19
N ASP E 275 -18.12 -5.51 -9.50
CA ASP E 275 -17.42 -4.25 -9.74
C ASP E 275 -16.83 -4.20 -11.17
N GLN E 276 -17.37 -3.31 -11.99
CA GLN E 276 -16.94 -3.15 -13.37
C GLN E 276 -15.67 -2.31 -13.56
N TRP E 277 -15.25 -1.64 -12.50
CA TRP E 277 -14.04 -0.82 -12.55
C TRP E 277 -12.88 -1.68 -12.06
N GLY E 278 -13.06 -2.28 -10.89
CA GLY E 278 -12.04 -3.14 -10.30
C GLY E 278 -10.70 -2.48 -10.20
N ILE E 279 -10.69 -1.18 -9.89
CA ILE E 279 -9.45 -0.44 -9.79
C ILE E 279 -9.21 0.14 -8.40
N GLY E 280 -9.97 -0.32 -7.41
CA GLY E 280 -9.81 0.17 -6.06
C GLY E 280 -9.29 -0.91 -5.11
N THR E 281 -9.55 -0.78 -3.82
CA THR E 281 -9.08 -1.78 -2.87
C THR E 281 -10.28 -2.41 -2.15
N GLY E 282 -10.00 -3.40 -1.34
CA GLY E 282 -11.06 -4.05 -0.59
C GLY E 282 -11.96 -4.97 -1.39
N GLY E 283 -13.10 -5.29 -0.78
CA GLY E 283 -14.07 -6.16 -1.40
C GLY E 283 -14.97 -6.63 -0.28
N PRO E 284 -16.09 -7.32 -0.59
CA PRO E 284 -16.95 -7.77 0.51
C PRO E 284 -16.02 -8.35 1.57
N GLN E 285 -14.98 -8.99 1.08
CA GLN E 285 -13.95 -9.62 1.89
C GLN E 285 -13.46 -8.75 3.04
N THR E 286 -13.24 -7.46 2.79
CA THR E 286 -12.74 -6.59 3.85
C THR E 286 -13.78 -5.82 4.66
N LEU E 287 -15.01 -6.33 4.72
CA LEU E 287 -16.04 -5.68 5.50
C LEU E 287 -16.55 -6.69 6.53
N PRO E 288 -17.16 -6.21 7.62
CA PRO E 288 -17.67 -7.11 8.64
C PRO E 288 -18.43 -8.30 8.09
N HIS E 289 -18.31 -9.43 8.78
CA HIS E 289 -19.01 -10.64 8.39
C HIS E 289 -20.42 -10.50 8.99
N PRO E 290 -21.45 -10.96 8.27
CA PRO E 290 -22.82 -10.85 8.81
C PRO E 290 -22.99 -11.70 10.07
N HIS E 291 -23.89 -11.26 10.93
CA HIS E 291 -24.16 -11.99 12.16
C HIS E 291 -25.60 -11.76 12.55
N ALA E 292 -26.23 -12.79 13.10
CA ALA E 292 -27.61 -12.67 13.51
C ALA E 292 -27.76 -11.39 14.30
N ASN E 293 -28.80 -10.62 13.99
CA ASN E 293 -29.06 -9.38 14.70
C ASN E 293 -29.49 -9.71 16.13
N PRO E 294 -28.80 -9.14 17.13
CA PRO E 294 -29.19 -9.44 18.51
C PRO E 294 -30.66 -9.14 18.78
N GLY E 295 -31.31 -10.01 19.56
CA GLY E 295 -32.69 -9.79 19.90
C GLY E 295 -33.71 -10.03 18.81
N LEU E 296 -33.67 -11.20 18.19
CA LEU E 296 -34.65 -11.48 17.15
C LEU E 296 -36.06 -11.46 17.74
N PHE E 297 -36.97 -10.83 17.02
CA PHE E 297 -38.37 -10.73 17.45
C PHE E 297 -38.55 -9.95 18.74
N GLN E 298 -37.56 -9.16 19.11
CA GLN E 298 -37.66 -8.35 20.32
C GLN E 298 -37.40 -6.88 20.01
N THR E 299 -38.17 -6.01 20.64
CA THR E 299 -38.02 -4.58 20.45
C THR E 299 -36.84 -4.13 21.32
N ALA E 300 -36.48 -2.86 21.20
CA ALA E 300 -35.39 -2.31 22.01
C ALA E 300 -35.80 -2.23 23.49
N GLU E 301 -37.10 -2.08 23.75
CA GLU E 301 -37.57 -1.99 25.13
C GLU E 301 -37.34 -3.28 25.92
N ALA E 302 -37.08 -4.38 25.21
CA ALA E 302 -36.85 -5.67 25.86
C ALA E 302 -35.51 -5.75 26.63
N GLU E 303 -34.43 -5.25 26.03
CA GLU E 303 -33.07 -5.28 26.64
C GLU E 303 -32.99 -4.87 28.11
N LEU F 3 -6.33 34.56 -40.28
CA LEU F 3 -5.45 33.82 -41.23
C LEU F 3 -5.69 32.32 -41.13
N SER F 4 -4.71 31.56 -41.61
CA SER F 4 -4.75 30.10 -41.55
C SER F 4 -4.17 29.71 -40.21
N ARG F 5 -4.63 28.61 -39.65
CA ARG F 5 -4.18 28.19 -38.33
C ARG F 5 -4.21 26.68 -38.18
N VAL F 6 -3.42 26.16 -37.24
CA VAL F 6 -3.40 24.74 -36.93
C VAL F 6 -4.79 24.45 -36.37
N THR F 7 -5.37 23.33 -36.78
CA THR F 7 -6.73 22.98 -36.34
C THR F 7 -6.85 21.65 -35.62
N GLU F 8 -5.73 20.95 -35.44
CA GLU F 8 -5.77 19.67 -34.77
C GLU F 8 -4.38 19.07 -34.62
N ILE F 9 -4.32 17.99 -33.85
CA ILE F 9 -3.08 17.27 -33.62
C ILE F 9 -3.14 15.97 -34.42
N ARG F 10 -2.06 15.65 -35.10
CA ARG F 10 -2.03 14.42 -35.88
C ARG F 10 -1.41 13.27 -35.10
N TYR F 11 -0.13 13.40 -34.77
CA TYR F 11 0.55 12.35 -34.06
C TYR F 11 1.85 12.82 -33.42
N VAL F 12 2.46 11.92 -32.68
CA VAL F 12 3.72 12.19 -32.02
C VAL F 12 4.68 11.10 -32.47
N GLY F 13 5.87 11.50 -32.87
CA GLY F 13 6.86 10.52 -33.30
C GLY F 13 7.92 10.38 -32.23
N TYR F 14 8.03 9.19 -31.66
CA TYR F 14 9.03 8.94 -30.65
C TYR F 14 10.25 8.20 -31.18
N GLY F 15 11.40 8.52 -30.59
CA GLY F 15 12.63 7.84 -30.91
C GLY F 15 12.78 6.97 -29.69
N VAL F 16 12.62 5.65 -29.82
CA VAL F 16 12.69 4.75 -28.68
C VAL F 16 13.84 3.75 -28.68
N LYS F 17 14.44 3.55 -27.51
CA LYS F 17 15.53 2.60 -27.35
C LYS F 17 15.03 1.16 -27.36
N ASP F 18 14.12 0.85 -26.44
CA ASP F 18 13.53 -0.50 -26.34
C ASP F 18 12.33 -0.53 -27.30
N PHE F 19 12.64 -0.39 -28.59
CA PHE F 19 11.66 -0.37 -29.65
C PHE F 19 10.60 -1.48 -29.64
N ASP F 20 10.98 -2.69 -29.26
CA ASP F 20 10.02 -3.80 -29.23
C ASP F 20 9.08 -3.74 -28.04
N ALA F 21 9.60 -3.34 -26.89
CA ALA F 21 8.76 -3.24 -25.71
C ALA F 21 7.71 -2.16 -25.94
N GLU F 22 8.15 -1.02 -26.50
CA GLU F 22 7.24 0.08 -26.75
C GLU F 22 6.24 -0.29 -27.86
N LYS F 23 6.72 -1.09 -28.81
CA LYS F 23 5.89 -1.57 -29.93
C LYS F 23 4.72 -2.36 -29.37
N ALA F 24 5.04 -3.34 -28.53
CA ALA F 24 4.03 -4.20 -27.91
C ALA F 24 3.09 -3.46 -26.97
N PHE F 25 3.58 -2.41 -26.33
CA PHE F 25 2.77 -1.62 -25.40
C PHE F 25 1.55 -1.02 -26.08
N TYR F 26 1.78 -0.28 -27.15
CA TYR F 26 0.70 0.36 -27.86
C TYR F 26 -0.31 -0.61 -28.47
N ALA F 27 0.17 -1.73 -29.00
CA ALA F 27 -0.73 -2.69 -29.62
C ALA F 27 -1.48 -3.52 -28.58
N ASP F 28 -0.74 -4.33 -27.83
CA ASP F 28 -1.32 -5.20 -26.80
C ASP F 28 -1.86 -4.55 -25.53
N VAL F 29 -1.22 -3.48 -25.06
CA VAL F 29 -1.66 -2.84 -23.81
C VAL F 29 -2.45 -1.53 -23.88
N TRP F 30 -1.84 -0.51 -24.48
CA TRP F 30 -2.49 0.79 -24.58
C TRP F 30 -3.80 0.81 -25.37
N GLY F 31 -3.93 -0.07 -26.36
CA GLY F 31 -5.17 -0.11 -27.11
C GLY F 31 -5.18 0.56 -28.47
N LEU F 32 -4.00 0.84 -29.02
CA LEU F 32 -3.93 1.44 -30.34
C LEU F 32 -3.86 0.30 -31.33
N GLU F 33 -4.09 0.61 -32.61
CA GLU F 33 -4.08 -0.42 -33.65
C GLU F 33 -2.90 -0.25 -34.61
N PRO F 34 -2.11 -1.31 -34.80
CA PRO F 34 -0.96 -1.29 -35.71
C PRO F 34 -1.36 -0.86 -37.11
N VAL F 35 -0.66 0.11 -37.68
CA VAL F 35 -1.00 0.54 -39.03
C VAL F 35 0.03 0.01 -39.99
N GLY F 36 1.29 0.09 -39.59
CA GLY F 36 2.34 -0.41 -40.44
C GLY F 36 3.66 -0.50 -39.72
N GLU F 37 4.60 -1.20 -40.32
CA GLU F 37 5.92 -1.33 -39.72
C GLU F 37 6.94 -1.59 -40.81
N ASP F 38 8.19 -1.44 -40.44
CA ASP F 38 9.31 -1.71 -41.31
C ASP F 38 10.39 -2.01 -40.29
N ALA F 39 11.62 -2.26 -40.74
CA ALA F 39 12.72 -2.59 -39.84
C ALA F 39 12.93 -1.62 -38.69
N ASN F 40 12.78 -0.32 -38.95
CA ASN F 40 13.01 0.68 -37.92
C ASN F 40 11.85 1.58 -37.50
N ASN F 41 10.65 1.30 -37.98
CA ASN F 41 9.52 2.15 -37.61
C ASN F 41 8.23 1.39 -37.44
N ALA F 42 7.38 1.90 -36.57
CA ALA F 42 6.07 1.31 -36.32
C ALA F 42 5.10 2.47 -36.17
N TRP F 43 3.91 2.33 -36.74
CA TRP F 43 2.88 3.34 -36.67
C TRP F 43 1.66 2.78 -35.96
N PHE F 44 0.94 3.63 -35.23
CA PHE F 44 -0.24 3.19 -34.50
C PHE F 44 -1.37 4.19 -34.66
N LYS F 45 -2.59 3.68 -34.59
CA LYS F 45 -3.77 4.48 -34.84
C LYS F 45 -4.82 4.33 -33.76
N ALA F 46 -5.61 5.38 -33.56
CA ALA F 46 -6.68 5.30 -32.56
C ALA F 46 -7.83 4.62 -33.28
N GLN F 47 -8.50 3.71 -32.59
CA GLN F 47 -9.60 3.03 -33.24
C GLN F 47 -10.81 3.93 -33.43
N GLY F 48 -10.91 4.98 -32.61
CA GLY F 48 -12.05 5.90 -32.71
C GLY F 48 -11.85 7.19 -33.48
N ALA F 49 -10.79 7.30 -34.27
CA ALA F 49 -10.55 8.51 -35.05
C ALA F 49 -10.01 8.18 -36.43
N ASP F 50 -10.48 8.91 -37.44
CA ASP F 50 -10.04 8.66 -38.80
C ASP F 50 -8.60 9.10 -39.07
N GLU F 51 -7.94 9.65 -38.06
CA GLU F 51 -6.55 10.09 -38.20
C GLU F 51 -5.73 8.90 -38.65
N HIS F 52 -5.00 9.04 -39.75
CA HIS F 52 -4.19 7.94 -40.26
C HIS F 52 -3.38 7.22 -39.18
N HIS F 53 -2.74 7.98 -38.31
CA HIS F 53 -2.01 7.43 -37.18
C HIS F 53 -1.70 8.50 -36.15
N VAL F 54 -1.64 8.11 -34.88
CA VAL F 54 -1.38 9.07 -33.82
C VAL F 54 -0.06 8.86 -33.12
N VAL F 55 0.65 7.80 -33.50
CA VAL F 55 1.93 7.48 -32.91
C VAL F 55 2.88 6.83 -33.89
N GLN F 56 4.14 7.26 -33.83
CA GLN F 56 5.19 6.67 -34.65
C GLN F 56 6.42 6.38 -33.81
N LEU F 57 6.90 5.14 -33.87
CA LEU F 57 8.08 4.73 -33.16
C LEU F 57 9.19 4.49 -34.16
N ARG F 58 10.42 4.80 -33.74
CA ARG F 58 11.62 4.61 -34.56
C ARG F 58 12.71 4.08 -33.57
N ARG F 59 13.31 2.94 -33.94
CA ARG F 59 14.45 2.34 -33.25
C ARG F 59 15.53 3.44 -33.10
N ALA F 60 15.80 3.81 -31.86
CA ALA F 60 16.81 4.80 -31.59
C ALA F 60 17.83 4.39 -30.53
N ASP F 61 18.94 5.14 -30.48
CA ASP F 61 20.04 4.92 -29.52
C ASP F 61 19.65 5.57 -28.19
N GLU F 62 18.72 6.50 -28.24
CA GLU F 62 18.31 7.22 -27.03
C GLU F 62 16.89 7.75 -27.20
N ASN F 63 16.09 7.63 -26.15
CA ASN F 63 14.71 8.09 -26.21
C ASN F 63 14.59 9.60 -26.36
N ARG F 64 13.74 10.02 -27.29
CA ARG F 64 13.54 11.42 -27.53
C ARG F 64 12.26 11.65 -28.32
N ILE F 65 11.90 12.90 -28.51
CA ILE F 65 10.73 13.20 -29.30
C ILE F 65 11.29 13.56 -30.68
N ASP F 66 10.86 12.87 -31.71
CA ASP F 66 11.36 13.15 -33.05
C ASP F 66 10.55 14.27 -33.73
N VAL F 67 9.25 14.28 -33.48
CA VAL F 67 8.38 15.27 -34.09
C VAL F 67 6.98 15.28 -33.49
N ILE F 68 6.34 16.45 -33.55
CA ILE F 68 4.98 16.63 -33.08
C ILE F 68 4.25 17.11 -34.33
N ALA F 69 3.37 16.28 -34.88
CA ALA F 69 2.67 16.68 -36.10
C ALA F 69 1.33 17.33 -35.86
N LEU F 70 1.11 18.44 -36.56
CA LEU F 70 -0.12 19.22 -36.45
C LEU F 70 -0.87 19.20 -37.77
N ALA F 71 -2.13 19.62 -37.75
CA ALA F 71 -2.94 19.63 -38.96
C ALA F 71 -3.37 21.01 -39.40
N ALA F 72 -3.44 21.18 -40.72
CA ALA F 72 -3.87 22.42 -41.35
C ALA F 72 -4.99 21.99 -42.29
N ASP F 73 -5.89 22.91 -42.64
CA ASP F 73 -7.02 22.56 -43.50
C ASP F 73 -6.71 22.41 -44.99
N SER F 74 -5.95 23.33 -45.55
CA SER F 74 -5.66 23.27 -46.97
C SER F 74 -4.18 23.36 -47.26
N ARG F 75 -3.83 22.93 -48.46
CA ARG F 75 -2.46 22.94 -48.91
C ARG F 75 -1.92 24.38 -48.91
N SER F 76 -2.81 25.36 -48.89
CA SER F 76 -2.39 26.75 -48.89
C SER F 76 -2.26 27.24 -47.47
N ASP F 77 -2.90 26.54 -46.54
CA ASP F 77 -2.79 26.91 -45.13
C ASP F 77 -1.38 26.50 -44.74
N VAL F 78 -0.97 25.32 -45.15
CA VAL F 78 0.36 24.87 -44.82
C VAL F 78 1.39 25.86 -45.34
N ASP F 79 1.18 26.38 -46.56
CA ASP F 79 2.13 27.33 -47.13
C ASP F 79 2.16 28.62 -46.30
N ALA F 80 0.98 29.05 -45.86
CA ALA F 80 0.86 30.26 -45.05
C ALA F 80 1.63 30.12 -43.75
N LEU F 81 1.39 29.01 -43.05
CA LEU F 81 2.07 28.73 -41.81
C LEU F 81 3.58 28.65 -42.05
N ARG F 82 3.96 28.17 -43.24
CA ARG F 82 5.38 28.08 -43.58
C ARG F 82 6.01 29.46 -43.65
N ALA F 83 5.20 30.49 -43.88
CA ALA F 83 5.71 31.85 -43.93
C ALA F 83 5.68 32.43 -42.51
N SER F 84 4.55 32.24 -41.81
CA SER F 84 4.41 32.73 -40.44
C SER F 84 5.56 32.23 -39.60
N VAL F 85 5.81 30.92 -39.70
CA VAL F 85 6.89 30.30 -38.97
C VAL F 85 8.22 30.97 -39.31
N GLU F 86 8.45 31.19 -40.61
CA GLU F 86 9.66 31.85 -41.11
C GLU F 86 9.80 33.22 -40.44
N ALA F 87 8.75 34.02 -40.60
CA ALA F 87 8.69 35.38 -40.05
C ALA F 87 8.88 35.43 -38.53
N ALA F 88 8.61 34.32 -37.85
CA ALA F 88 8.72 34.25 -36.40
C ALA F 88 10.16 33.92 -35.99
N GLY F 89 10.99 33.57 -36.96
CA GLY F 89 12.37 33.22 -36.70
C GLY F 89 12.60 31.75 -36.43
N CYS F 90 11.67 30.90 -36.86
CA CYS F 90 11.82 29.46 -36.63
C CYS F 90 12.70 28.80 -37.67
N LYS F 91 13.53 27.85 -37.24
CA LYS F 91 14.38 27.14 -38.17
C LYS F 91 13.56 26.13 -38.95
N VAL F 92 13.51 26.29 -40.27
CA VAL F 92 12.77 25.39 -41.15
C VAL F 92 13.62 24.16 -41.46
N ALA F 93 13.10 22.97 -41.17
CA ALA F 93 13.86 21.74 -41.46
C ALA F 93 13.54 21.12 -42.82
N SER F 94 12.39 21.48 -43.39
CA SER F 94 11.93 20.99 -44.69
C SER F 94 10.95 21.94 -45.36
N GLU F 95 10.99 22.01 -46.69
CA GLU F 95 10.07 22.87 -47.42
C GLU F 95 8.74 22.15 -47.68
N PRO F 96 7.64 22.90 -47.71
CA PRO F 96 6.31 22.33 -47.93
C PRO F 96 6.25 21.53 -49.22
N ALA F 97 5.98 20.23 -49.06
CA ALA F 97 5.91 19.30 -50.17
C ALA F 97 5.10 18.07 -49.78
N VAL F 98 4.94 17.14 -50.73
CA VAL F 98 4.21 15.91 -50.50
C VAL F 98 5.03 15.05 -49.56
N LEU F 99 4.37 14.45 -48.57
CA LEU F 99 5.08 13.62 -47.61
C LEU F 99 5.23 12.19 -48.10
N ALA F 100 6.35 11.58 -47.74
CA ALA F 100 6.66 10.22 -48.12
C ALA F 100 6.35 9.27 -46.97
N THR F 101 5.71 9.80 -45.93
CA THR F 101 5.34 8.98 -44.79
C THR F 101 3.93 8.44 -45.01
N PRO F 102 3.58 7.33 -44.33
CA PRO F 102 2.26 6.71 -44.46
C PRO F 102 1.14 7.73 -44.51
N GLY F 103 0.13 7.48 -45.33
CA GLY F 103 -0.97 8.43 -45.43
C GLY F 103 -0.60 9.68 -46.20
N GLY F 104 0.69 9.82 -46.50
CA GLY F 104 1.15 10.98 -47.23
C GLY F 104 0.64 12.32 -46.72
N GLY F 105 0.22 13.17 -47.65
CA GLY F 105 -0.25 14.47 -47.28
C GLY F 105 0.79 15.51 -47.68
N TYR F 106 0.46 16.78 -47.52
CA TYR F 106 1.36 17.87 -47.90
C TYR F 106 1.75 18.72 -46.69
N GLY F 107 3.04 18.71 -46.33
CA GLY F 107 3.46 19.49 -45.19
C GLY F 107 4.95 19.80 -45.12
N PHE F 108 5.38 20.28 -43.95
CA PHE F 108 6.79 20.63 -43.74
C PHE F 108 7.14 20.56 -42.26
N ARG F 109 8.44 20.52 -41.98
CA ARG F 109 8.91 20.47 -40.61
C ARG F 109 9.76 21.68 -40.24
N PHE F 110 9.48 22.23 -39.06
CA PHE F 110 10.18 23.39 -38.53
C PHE F 110 10.34 23.18 -37.03
N PHE F 111 11.28 23.90 -36.44
CA PHE F 111 11.53 23.80 -35.01
C PHE F 111 10.80 24.94 -34.29
N SER F 112 10.22 24.63 -33.15
CA SER F 112 9.56 25.65 -32.35
C SER F 112 10.68 26.54 -31.81
N PRO F 113 10.33 27.67 -31.17
CA PRO F 113 11.41 28.51 -30.66
C PRO F 113 12.39 27.79 -29.71
N ASP F 114 11.95 26.71 -29.08
CA ASP F 114 12.84 26.02 -28.15
C ASP F 114 13.64 24.85 -28.70
N GLY F 115 13.38 24.44 -29.93
CA GLY F 115 14.13 23.33 -30.52
C GLY F 115 13.41 22.01 -30.74
N LEU F 116 12.10 21.99 -30.53
CA LEU F 116 11.32 20.78 -30.75
C LEU F 116 10.89 20.76 -32.22
N LEU F 117 11.08 19.63 -32.89
CA LEU F 117 10.70 19.50 -34.29
C LEU F 117 9.20 19.31 -34.42
N PHE F 118 8.57 20.21 -35.16
CA PHE F 118 7.14 20.16 -35.41
C PHE F 118 6.88 19.89 -36.87
N GLU F 119 5.67 19.45 -37.17
CA GLU F 119 5.28 19.21 -38.54
C GLU F 119 3.85 19.69 -38.73
N VAL F 120 3.62 20.37 -39.84
CA VAL F 120 2.29 20.88 -40.18
C VAL F 120 1.97 20.33 -41.56
N SER F 121 0.78 19.78 -41.72
CA SER F 121 0.42 19.22 -43.00
C SER F 121 -1.08 19.25 -43.21
N SER F 122 -1.50 18.94 -44.42
CA SER F 122 -2.91 18.91 -44.76
C SER F 122 -3.12 17.75 -45.70
N ASP F 123 -4.39 17.46 -45.96
CA ASP F 123 -4.78 16.42 -46.90
C ASP F 123 -4.20 15.02 -46.65
N VAL F 124 -3.90 14.71 -45.40
CA VAL F 124 -3.37 13.39 -45.06
C VAL F 124 -4.53 12.38 -45.17
N ALA F 125 -4.27 11.27 -45.86
CA ALA F 125 -5.28 10.24 -46.06
C ALA F 125 -5.97 9.84 -44.76
N LYS F 126 -7.29 9.68 -44.82
CA LYS F 126 -8.05 9.24 -43.67
C LYS F 126 -7.91 7.72 -43.61
N GLY F 127 -7.98 7.16 -42.41
CA GLY F 127 -7.87 5.73 -42.29
C GLY F 127 -9.20 5.24 -41.75
N ALA F 128 -9.24 3.99 -41.32
CA ALA F 128 -10.47 3.43 -40.77
C ALA F 128 -10.90 4.23 -39.53
N LYS F 129 -12.17 4.08 -39.15
CA LYS F 129 -12.73 4.75 -37.97
C LYS F 129 -14.03 4.07 -37.55
N ARG F 130 -14.35 4.15 -36.27
CA ARG F 130 -15.58 3.55 -35.76
C ARG F 130 -16.00 4.11 -34.41
N ASP F 131 -17.25 3.83 -34.03
CA ASP F 131 -17.80 4.25 -32.75
C ASP F 131 -17.53 3.21 -31.67
N LEU F 132 -16.71 3.55 -30.70
CA LEU F 132 -16.40 2.62 -29.62
C LEU F 132 -17.62 2.46 -28.73
N ALA F 133 -17.72 1.29 -28.12
CA ALA F 133 -18.82 0.99 -27.22
C ALA F 133 -18.33 1.16 -25.79
N ARG F 134 -19.24 1.51 -24.88
CA ARG F 134 -18.83 1.66 -23.50
C ARG F 134 -18.17 0.36 -23.02
N TRP F 135 -17.12 0.50 -22.22
CA TRP F 135 -16.38 -0.62 -21.64
C TRP F 135 -15.26 -1.23 -22.49
N GLU F 136 -15.10 -0.75 -23.73
CA GLU F 136 -14.03 -1.27 -24.57
C GLU F 136 -12.64 -0.94 -23.98
N GLY F 137 -12.56 0.18 -23.26
CA GLY F 137 -11.31 0.60 -22.64
C GLY F 137 -10.16 1.00 -23.54
N VAL F 138 -10.44 1.47 -24.74
CA VAL F 138 -9.37 1.90 -25.63
C VAL F 138 -9.56 3.34 -26.09
N PRO F 139 -8.48 4.01 -26.48
CA PRO F 139 -8.59 5.40 -26.93
C PRO F 139 -9.49 5.65 -28.11
N VAL F 140 -10.19 6.78 -28.07
CA VAL F 140 -11.04 7.20 -29.16
C VAL F 140 -10.11 7.94 -30.12
N LYS F 141 -9.41 8.95 -29.60
CA LYS F 141 -8.46 9.74 -30.37
C LYS F 141 -7.48 10.38 -29.37
N ILE F 142 -6.62 11.27 -29.83
CA ILE F 142 -5.68 11.96 -28.95
C ILE F 142 -6.35 13.17 -28.29
N SER F 143 -6.17 13.30 -26.98
CA SER F 143 -6.76 14.38 -26.19
C SER F 143 -5.95 15.67 -26.19
N HIS F 144 -4.76 15.62 -25.62
CA HIS F 144 -3.89 16.78 -25.58
C HIS F 144 -2.42 16.37 -25.45
N ILE F 145 -1.55 17.36 -25.63
CA ILE F 145 -0.11 17.18 -25.52
C ILE F 145 0.39 18.31 -24.62
N VAL F 146 1.21 17.97 -23.63
CA VAL F 146 1.74 18.94 -22.71
C VAL F 146 3.23 19.14 -22.91
N LEU F 147 3.64 20.39 -23.02
CA LEU F 147 5.03 20.75 -23.27
C LEU F 147 5.68 21.57 -22.18
N HIS F 148 6.99 21.39 -22.04
CA HIS F 148 7.78 22.13 -21.07
C HIS F 148 8.61 23.14 -21.85
N SER F 149 8.64 24.38 -21.41
CA SER F 149 9.42 25.41 -22.08
C SER F 149 10.19 26.25 -21.08
N PRO F 150 11.41 26.65 -21.44
CA PRO F 150 12.27 27.47 -20.59
C PRO F 150 11.77 28.91 -20.56
N ASN F 151 10.90 29.22 -21.51
CA ASN F 151 10.27 30.53 -21.64
C ASN F 151 8.86 30.23 -22.10
N HIS F 152 8.05 29.68 -21.21
CA HIS F 152 6.68 29.32 -21.54
C HIS F 152 5.78 30.49 -21.91
N GLN F 153 6.04 31.67 -21.37
CA GLN F 153 5.20 32.83 -21.72
C GLN F 153 5.38 33.09 -23.21
N ASP F 154 6.61 32.97 -23.69
CA ASP F 154 6.90 33.19 -25.10
C ASP F 154 6.39 32.03 -25.92
N MSE F 155 6.49 30.83 -25.35
CA MSE F 155 6.04 29.64 -26.04
C MSE F 155 4.54 29.75 -26.25
O MSE F 155 4.02 29.31 -27.28
CB MSE F 155 6.40 28.39 -25.22
CG MSE F 155 6.10 27.08 -25.92
SE MSE F 155 6.76 26.96 -27.78
CE MSE F 155 8.69 26.76 -27.53
N VAL F 156 3.84 30.34 -25.28
CA VAL F 156 2.40 30.49 -25.36
C VAL F 156 2.03 31.44 -26.48
N LYS F 157 2.77 32.54 -26.57
CA LYS F 157 2.53 33.53 -27.60
C LYS F 157 2.85 32.97 -28.97
N PHE F 158 3.84 32.10 -29.06
CA PHE F 158 4.19 31.51 -30.34
C PHE F 158 3.00 30.71 -30.85
N PHE F 159 2.44 29.90 -29.96
CA PHE F 159 1.31 29.04 -30.27
C PHE F 159 0.05 29.80 -30.66
N THR F 160 -0.15 30.99 -30.10
CA THR F 160 -1.34 31.78 -30.43
C THR F 160 -1.14 32.73 -31.60
N ASP F 161 -0.02 33.44 -31.61
CA ASP F 161 0.25 34.41 -32.67
C ASP F 161 0.76 33.81 -33.96
N VAL F 162 1.46 32.68 -33.87
CA VAL F 162 1.98 32.06 -35.06
C VAL F 162 1.12 30.89 -35.54
N LEU F 163 0.88 29.91 -34.67
CA LEU F 163 0.09 28.75 -35.07
C LEU F 163 -1.41 28.96 -35.06
N GLY F 164 -1.88 30.01 -34.36
CA GLY F 164 -3.30 30.28 -34.32
C GLY F 164 -4.08 29.68 -33.17
N PHE F 165 -3.40 29.14 -32.18
CA PHE F 165 -4.06 28.57 -31.02
C PHE F 165 -4.66 29.70 -30.19
N LYS F 166 -5.60 29.37 -29.30
CA LYS F 166 -6.21 30.37 -28.42
C LYS F 166 -6.05 29.87 -27.00
N VAL F 167 -6.08 30.78 -26.03
CA VAL F 167 -5.91 30.39 -24.64
C VAL F 167 -7.25 30.10 -23.95
N SER F 168 -7.40 28.89 -23.43
CA SER F 168 -8.63 28.48 -22.75
C SER F 168 -8.53 28.59 -21.23
N ASP F 169 -7.31 28.63 -20.72
CA ASP F 169 -7.12 28.72 -19.29
C ASP F 169 -5.67 28.85 -18.85
N TRP F 170 -5.52 29.30 -17.61
CA TRP F 170 -4.23 29.44 -17.00
C TRP F 170 -4.37 28.86 -15.62
N LEU F 171 -3.31 28.22 -15.17
CA LEU F 171 -3.26 27.65 -13.86
C LEU F 171 -2.23 28.62 -13.28
N GLY F 172 -2.69 29.59 -12.50
CA GLY F 172 -1.79 30.59 -11.95
C GLY F 172 -1.21 31.31 -13.15
N ASP F 173 0.11 31.26 -13.30
CA ASP F 173 0.74 31.89 -14.44
C ASP F 173 1.88 31.01 -14.93
N PHE F 174 1.83 29.74 -14.55
CA PHE F 174 2.86 28.78 -14.94
C PHE F 174 2.42 27.68 -15.91
N MSE F 175 1.12 27.42 -16.01
CA MSE F 175 0.67 26.39 -16.94
C MSE F 175 -0.46 26.93 -17.81
O MSE F 175 -1.49 27.37 -17.31
CB MSE F 175 0.22 25.15 -16.17
CG MSE F 175 -0.07 23.96 -17.06
SE MSE F 175 -0.95 22.52 -16.09
CE MSE F 175 0.61 21.48 -15.58
N CYS F 176 -0.29 26.87 -19.12
CA CYS F 176 -1.30 27.37 -20.03
C CYS F 176 -1.99 26.29 -20.84
N PHE F 177 -3.29 26.48 -21.10
CA PHE F 177 -4.09 25.53 -21.86
C PHE F 177 -4.53 26.17 -23.17
N LEU F 178 -4.12 25.57 -24.29
CA LEU F 178 -4.42 26.09 -25.61
C LEU F 178 -5.34 25.18 -26.42
N ARG F 179 -6.30 25.80 -27.11
CA ARG F 179 -7.29 25.12 -27.93
C ARG F 179 -7.14 25.46 -29.41
N CYS F 180 -7.33 24.46 -30.26
CA CYS F 180 -7.24 24.68 -31.70
C CYS F 180 -8.59 24.38 -32.35
N ASN F 181 -9.54 23.88 -31.56
CA ASN F 181 -10.89 23.61 -32.04
C ASN F 181 -11.84 23.78 -30.85
N SER F 182 -12.90 22.97 -30.80
CA SER F 182 -13.88 23.09 -29.71
C SER F 182 -13.46 22.52 -28.36
N ALA F 183 -12.50 21.60 -28.38
CA ALA F 183 -12.03 20.99 -27.14
C ALA F 183 -11.28 22.01 -26.28
N HIS F 184 -11.51 21.98 -24.97
CA HIS F 184 -10.87 22.92 -24.05
C HIS F 184 -9.39 23.15 -24.37
N HIS F 185 -8.69 22.08 -24.75
CA HIS F 185 -7.29 22.21 -25.15
C HIS F 185 -6.72 20.94 -25.76
N ARG F 186 -5.82 21.12 -26.71
CA ARG F 186 -5.15 20.02 -27.36
C ARG F 186 -3.67 20.15 -27.04
N ILE F 187 -3.31 21.31 -26.49
CA ILE F 187 -1.94 21.64 -26.11
C ILE F 187 -1.92 22.38 -24.76
N ALA F 188 -0.92 22.11 -23.95
CA ALA F 188 -0.76 22.77 -22.65
C ALA F 188 0.72 23.04 -22.45
N ILE F 189 1.05 24.28 -22.12
CA ILE F 189 2.45 24.63 -21.92
C ILE F 189 2.78 24.78 -20.44
N LEU F 190 3.95 24.29 -20.07
CA LEU F 190 4.41 24.32 -18.69
C LEU F 190 5.90 24.70 -18.63
N PRO F 191 6.39 25.17 -17.47
CA PRO F 191 7.80 25.55 -17.36
C PRO F 191 8.72 24.33 -17.26
N GLY F 192 10.01 24.55 -17.48
CA GLY F 192 10.97 23.46 -17.40
C GLY F 192 11.74 23.34 -18.70
N PRO F 193 12.73 22.43 -18.77
CA PRO F 193 13.53 22.26 -19.99
C PRO F 193 12.67 21.91 -21.19
N PRO F 194 13.09 22.36 -22.39
CA PRO F 194 12.29 22.05 -23.59
C PRO F 194 12.05 20.57 -23.77
N CYS F 195 10.79 20.16 -23.67
CA CYS F 195 10.47 18.75 -23.81
C CYS F 195 8.99 18.51 -23.75
N LEU F 196 8.61 17.27 -24.06
CA LEU F 196 7.23 16.83 -24.02
C LEU F 196 6.99 16.10 -22.70
N ASN F 197 5.97 16.55 -21.98
CA ASN F 197 5.61 15.95 -20.69
C ASN F 197 4.85 14.65 -20.93
N HIS F 198 3.70 14.75 -21.58
CA HIS F 198 2.92 13.57 -21.88
C HIS F 198 1.98 13.79 -23.03
N VAL F 199 1.44 12.68 -23.51
CA VAL F 199 0.45 12.64 -24.57
C VAL F 199 -0.73 11.95 -23.91
N ALA F 200 -1.90 12.57 -23.95
CA ALA F 200 -3.09 12.01 -23.32
C ALA F 200 -4.10 11.54 -24.34
N TYR F 201 -4.71 10.39 -24.10
CA TYR F 201 -5.68 9.83 -25.01
C TYR F 201 -7.08 9.89 -24.47
N ASP F 202 -8.01 10.33 -25.29
CA ASP F 202 -9.42 10.46 -24.92
C ASP F 202 -10.15 9.11 -24.85
N MSE F 203 -10.91 8.92 -23.78
CA MSE F 203 -11.70 7.69 -23.57
C MSE F 203 -13.17 8.06 -23.81
O MSE F 203 -13.57 9.23 -23.64
CB MSE F 203 -11.52 7.16 -22.15
CG MSE F 203 -10.10 6.87 -21.76
SE MSE F 203 -9.20 5.81 -23.16
CE MSE F 203 -9.04 4.07 -22.26
N LEU F 204 -13.98 7.08 -24.20
CA LEU F 204 -15.38 7.33 -24.45
C LEU F 204 -16.03 7.90 -23.20
N SER F 205 -15.67 7.33 -22.05
CA SER F 205 -16.22 7.78 -20.79
C SER F 205 -15.30 7.41 -19.62
N VAL F 206 -15.59 8.01 -18.47
CA VAL F 206 -14.85 7.75 -17.25
C VAL F 206 -14.74 6.24 -17.00
N ASP F 207 -15.82 5.50 -17.32
CA ASP F 207 -15.83 4.04 -17.12
C ASP F 207 -14.74 3.39 -17.96
N ASP F 208 -14.63 3.84 -19.20
CA ASP F 208 -13.64 3.29 -20.10
C ASP F 208 -12.25 3.54 -19.56
N MSE F 209 -12.05 4.71 -18.96
CA MSE F 209 -10.75 5.02 -18.43
C MSE F 209 -10.40 4.05 -17.31
O MSE F 209 -9.26 3.62 -17.18
CB MSE F 209 -10.71 6.44 -17.87
CG MSE F 209 -9.38 6.76 -17.22
SE MSE F 209 -9.45 8.47 -16.35
CE MSE F 209 -10.23 7.92 -14.63
N MSE F 210 -11.40 3.70 -16.51
CA MSE F 210 -11.21 2.77 -15.42
C MSE F 210 -10.96 1.39 -16.02
O MSE F 210 -10.06 0.65 -15.60
CB MSE F 210 -12.43 2.73 -14.53
CG MSE F 210 -12.80 4.11 -14.00
SE MSE F 210 -11.46 4.85 -12.77
CE MSE F 210 -12.63 6.12 -11.82
N ARG F 211 -11.78 1.03 -17.00
CA ARG F 211 -11.61 -0.26 -17.64
C ARG F 211 -10.21 -0.32 -18.23
N GLY F 212 -9.83 0.74 -18.93
CA GLY F 212 -8.52 0.81 -19.54
C GLY F 212 -7.44 0.68 -18.51
N ALA F 213 -7.51 1.47 -17.44
CA ALA F 213 -6.51 1.44 -16.38
C ALA F 213 -6.40 0.07 -15.69
N HIS F 214 -7.52 -0.64 -15.59
CA HIS F 214 -7.52 -1.96 -14.96
C HIS F 214 -6.72 -2.92 -15.83
N ARG F 215 -6.78 -2.70 -17.14
CA ARG F 215 -6.05 -3.56 -18.07
C ARG F 215 -4.54 -3.38 -17.91
N LEU F 216 -4.10 -2.13 -17.83
CA LEU F 216 -2.67 -1.86 -17.65
C LEU F 216 -2.24 -2.42 -16.30
N LYS F 217 -3.17 -2.43 -15.35
CA LYS F 217 -2.90 -2.93 -14.01
C LYS F 217 -2.53 -4.42 -14.09
N VAL F 218 -3.42 -5.25 -14.67
CA VAL F 218 -3.10 -6.67 -14.78
C VAL F 218 -2.00 -6.91 -15.80
N LYS F 219 -1.77 -5.96 -16.68
CA LYS F 219 -0.71 -6.13 -17.67
C LYS F 219 0.63 -5.80 -17.01
N GLY F 220 0.58 -5.43 -15.73
CA GLY F 220 1.81 -5.11 -15.00
C GLY F 220 2.20 -3.63 -14.98
N ILE F 221 1.30 -2.75 -15.38
CA ILE F 221 1.64 -1.34 -15.36
C ILE F 221 0.76 -0.59 -14.35
N ASP F 222 1.40 -0.04 -13.32
CA ASP F 222 0.66 0.68 -12.29
C ASP F 222 0.34 2.10 -12.69
N ILE F 223 -0.75 2.62 -12.14
CA ILE F 223 -1.18 3.98 -12.40
C ILE F 223 -0.17 4.90 -11.71
N GLY F 224 0.59 5.64 -12.49
CA GLY F 224 1.58 6.55 -11.93
C GLY F 224 0.95 7.67 -11.12
N TRP F 225 -0.21 8.12 -11.54
CA TRP F 225 -0.89 9.18 -10.82
C TRP F 225 -2.37 8.80 -10.86
N GLY F 226 -2.77 8.04 -9.82
CA GLY F 226 -4.13 7.50 -9.64
C GLY F 226 -5.28 8.22 -10.29
N PRO F 227 -6.46 7.57 -10.40
CA PRO F 227 -7.63 8.20 -11.02
C PRO F 227 -7.94 9.52 -10.35
N GLY F 228 -8.06 10.56 -11.15
CA GLY F 228 -8.35 11.85 -10.57
C GLY F 228 -9.06 12.68 -11.58
N ARG F 229 -9.32 13.92 -11.24
CA ARG F 229 -9.99 14.83 -12.15
C ARG F 229 -9.36 16.21 -11.96
N HIS F 230 -8.91 16.79 -13.07
CA HIS F 230 -8.29 18.11 -13.05
C HIS F 230 -9.38 19.18 -13.03
N THR F 231 -9.02 20.41 -12.68
CA THR F 231 -9.99 21.51 -12.66
C THR F 231 -10.00 22.23 -14.01
N ALA F 232 -8.84 22.42 -14.61
CA ALA F 232 -8.78 23.08 -15.91
C ALA F 232 -9.13 22.06 -16.99
N GLY F 233 -10.36 22.15 -17.49
CA GLY F 233 -10.81 21.21 -18.51
C GLY F 233 -11.78 20.24 -17.89
N ASN F 234 -11.72 20.14 -16.56
CA ASN F 234 -12.60 19.26 -15.81
C ASN F 234 -12.50 17.81 -16.25
N ASN F 235 -11.44 17.49 -17.00
CA ASN F 235 -11.23 16.14 -17.51
C ASN F 235 -10.62 15.21 -16.49
N THR F 236 -11.18 13.99 -16.41
CA THR F 236 -10.69 12.95 -15.49
C THR F 236 -9.36 12.48 -16.05
N PHE F 237 -8.50 11.99 -15.18
CA PHE F 237 -7.18 11.58 -15.62
C PHE F 237 -6.63 10.34 -14.97
N SER F 238 -5.62 9.79 -15.63
CA SER F 238 -4.95 8.60 -15.15
C SER F 238 -3.63 8.53 -15.93
N TYR F 239 -2.52 8.81 -15.25
CA TYR F 239 -1.21 8.78 -15.91
C TYR F 239 -0.43 7.48 -15.76
N PHE F 240 0.26 7.09 -16.82
CA PHE F 240 1.06 5.86 -16.83
C PHE F 240 2.44 6.09 -17.43
N VAL F 241 3.38 5.22 -17.06
CA VAL F 241 4.74 5.30 -17.58
C VAL F 241 4.91 4.11 -18.52
N THR F 242 5.16 4.39 -19.79
CA THR F 242 5.31 3.35 -20.80
C THR F 242 6.60 2.58 -20.59
N PRO F 243 6.67 1.33 -21.09
CA PRO F 243 7.90 0.56 -20.92
C PRO F 243 9.07 1.30 -21.57
N GLY F 244 8.75 2.22 -22.47
CA GLY F 244 9.80 2.97 -23.12
C GLY F 244 10.35 4.06 -22.23
N GLY F 245 9.54 4.51 -21.27
CA GLY F 245 9.98 5.57 -20.38
C GLY F 245 9.20 6.86 -20.58
N PHE F 246 8.23 6.84 -21.48
CA PHE F 246 7.42 8.02 -21.74
C PHE F 246 6.14 7.94 -20.92
N VAL F 247 5.45 9.06 -20.74
CA VAL F 247 4.22 9.05 -19.98
C VAL F 247 3.02 9.32 -20.87
N THR F 248 1.99 8.50 -20.72
CA THR F 248 0.76 8.62 -21.48
C THR F 248 -0.40 8.57 -20.51
N GLU F 249 -1.46 9.32 -20.79
CA GLU F 249 -2.59 9.32 -19.87
C GLU F 249 -3.92 9.01 -20.55
N TYR F 250 -4.80 8.34 -19.81
CA TYR F 250 -6.14 8.06 -20.32
C TYR F 250 -6.97 9.18 -19.70
N THR F 251 -7.67 9.94 -20.53
CA THR F 251 -8.48 11.06 -20.08
C THR F 251 -9.91 10.98 -20.57
N SER F 252 -10.81 11.61 -19.84
CA SER F 252 -12.21 11.62 -20.21
C SER F 252 -12.93 12.85 -19.68
N GLU F 253 -14.05 13.18 -20.32
CA GLU F 253 -14.90 14.31 -19.94
C GLU F 253 -14.27 15.69 -20.00
N LEU F 254 -13.28 15.86 -20.87
CA LEU F 254 -12.64 17.16 -21.07
C LEU F 254 -13.72 18.06 -21.65
N GLU F 255 -14.07 19.15 -20.96
CA GLU F 255 -15.12 20.05 -21.43
C GLU F 255 -14.97 20.44 -22.91
N GLU F 256 -16.01 21.09 -23.45
CA GLU F 256 -16.04 21.59 -24.82
C GLU F 256 -16.16 23.09 -24.64
N VAL F 257 -15.83 23.86 -25.67
CA VAL F 257 -15.92 25.31 -25.57
C VAL F 257 -16.11 25.91 -26.97
N ASP F 258 -16.55 27.17 -27.04
CA ASP F 258 -16.75 27.83 -28.32
C ASP F 258 -15.40 28.38 -28.81
N PHE F 259 -14.70 27.60 -29.62
CA PHE F 259 -13.38 28.02 -30.09
C PHE F 259 -13.22 29.52 -30.30
N ASP F 260 -14.25 30.16 -30.84
CA ASP F 260 -14.18 31.59 -31.10
C ASP F 260 -14.39 32.53 -29.93
N THR F 261 -15.40 32.25 -29.13
CA THR F 261 -15.76 33.13 -28.03
C THR F 261 -15.29 32.76 -26.64
N HIS F 262 -15.15 31.46 -26.38
CA HIS F 262 -14.75 31.03 -25.05
C HIS F 262 -13.81 32.00 -24.32
N GLN F 263 -14.13 32.31 -23.07
CA GLN F 263 -13.30 33.20 -22.29
C GLN F 263 -12.49 32.44 -21.26
N TYR F 264 -11.17 32.64 -21.28
CA TYR F 264 -10.28 31.93 -20.37
C TYR F 264 -10.30 32.50 -18.96
N LYS F 265 -10.12 31.62 -17.98
CA LYS F 265 -10.07 32.03 -16.58
C LYS F 265 -8.63 31.82 -16.09
N VAL F 266 -8.35 32.31 -14.89
CA VAL F 266 -7.03 32.15 -14.29
C VAL F 266 -7.24 31.48 -12.96
N HIS F 267 -7.17 30.16 -12.92
CA HIS F 267 -7.37 29.45 -11.68
C HIS F 267 -6.22 29.71 -10.72
N VAL F 268 -6.59 29.90 -9.46
CA VAL F 268 -5.63 30.16 -8.40
C VAL F 268 -5.10 28.82 -7.98
N PRO F 269 -3.78 28.63 -8.05
CA PRO F 269 -3.30 27.31 -7.64
C PRO F 269 -3.82 26.94 -6.24
N ALA F 270 -3.99 25.65 -6.05
CA ALA F 270 -4.45 25.10 -4.78
C ALA F 270 -4.25 23.60 -4.90
N PRO F 271 -3.84 22.95 -3.80
CA PRO F 271 -3.59 21.49 -3.75
C PRO F 271 -4.64 20.72 -4.53
N MSE F 272 -5.88 21.00 -4.16
CA MSE F 272 -7.04 20.36 -4.74
C MSE F 272 -7.48 20.86 -6.07
O MSE F 272 -8.60 20.58 -6.49
CB MSE F 272 -8.16 20.46 -3.73
CG MSE F 272 -7.91 19.63 -2.51
SE MSE F 272 -8.92 17.98 -2.77
CE MSE F 272 -7.37 16.76 -3.10
N VAL F 273 -6.63 21.61 -6.75
CA VAL F 273 -7.00 22.13 -8.06
C VAL F 273 -6.44 21.18 -9.12
N MSE F 274 -5.26 20.63 -8.85
CA MSE F 274 -4.69 19.69 -9.79
C MSE F 274 -5.58 18.44 -9.84
O MSE F 274 -5.79 17.86 -10.91
CB MSE F 274 -3.25 19.32 -9.36
CG MSE F 274 -2.21 20.44 -9.53
SE MSE F 274 -2.06 20.92 -11.47
CE MSE F 274 -0.28 20.10 -11.86
N ASP F 275 -6.09 18.02 -8.68
CA ASP F 275 -6.97 16.84 -8.60
C ASP F 275 -8.14 17.03 -7.64
N GLN F 276 -9.34 17.16 -8.19
CA GLN F 276 -10.56 17.37 -7.40
C GLN F 276 -11.11 16.13 -6.69
N TRP F 277 -10.46 14.98 -6.87
CA TRP F 277 -10.91 13.75 -6.21
C TRP F 277 -9.97 13.46 -5.05
N GLY F 278 -8.68 13.53 -5.34
CA GLY F 278 -7.68 13.28 -4.32
C GLY F 278 -7.82 11.94 -3.63
N ILE F 279 -8.28 10.92 -4.33
CA ILE F 279 -8.42 9.60 -3.73
C ILE F 279 -7.50 8.57 -4.37
N GLY F 280 -7.04 8.83 -5.59
CA GLY F 280 -6.19 7.87 -6.26
C GLY F 280 -4.82 7.81 -5.63
N THR F 281 -3.99 6.91 -6.13
CA THR F 281 -2.63 6.76 -5.62
C THR F 281 -1.61 7.58 -6.41
N GLY F 282 -0.35 7.51 -5.98
CA GLY F 282 0.70 8.24 -6.67
C GLY F 282 0.43 9.73 -6.71
N GLY F 283 1.06 10.40 -7.67
CA GLY F 283 0.91 11.83 -7.83
C GLY F 283 1.95 12.25 -8.85
N PRO F 284 1.98 13.54 -9.25
CA PRO F 284 2.98 13.96 -10.23
C PRO F 284 4.41 13.62 -9.80
N GLN F 285 4.56 13.31 -8.53
CA GLN F 285 5.87 12.96 -7.99
C GLN F 285 6.35 11.60 -8.45
N THR F 286 5.44 10.70 -8.76
CA THR F 286 5.86 9.37 -9.20
C THR F 286 6.16 9.31 -10.70
N LEU F 287 6.00 10.42 -11.40
CA LEU F 287 6.29 10.45 -12.84
C LEU F 287 7.68 11.04 -13.07
N PRO F 288 8.28 10.77 -14.24
CA PRO F 288 9.62 11.27 -14.56
C PRO F 288 9.76 12.80 -14.47
N HIS F 289 10.93 13.26 -14.05
CA HIS F 289 11.19 14.70 -13.97
C HIS F 289 11.61 15.16 -15.38
N PRO F 290 11.09 16.31 -15.84
CA PRO F 290 11.42 16.84 -17.17
C PRO F 290 12.91 17.01 -17.49
N HIS F 291 13.33 16.49 -18.64
CA HIS F 291 14.72 16.58 -19.09
C HIS F 291 14.70 17.06 -20.52
N ALA F 292 15.55 18.03 -20.85
CA ALA F 292 15.59 18.55 -22.21
C ALA F 292 15.65 17.42 -23.23
N ASN F 293 14.80 17.52 -24.25
CA ASN F 293 14.77 16.52 -25.30
C ASN F 293 16.14 16.45 -25.95
N PRO F 294 16.69 15.23 -26.09
CA PRO F 294 18.01 15.13 -26.72
C PRO F 294 18.04 15.69 -28.15
N GLY F 295 19.12 16.39 -28.47
CA GLY F 295 19.28 16.95 -29.79
C GLY F 295 18.36 18.10 -30.17
N LEU F 296 18.32 19.14 -29.36
CA LEU F 296 17.49 20.28 -29.69
C LEU F 296 17.96 20.85 -31.02
N PHE F 297 17.03 21.30 -31.86
CA PHE F 297 17.35 21.87 -33.17
C PHE F 297 18.06 20.89 -34.11
N GLN F 298 17.86 19.60 -33.86
CA GLN F 298 18.45 18.54 -34.69
C GLN F 298 17.34 17.56 -35.08
N THR F 299 17.46 16.96 -36.26
CA THR F 299 16.46 15.98 -36.70
C THR F 299 16.83 14.59 -36.22
N ALA F 300 15.98 13.62 -36.51
CA ALA F 300 16.25 12.25 -36.11
C ALA F 300 17.46 11.72 -36.89
N GLU F 301 17.65 12.24 -38.09
CA GLU F 301 18.76 11.81 -38.95
C GLU F 301 20.13 12.08 -38.33
N ALA F 302 20.38 13.34 -37.98
CA ALA F 302 21.65 13.75 -37.39
C ALA F 302 22.21 12.66 -36.46
N GLU F 303 21.39 12.26 -35.48
CA GLU F 303 21.74 11.21 -34.50
C GLU F 303 22.36 10.02 -35.25
MN MN G . 5.65 -13.78 20.09
MN MN H . -7.95 -22.37 -8.61
MN MN I . 25.03 -1.82 2.77
MN MN J . 5.09 23.68 6.57
MN MN K . -24.95 -1.10 -1.86
MN MN L . -3.03 15.56 -19.36
#